data_7VHV
#
_entry.id   7VHV
#
_cell.length_a   89.468
_cell.length_b   88.510
_cell.length_c   130.850
_cell.angle_alpha   90.000
_cell.angle_beta   91.670
_cell.angle_gamma   90.000
#
_symmetry.space_group_name_H-M   'P 1 21 1'
#
loop_
_entity.id
_entity.type
_entity.pdbx_description
1 polymer 'D-alanine--D-alanyl carrier protein ligase'
2 non-polymer 'MAGNESIUM ION'
3 non-polymer "ADENOSINE-5'-TRIPHOSPHATE"
4 water water
#
_entity_poly.entity_id   1
_entity_poly.type   'polypeptide(L)'
_entity_poly.pdbx_seq_one_letter_code
;MTDIINKLQAFADANPQSIAVRHTTDELTYQQLMDESSKLAHRLQGSKKPMILFGHMSPYMIVGMIGAIKAGCGYVPVDT
SIPEDRIKMIINKVQPEFVFNTTDESFESLEGEVFTIEDIKTSQDPVIFDSQIKDNDTVYTIFTSGSTGEPKGVQIEYAS
LVQFTEWMLELNKSGNKQQWLNQAPFSFDLSVMAIYPCLASGGTLNLVDKNMINKPKLLNEMLTATPINIWVSTPSFMEM
CLLLPTLNEEQYGSLNEFFFCGEILPHRAAKALVSRFPSATIYNTYGPTEATVAVTSIQITQEILDQYPTLPVGVERLGA
RLSTTDDGELVIEGQSVSLGYLKNDQKTAEVFNFDDGIRTYHTGDKAKFENGQWFIQGRIDFQIKLNGYRMELEEIETQL
RQSEFVKEAIVVPVYKNDKVIHLIGAIVPTTEVTDNAEMTKNIKNDLKSRLPEYMIPRKFEWMEQLPLTSNGKIDRKKIA
EVING
;
_entity_poly.pdbx_strand_id   D,C,A,B
#
loop_
_chem_comp.id
_chem_comp.type
_chem_comp.name
_chem_comp.formula
ATP non-polymer ADENOSINE-5'-TRIPHOSPHATE 'C10 H16 N5 O13 P3'
MG non-polymer 'MAGNESIUM ION' 'Mg 2'
#
# COMPACT_ATOMS: atom_id res chain seq x y z
N THR A 2 52.98 -10.00 19.43
CA THR A 2 51.94 -9.10 19.96
C THR A 2 50.57 -9.79 20.04
N ASP A 3 50.57 -11.10 20.25
CA ASP A 3 49.31 -11.81 20.20
C ASP A 3 48.54 -11.49 21.48
N ILE A 4 47.23 -11.39 21.34
CA ILE A 4 46.39 -10.80 22.37
C ILE A 4 46.34 -11.69 23.61
N ILE A 5 46.12 -12.98 23.40
CA ILE A 5 46.09 -13.92 24.53
C ILE A 5 47.44 -13.94 25.25
N ASN A 6 48.54 -13.81 24.51
CA ASN A 6 49.87 -13.81 25.13
C ASN A 6 50.07 -12.59 26.02
N LYS A 7 49.77 -11.38 25.49
CA LYS A 7 49.96 -10.18 26.29
C LYS A 7 49.05 -10.20 27.52
N LEU A 8 47.83 -10.64 27.34
CA LEU A 8 46.93 -10.57 28.48
C LEU A 8 47.31 -11.64 29.50
N GLN A 9 47.82 -12.80 29.08
CA GLN A 9 48.33 -13.79 30.02
C GLN A 9 49.56 -13.26 30.75
N ALA A 10 50.43 -12.52 30.05
CA ALA A 10 51.61 -11.94 30.69
C ALA A 10 51.22 -10.96 31.79
N PHE A 11 50.27 -10.06 31.51
CA PHE A 11 49.83 -9.15 32.57
C PHE A 11 49.19 -9.94 33.71
N ALA A 12 48.46 -11.01 33.38
CA ALA A 12 47.82 -11.80 34.44
C ALA A 12 48.83 -12.53 35.31
N ASP A 13 49.94 -12.97 34.73
CA ASP A 13 50.95 -13.66 35.53
C ASP A 13 51.73 -12.67 36.40
N ALA A 14 51.98 -11.45 35.89
CA ALA A 14 52.71 -10.48 36.68
C ALA A 14 51.85 -9.89 37.81
N ASN A 15 50.55 -9.69 37.56
CA ASN A 15 49.66 -9.03 38.52
C ASN A 15 48.35 -9.80 38.61
N PRO A 16 48.40 -11.04 39.12
CA PRO A 16 47.18 -11.87 39.11
C PRO A 16 45.99 -11.25 39.82
N GLN A 17 46.22 -10.49 40.87
CA GLN A 17 45.10 -9.92 41.62
C GLN A 17 44.81 -8.48 41.21
N SER A 18 45.39 -8.00 40.11
CA SER A 18 44.87 -6.78 39.50
C SER A 18 43.47 -7.02 38.94
N ILE A 19 42.59 -6.03 39.08
CA ILE A 19 41.23 -6.14 38.57
C ILE A 19 41.26 -5.91 37.07
N ALA A 20 40.79 -6.89 36.31
CA ALA A 20 40.67 -6.78 34.86
C ALA A 20 39.34 -6.16 34.44
N VAL A 21 38.24 -6.48 35.10
CA VAL A 21 36.94 -5.95 34.70
C VAL A 21 36.15 -5.57 35.96
N ARG A 22 35.52 -4.41 35.90
CA ARG A 22 34.71 -3.93 37.00
C ARG A 22 33.37 -3.42 36.46
N HIS A 23 32.29 -3.91 37.05
CA HIS A 23 30.94 -3.42 36.80
C HIS A 23 30.30 -3.25 38.16
N THR A 24 30.14 -2.00 38.57
CA THR A 24 29.77 -1.63 39.94
C THR A 24 30.65 -2.46 40.86
N THR A 25 30.02 -3.15 41.80
CA THR A 25 30.74 -3.95 42.77
C THR A 25 31.29 -5.26 42.26
N ASP A 26 30.77 -5.75 41.14
CA ASP A 26 31.19 -7.02 40.61
C ASP A 26 32.58 -6.86 39.99
N GLU A 27 33.54 -7.64 40.48
CA GLU A 27 34.91 -7.53 40.01
C GLU A 27 35.45 -8.88 39.59
N LEU A 28 36.35 -8.83 38.63
CA LEU A 28 36.99 -10.02 38.11
C LEU A 28 38.46 -9.67 37.93
N THR A 29 39.34 -10.42 38.57
CA THR A 29 40.79 -10.22 38.45
C THR A 29 41.32 -10.80 37.15
N TYR A 30 42.56 -10.41 36.84
CA TYR A 30 43.25 -11.00 35.70
C TYR A 30 43.38 -12.52 35.88
N GLN A 31 43.67 -12.95 37.12
CA GLN A 31 43.73 -14.37 37.40
C GLN A 31 42.39 -15.04 37.09
N GLN A 32 41.30 -14.49 37.62
CA GLN A 32 40.00 -15.11 37.37
C GLN A 32 39.62 -15.07 35.90
N LEU A 33 39.87 -13.96 35.22
CA LEU A 33 39.53 -13.90 33.80
C LEU A 33 40.23 -15.03 33.04
N MET A 34 41.53 -15.24 33.32
CA MET A 34 42.27 -16.29 32.62
C MET A 34 41.82 -17.68 32.98
N ASP A 35 41.66 -17.93 34.28
CA ASP A 35 41.29 -19.25 34.75
C ASP A 35 39.94 -19.64 34.19
N GLU A 36 38.95 -18.76 34.36
CA GLU A 36 37.60 -19.02 33.88
C GLU A 36 37.57 -19.15 32.38
N SER A 37 38.31 -18.31 31.67
CA SER A 37 38.27 -18.38 30.22
C SER A 37 38.86 -19.68 29.71
N SER A 38 39.87 -20.22 30.38
CA SER A 38 40.34 -21.56 30.04
C SER A 38 39.28 -22.63 30.33
N LYS A 39 38.61 -22.56 31.49
CA LYS A 39 37.59 -23.57 31.77
C LYS A 39 36.50 -23.57 30.70
N LEU A 40 36.04 -22.37 30.29
CA LEU A 40 35.06 -22.29 29.21
C LEU A 40 35.62 -22.82 27.90
N ALA A 41 36.88 -22.48 27.57
CA ALA A 41 37.44 -23.01 26.34
C ALA A 41 37.41 -24.52 26.35
N HIS A 42 37.69 -25.14 27.51
CA HIS A 42 37.64 -26.59 27.63
C HIS A 42 36.24 -27.10 27.36
N ARG A 43 35.24 -26.50 28.02
CA ARG A 43 33.87 -26.89 27.73
C ARG A 43 33.49 -26.65 26.28
N LEU A 44 34.25 -25.85 25.54
CA LEU A 44 33.93 -25.63 24.14
C LEU A 44 34.77 -26.44 23.16
N GLN A 45 35.74 -27.24 23.62
CA GLN A 45 36.85 -27.62 22.76
C GLN A 45 36.40 -28.38 21.51
N GLY A 46 36.96 -28.01 20.37
CA GLY A 46 36.71 -28.66 19.10
C GLY A 46 35.62 -28.04 18.26
N SER A 47 34.62 -27.42 18.90
CA SER A 47 33.46 -26.93 18.17
C SER A 47 33.84 -25.91 17.10
N LYS A 48 33.07 -25.93 16.00
CA LYS A 48 33.29 -25.08 14.85
C LYS A 48 32.50 -23.76 14.94
N LYS A 49 31.20 -23.86 15.08
CA LYS A 49 30.28 -22.73 15.24
C LYS A 49 30.74 -21.70 16.27
N PRO A 50 30.58 -20.41 15.97
CA PRO A 50 30.91 -19.38 16.96
C PRO A 50 30.01 -19.49 18.18
N MET A 51 30.54 -19.08 19.32
CA MET A 51 29.80 -19.18 20.57
C MET A 51 28.90 -17.96 20.73
N ILE A 52 27.62 -18.17 20.99
CA ILE A 52 26.79 -17.03 21.29
C ILE A 52 27.15 -16.51 22.68
N LEU A 53 27.39 -15.19 22.80
CA LEU A 53 27.71 -14.54 24.07
C LEU A 53 26.57 -13.59 24.43
N PHE A 54 25.77 -13.97 25.43
CA PHE A 54 24.54 -13.25 25.77
C PHE A 54 24.59 -12.64 27.17
N GLY A 55 24.15 -11.40 27.28
CA GLY A 55 24.07 -10.71 28.56
C GLY A 55 24.18 -9.22 28.35
N HIS A 56 24.46 -8.52 29.45
CA HIS A 56 24.66 -7.08 29.36
C HIS A 56 26.07 -6.68 29.81
N MET A 57 26.29 -6.44 31.11
CA MET A 57 27.56 -5.90 31.57
C MET A 57 28.15 -6.73 32.71
N SER A 58 27.79 -8.01 32.80
CA SER A 58 28.47 -8.89 33.72
C SER A 58 29.90 -9.06 33.23
N PRO A 59 30.88 -9.04 34.13
CA PRO A 59 32.27 -9.26 33.68
C PRO A 59 32.46 -10.58 32.96
N TYR A 60 31.54 -11.54 33.13
CA TYR A 60 31.71 -12.83 32.45
C TYR A 60 31.50 -12.73 30.95
N MET A 61 30.88 -11.66 30.44
CA MET A 61 30.94 -11.42 29.02
C MET A 61 32.39 -11.39 28.55
N ILE A 62 33.25 -10.69 29.29
CA ILE A 62 34.66 -10.69 28.91
C ILE A 62 35.21 -12.09 28.96
N VAL A 63 34.85 -12.85 30.00
CA VAL A 63 35.30 -14.24 30.06
C VAL A 63 34.92 -14.96 28.77
N GLY A 64 33.68 -14.76 28.35
CA GLY A 64 33.21 -15.44 27.17
C GLY A 64 34.10 -15.15 25.98
N MET A 65 34.43 -13.86 25.80
CA MET A 65 35.23 -13.49 24.65
C MET A 65 36.58 -14.20 24.69
N ILE A 66 37.27 -14.11 25.82
CA ILE A 66 38.62 -14.67 25.85
C ILE A 66 38.55 -16.17 25.67
N GLY A 67 37.51 -16.79 26.26
CA GLY A 67 37.35 -18.23 26.12
C GLY A 67 37.13 -18.61 24.67
N ALA A 68 36.23 -17.88 24.01
CA ALA A 68 35.92 -18.18 22.63
C ALA A 68 37.13 -17.94 21.73
N ILE A 69 38.02 -17.02 22.11
CA ILE A 69 39.24 -16.85 21.34
C ILE A 69 40.12 -18.08 21.51
N LYS A 70 40.37 -18.47 22.76
CA LYS A 70 41.31 -19.57 23.00
C LYS A 70 40.81 -20.86 22.36
N ALA A 71 39.49 -21.07 22.36
CA ALA A 71 38.93 -22.24 21.73
C ALA A 71 38.96 -22.15 20.21
N GLY A 72 39.13 -20.95 19.65
CA GLY A 72 39.18 -20.75 18.22
C GLY A 72 37.84 -20.67 17.50
N CYS A 73 36.72 -20.86 18.20
CA CYS A 73 35.42 -20.80 17.53
C CYS A 73 34.88 -19.38 17.34
N GLY A 74 35.37 -18.41 18.12
CA GLY A 74 34.84 -17.07 18.03
C GLY A 74 33.54 -16.96 18.80
N TYR A 75 32.98 -15.76 18.80
CA TYR A 75 31.77 -15.51 19.54
C TYR A 75 30.92 -14.51 18.76
N VAL A 76 29.68 -14.39 19.20
CA VAL A 76 28.70 -13.44 18.66
C VAL A 76 28.20 -12.66 19.85
N PRO A 77 28.55 -11.39 19.99
CA PRO A 77 28.08 -10.62 21.15
C PRO A 77 26.61 -10.25 20.97
N VAL A 78 25.80 -10.62 21.96
CA VAL A 78 24.38 -10.29 21.96
C VAL A 78 24.00 -9.61 23.28
N ASP A 79 23.65 -8.34 23.19
CA ASP A 79 23.27 -7.53 24.34
C ASP A 79 21.77 -7.68 24.63
N THR A 80 21.41 -7.54 25.90
CA THR A 80 20.01 -7.63 26.30
C THR A 80 19.14 -6.51 25.74
N SER A 81 19.72 -5.43 25.22
CA SER A 81 18.86 -4.42 24.62
C SER A 81 18.36 -4.83 23.23
N ILE A 82 18.84 -5.93 22.69
CA ILE A 82 18.36 -6.41 21.39
C ILE A 82 17.01 -7.08 21.60
N PRO A 83 15.99 -6.75 20.81
CA PRO A 83 14.68 -7.41 20.99
C PRO A 83 14.77 -8.92 20.84
N GLU A 84 13.82 -9.61 21.47
CA GLU A 84 13.90 -11.06 21.59
C GLU A 84 13.82 -11.75 20.24
N ASP A 85 12.92 -11.29 19.36
CA ASP A 85 12.78 -11.97 18.09
C ASP A 85 14.00 -11.77 17.22
N ARG A 86 14.60 -10.58 17.25
CA ARG A 86 15.83 -10.40 16.46
C ARG A 86 16.99 -11.19 17.06
N ILE A 87 17.03 -11.34 18.39
CA ILE A 87 17.97 -12.28 18.99
C ILE A 87 17.76 -13.67 18.39
N LYS A 88 16.52 -14.15 18.40
CA LYS A 88 16.28 -15.50 17.89
C LYS A 88 16.56 -15.62 16.40
N MET A 89 16.45 -14.51 15.68
CA MET A 89 16.85 -14.51 14.27
C MET A 89 18.36 -14.67 14.12
N ILE A 90 19.15 -13.97 14.95
CA ILE A 90 20.60 -14.13 14.94
C ILE A 90 20.96 -15.57 15.24
N ILE A 91 20.45 -16.10 16.35
CA ILE A 91 20.75 -17.49 16.67
C ILE A 91 20.34 -18.43 15.54
N ASN A 92 19.22 -18.15 14.84
CA ASN A 92 18.90 -19.01 13.70
C ASN A 92 19.99 -18.95 12.65
N LYS A 93 20.47 -17.73 12.31
CA LYS A 93 21.51 -17.64 11.30
C LYS A 93 22.81 -18.30 11.75
N VAL A 94 23.21 -18.09 13.01
CA VAL A 94 24.50 -18.60 13.47
C VAL A 94 24.50 -20.13 13.51
N GLN A 95 23.36 -20.74 13.88
CA GLN A 95 23.30 -22.18 14.15
C GLN A 95 24.39 -22.51 15.17
N PRO A 96 24.33 -21.94 16.37
CA PRO A 96 25.41 -22.21 17.34
C PRO A 96 25.30 -23.60 17.93
N GLU A 97 26.45 -24.12 18.38
CA GLU A 97 26.45 -25.28 19.27
C GLU A 97 26.36 -24.90 20.72
N PHE A 98 26.86 -23.72 21.09
CA PHE A 98 26.85 -23.27 22.47
C PHE A 98 26.42 -21.82 22.54
N VAL A 99 25.62 -21.53 23.57
CA VAL A 99 25.17 -20.19 23.85
C VAL A 99 25.40 -19.94 25.34
N PHE A 100 26.19 -18.92 25.65
CA PHE A 100 26.58 -18.56 27.03
C PHE A 100 25.63 -17.50 27.56
N ASN A 101 24.84 -17.90 28.55
CA ASN A 101 23.93 -17.00 29.28
C ASN A 101 24.67 -16.42 30.48
N THR A 102 25.11 -15.16 30.40
CA THR A 102 25.78 -14.52 31.53
C THR A 102 24.84 -13.68 32.40
N THR A 103 23.51 -13.76 32.19
CA THR A 103 22.54 -13.05 33.01
C THR A 103 21.97 -13.97 34.09
N ASP A 104 21.09 -13.38 34.93
CA ASP A 104 20.42 -14.11 36.00
C ASP A 104 19.12 -14.76 35.56
N GLU A 105 18.43 -14.20 34.58
CA GLU A 105 17.19 -14.81 34.17
C GLU A 105 17.55 -16.01 33.30
N SER A 106 16.66 -16.98 33.26
CA SER A 106 16.86 -18.16 32.45
C SER A 106 16.86 -17.79 30.97
N PHE A 107 17.61 -18.53 30.16
CA PHE A 107 17.57 -18.27 28.72
C PHE A 107 17.30 -19.54 27.93
N GLU A 108 16.37 -19.45 26.96
CA GLU A 108 15.95 -20.56 26.12
C GLU A 108 16.42 -20.34 24.70
N SER A 109 16.93 -21.39 24.06
CA SER A 109 17.42 -21.25 22.68
C SER A 109 17.02 -22.46 21.85
N LEU A 110 16.44 -22.20 20.67
CA LEU A 110 16.10 -23.27 19.73
C LEU A 110 17.32 -24.10 19.33
N GLU A 111 18.49 -23.48 19.28
CA GLU A 111 19.71 -24.11 18.82
C GLU A 111 20.80 -24.06 19.87
N GLY A 112 21.58 -25.14 19.96
CA GLY A 112 22.77 -25.17 20.79
C GLY A 112 22.44 -25.45 22.24
N GLU A 113 23.48 -25.61 23.05
CA GLU A 113 23.33 -25.91 24.47
C GLU A 113 23.62 -24.65 25.29
N VAL A 114 22.60 -24.22 26.04
CA VAL A 114 22.67 -23.03 26.88
C VAL A 114 23.30 -23.41 28.22
N PHE A 115 24.37 -22.73 28.60
CA PHE A 115 24.97 -22.88 29.92
C PHE A 115 25.10 -21.51 30.57
N THR A 116 25.34 -21.50 31.88
CA THR A 116 25.38 -20.24 32.64
C THR A 116 26.76 -19.98 33.26
N ILE A 117 26.82 -18.88 34.00
CA ILE A 117 28.02 -18.60 34.79
C ILE A 117 28.24 -19.72 35.79
N GLU A 118 27.15 -20.20 36.40
CA GLU A 118 27.26 -21.27 37.38
C GLU A 118 27.88 -22.51 36.77
N ASP A 119 27.58 -22.79 35.49
CA ASP A 119 28.22 -23.93 34.84
C ASP A 119 29.74 -23.77 34.70
N ILE A 120 30.27 -22.55 34.72
CA ILE A 120 31.71 -22.35 34.60
C ILE A 120 32.38 -22.22 35.94
N LYS A 121 31.74 -21.53 36.89
CA LYS A 121 32.31 -21.40 38.22
C LYS A 121 32.55 -22.78 38.85
N THR A 122 31.66 -23.74 38.58
CA THR A 122 31.81 -25.10 39.11
C THR A 122 32.54 -26.07 38.18
N SER A 123 32.90 -25.64 36.96
CA SER A 123 33.66 -26.53 36.08
C SER A 123 34.97 -26.93 36.74
N GLN A 124 35.35 -28.19 36.56
CA GLN A 124 36.61 -28.73 37.08
C GLN A 124 37.67 -28.88 36.01
N ASP A 125 37.41 -28.40 34.80
CA ASP A 125 38.40 -28.54 33.73
C ASP A 125 39.64 -27.71 34.05
N PRO A 126 40.78 -28.01 33.40
CA PRO A 126 42.02 -27.30 33.73
C PRO A 126 41.88 -25.79 33.51
N VAL A 127 42.66 -25.02 34.25
CA VAL A 127 42.68 -23.59 34.03
C VAL A 127 43.74 -23.22 33.02
N ILE A 128 44.47 -24.22 32.49
CA ILE A 128 45.46 -24.04 31.43
C ILE A 128 44.81 -24.52 30.13
N PHE A 129 44.76 -23.65 29.12
CA PHE A 129 44.24 -24.03 27.80
C PHE A 129 45.01 -23.28 26.72
N ASP A 130 45.69 -24.01 25.86
CA ASP A 130 46.51 -23.41 24.81
C ASP A 130 45.61 -22.88 23.70
N SER A 131 45.70 -21.57 23.46
CA SER A 131 44.84 -20.90 22.51
C SER A 131 44.93 -21.56 21.14
N GLN A 132 43.78 -21.75 20.51
CA GLN A 132 43.70 -22.38 19.21
C GLN A 132 43.34 -21.43 18.09
N ILE A 133 43.22 -20.14 18.39
CA ILE A 133 42.89 -19.16 17.36
C ILE A 133 44.04 -19.05 16.34
N LYS A 134 43.68 -18.76 15.10
CA LYS A 134 44.66 -18.48 14.04
C LYS A 134 44.31 -17.17 13.35
N ASP A 135 45.29 -16.66 12.61
CA ASP A 135 45.18 -15.32 12.03
C ASP A 135 43.92 -15.18 11.16
N ASN A 136 43.59 -16.20 10.38
CA ASN A 136 42.45 -16.11 9.48
C ASN A 136 41.15 -16.61 10.08
N ASP A 137 41.13 -17.01 11.35
CA ASP A 137 39.86 -17.35 11.99
C ASP A 137 38.98 -16.10 12.24
N THR A 138 37.66 -16.34 12.25
CA THR A 138 36.69 -15.31 12.63
C THR A 138 36.61 -15.21 14.13
N VAL A 139 37.10 -14.11 14.69
CA VAL A 139 37.08 -13.98 16.14
C VAL A 139 35.69 -13.55 16.63
N TYR A 140 35.02 -12.64 15.93
CA TYR A 140 33.70 -12.30 16.40
C TYR A 140 32.82 -11.97 15.20
N THR A 141 31.50 -12.06 15.44
CA THR A 141 30.49 -11.65 14.47
C THR A 141 29.58 -10.65 15.15
N ILE A 142 29.60 -9.40 14.69
CA ILE A 142 28.81 -8.31 15.26
C ILE A 142 27.87 -7.76 14.19
N PHE A 143 26.70 -7.29 14.62
CA PHE A 143 25.74 -6.65 13.73
C PHE A 143 25.83 -5.11 13.84
N THR A 144 25.51 -4.41 12.73
CA THR A 144 25.65 -2.94 12.68
C THR A 144 24.55 -2.20 13.45
N SER A 145 24.84 -0.93 13.79
CA SER A 145 24.09 -0.11 14.75
C SER A 145 22.80 0.55 14.24
N GLY A 146 22.85 1.29 13.13
CA GLY A 146 21.80 2.24 12.80
C GLY A 146 20.89 1.89 11.64
N SER A 147 20.80 2.81 10.68
CA SER A 147 19.78 2.73 9.63
C SER A 147 20.25 2.00 8.37
N LYS A 152 23.05 -6.49 9.66
CA LYS A 152 23.52 -7.77 9.14
C LYS A 152 24.71 -8.19 10.00
N GLY A 153 25.17 -9.43 9.89
CA GLY A 153 26.28 -9.85 10.72
C GLY A 153 27.65 -9.59 10.14
N VAL A 154 28.49 -8.78 10.79
CA VAL A 154 29.81 -8.46 10.23
C VAL A 154 30.84 -9.42 10.83
N GLN A 155 31.62 -10.06 9.95
CA GLN A 155 32.62 -11.04 10.38
C GLN A 155 34.01 -10.42 10.33
N ILE A 156 34.78 -10.66 11.39
CA ILE A 156 36.06 -10.02 11.58
C ILE A 156 37.13 -11.07 11.86
N GLU A 157 38.21 -11.02 11.08
CA GLU A 157 39.36 -11.91 11.27
C GLU A 157 40.08 -11.63 12.57
N TYR A 158 40.60 -12.67 13.22
CA TYR A 158 41.46 -12.45 14.37
C TYR A 158 42.59 -11.48 14.06
N ALA A 159 43.21 -11.64 12.88
CA ALA A 159 44.34 -10.78 12.52
C ALA A 159 43.90 -9.31 12.39
N SER A 160 42.69 -9.07 11.88
CA SER A 160 42.18 -7.70 11.88
C SER A 160 42.09 -7.16 13.30
N LEU A 161 41.65 -8.00 14.26
CA LEU A 161 41.50 -7.55 15.65
C LEU A 161 42.86 -7.25 16.27
N VAL A 162 43.82 -8.15 16.07
CA VAL A 162 45.19 -7.95 16.56
C VAL A 162 45.76 -6.64 16.01
N GLN A 163 45.64 -6.44 14.70
CA GLN A 163 46.17 -5.22 14.09
C GLN A 163 45.56 -3.99 14.74
N PHE A 164 44.22 -4.00 14.88
CA PHE A 164 43.50 -2.89 15.50
C PHE A 164 43.96 -2.63 16.92
N THR A 165 44.11 -3.69 17.71
CA THR A 165 44.52 -3.53 19.09
C THR A 165 45.89 -2.87 19.16
N GLU A 166 46.80 -3.29 18.29
CA GLU A 166 48.12 -2.67 18.31
C GLU A 166 48.02 -1.19 17.97
N TRP A 167 47.21 -0.86 16.97
CA TRP A 167 47.05 0.55 16.63
C TRP A 167 46.60 1.34 17.84
N MET A 168 45.57 0.83 18.54
CA MET A 168 45.04 1.51 19.72
C MET A 168 46.11 1.66 20.81
N LEU A 169 46.93 0.62 21.01
CA LEU A 169 47.99 0.67 22.02
C LEU A 169 49.09 1.65 21.65
N GLU A 170 49.29 1.89 20.35
CA GLU A 170 50.23 2.95 19.94
C GLU A 170 49.63 4.32 20.17
N LEU A 171 48.34 4.49 19.82
CA LEU A 171 47.63 5.75 20.05
C LEU A 171 47.55 6.10 21.54
N ASN A 172 47.51 5.11 22.41
CA ASN A 172 47.46 5.38 23.85
C ASN A 172 48.76 6.03 24.31
N LYS A 173 48.63 7.19 24.93
CA LYS A 173 49.72 7.96 25.49
C LYS A 173 49.68 7.97 27.00
N SER A 174 48.72 7.27 27.60
CA SER A 174 48.54 7.25 29.04
C SER A 174 49.11 5.99 29.69
N GLY A 175 49.69 5.09 28.91
CA GLY A 175 50.40 3.98 29.50
C GLY A 175 49.54 2.83 29.97
N ASN A 176 50.20 1.94 30.69
CA ASN A 176 49.59 0.70 31.13
C ASN A 176 48.96 0.82 32.51
N LYS A 177 48.11 -0.18 32.82
CA LYS A 177 47.44 -0.32 34.12
C LYS A 177 46.54 0.90 34.42
N GLN A 178 45.91 1.43 33.38
CA GLN A 178 44.99 2.53 33.56
C GLN A 178 43.56 2.05 33.79
N GLN A 179 42.76 2.91 34.40
CA GLN A 179 41.33 2.66 34.52
C GLN A 179 40.67 3.08 33.20
N TRP A 180 40.13 2.11 32.49
CA TRP A 180 39.42 2.36 31.25
C TRP A 180 37.92 2.45 31.49
N LEU A 181 37.25 3.30 30.71
CA LEU A 181 35.79 3.44 30.73
C LEU A 181 35.18 2.92 29.43
N ASN A 182 34.17 2.05 29.54
CA ASN A 182 33.41 1.58 28.38
C ASN A 182 31.94 1.89 28.54
N GLN A 183 31.34 2.39 27.46
CA GLN A 183 29.93 2.70 27.38
C GLN A 183 29.16 1.84 26.40
N ALA A 184 29.80 1.37 25.34
CA ALA A 184 29.12 0.64 24.28
C ALA A 184 28.60 -0.71 24.77
N PRO A 185 27.36 -1.08 24.47
CA PRO A 185 26.97 -2.46 24.71
C PRO A 185 27.89 -3.34 23.88
N PHE A 186 28.11 -4.57 24.33
CA PHE A 186 29.10 -5.44 23.69
C PHE A 186 28.72 -5.89 22.27
N SER A 187 27.45 -5.73 21.86
CA SER A 187 27.00 -5.96 20.49
C SER A 187 27.23 -4.75 19.58
N PHE A 188 27.87 -3.70 20.10
CA PHE A 188 28.32 -2.53 19.34
C PHE A 188 29.85 -2.62 19.29
N ASP A 189 30.43 -2.54 18.09
CA ASP A 189 31.86 -2.85 18.04
C ASP A 189 32.73 -1.75 18.65
N LEU A 190 32.14 -0.61 19.04
CA LEU A 190 32.92 0.38 19.79
C LEU A 190 33.45 -0.20 21.08
N SER A 191 32.73 -1.15 21.69
CA SER A 191 33.25 -1.80 22.89
C SER A 191 34.61 -2.43 22.62
N VAL A 192 34.82 -2.94 21.40
CA VAL A 192 36.10 -3.55 21.04
C VAL A 192 37.24 -2.55 21.28
N MET A 193 37.02 -1.28 20.95
CA MET A 193 37.99 -0.21 21.16
C MET A 193 38.37 -0.03 22.64
N ALA A 194 37.52 -0.42 23.59
CA ALA A 194 37.88 -0.45 25.00
C ALA A 194 38.35 -1.82 25.49
N ILE A 195 37.68 -2.91 25.12
CA ILE A 195 37.98 -4.24 25.66
C ILE A 195 39.44 -4.64 25.44
N TYR A 196 39.88 -4.69 24.20
CA TYR A 196 41.16 -5.32 23.94
C TYR A 196 42.35 -4.40 24.20
N PRO A 197 42.29 -3.12 23.84
CA PRO A 197 43.36 -2.21 24.29
C PRO A 197 43.51 -2.13 25.80
N CYS A 198 42.43 -2.25 26.56
CA CYS A 198 42.54 -2.23 28.01
C CYS A 198 43.22 -3.48 28.52
N LEU A 199 42.67 -4.63 28.15
CA LEU A 199 43.22 -5.92 28.57
C LEU A 199 44.65 -6.17 28.08
N ALA A 200 44.98 -5.73 26.87
CA ALA A 200 46.34 -5.90 26.36
C ALA A 200 47.33 -4.90 26.95
N SER A 201 46.89 -4.00 27.85
CA SER A 201 47.79 -3.06 28.48
C SER A 201 47.76 -3.12 29.99
N GLY A 202 47.16 -4.17 30.56
CA GLY A 202 47.06 -4.31 32.00
C GLY A 202 46.01 -3.45 32.66
N GLY A 203 45.10 -2.80 31.88
CA GLY A 203 44.10 -1.92 32.46
C GLY A 203 42.93 -2.64 33.14
N THR A 204 42.10 -1.86 33.83
CA THR A 204 40.85 -2.32 34.40
C THR A 204 39.75 -1.79 33.51
N LEU A 205 38.96 -2.69 32.94
CA LEU A 205 37.83 -2.32 32.10
C LEU A 205 36.65 -2.02 33.03
N ASN A 206 36.24 -0.75 33.09
CA ASN A 206 35.09 -0.34 33.90
C ASN A 206 33.86 -0.20 33.02
N LEU A 207 32.76 -0.81 33.43
CA LEU A 207 31.59 -0.96 32.57
C LEU A 207 30.49 0.04 32.96
N VAL A 208 30.17 0.93 32.04
CA VAL A 208 28.92 1.69 32.11
C VAL A 208 27.78 0.83 31.57
N ASP A 209 26.78 0.56 32.39
CA ASP A 209 25.63 -0.23 31.93
C ASP A 209 24.50 0.70 31.47
N LYS A 210 23.48 0.10 30.83
CA LYS A 210 22.39 0.88 30.25
C LYS A 210 21.74 1.76 31.29
N ASN A 211 21.55 1.20 32.48
CA ASN A 211 20.91 1.90 33.58
C ASN A 211 21.65 3.17 33.93
N MET A 212 22.99 3.10 33.94
CA MET A 212 23.81 4.28 34.19
C MET A 212 23.59 5.34 33.12
N ILE A 213 23.46 4.91 31.86
CA ILE A 213 23.20 5.85 30.77
C ILE A 213 21.88 6.56 30.97
N ASN A 214 20.86 5.82 31.43
CA ASN A 214 19.55 6.41 31.58
C ASN A 214 19.42 7.23 32.85
N LYS A 215 20.24 6.96 33.86
CA LYS A 215 20.16 7.66 35.15
C LYS A 215 21.49 8.31 35.45
N PRO A 216 21.65 9.59 35.12
CA PRO A 216 22.96 10.24 35.28
C PRO A 216 23.50 10.27 36.70
N LYS A 217 22.65 10.24 37.73
CA LYS A 217 23.18 10.15 39.09
C LYS A 217 23.92 8.84 39.30
N LEU A 218 23.42 7.74 38.75
CA LEU A 218 24.13 6.47 38.89
C LEU A 218 25.49 6.50 38.17
N LEU A 219 25.55 7.20 37.03
CA LEU A 219 26.84 7.35 36.38
C LEU A 219 27.78 8.14 37.27
N ASN A 220 27.30 9.28 37.78
CA ASN A 220 28.14 10.11 38.61
C ASN A 220 28.65 9.31 39.80
N GLU A 221 27.80 8.46 40.37
CA GLU A 221 28.26 7.64 41.48
C GLU A 221 29.40 6.72 41.04
N MET A 222 29.25 6.09 39.88
CA MET A 222 30.30 5.21 39.37
C MET A 222 31.60 5.95 39.11
N LEU A 223 31.54 7.14 38.50
CA LEU A 223 32.75 7.91 38.24
C LEU A 223 33.42 8.35 39.53
N THR A 224 32.65 8.64 40.57
CA THR A 224 33.29 9.02 41.82
C THR A 224 33.92 7.80 42.49
N ALA A 225 33.34 6.61 42.30
CA ALA A 225 33.86 5.41 42.95
C ALA A 225 35.17 4.95 42.34
N THR A 226 35.37 5.20 41.04
CA THR A 226 36.60 4.84 40.34
C THR A 226 37.10 6.04 39.56
N PRO A 227 38.30 6.50 39.82
CA PRO A 227 38.87 7.56 38.98
C PRO A 227 39.34 7.02 37.64
N ILE A 228 38.52 7.21 36.62
CA ILE A 228 38.80 6.73 35.27
C ILE A 228 39.93 7.54 34.64
N ASN A 229 40.80 6.87 33.88
CA ASN A 229 41.85 7.54 33.12
C ASN A 229 41.55 7.71 31.64
N ILE A 230 41.01 6.67 30.97
CA ILE A 230 40.83 6.66 29.52
C ILE A 230 39.38 6.36 29.20
N TRP A 231 38.82 7.12 28.28
CA TRP A 231 37.38 7.15 28.08
C TRP A 231 37.10 6.82 26.63
N VAL A 232 36.36 5.72 26.40
CA VAL A 232 35.93 5.32 25.05
C VAL A 232 34.40 5.40 24.97
N SER A 233 33.89 6.20 24.04
CA SER A 233 32.44 6.38 23.95
C SER A 233 32.07 7.05 22.64
N THR A 234 30.76 7.01 22.33
CA THR A 234 30.26 7.82 21.24
C THR A 234 30.30 9.31 21.59
N PRO A 235 30.35 10.17 20.58
CA PRO A 235 30.17 11.60 20.85
C PRO A 235 28.92 11.93 21.65
N SER A 236 27.77 11.27 21.39
CA SER A 236 26.55 11.66 22.09
C SER A 236 26.61 11.35 23.58
N PHE A 237 27.18 10.20 23.96
CA PHE A 237 27.36 9.91 25.38
C PHE A 237 28.21 10.99 26.04
N MET A 238 29.29 11.39 25.38
CA MET A 238 30.12 12.48 25.90
C MET A 238 29.33 13.76 26.02
N GLU A 239 28.48 14.05 25.04
CA GLU A 239 27.59 15.22 25.12
C GLU A 239 26.72 15.17 26.37
N MET A 240 26.20 13.99 26.72
CA MET A 240 25.43 13.84 27.95
C MET A 240 26.29 14.13 29.17
N CYS A 241 27.49 13.56 29.20
CA CYS A 241 28.31 13.67 30.40
C CYS A 241 28.91 15.05 30.60
N LEU A 242 29.01 15.87 29.55
CA LEU A 242 29.41 17.25 29.78
C LEU A 242 28.37 18.03 30.58
N LEU A 243 27.19 17.44 30.81
CA LEU A 243 26.20 18.04 31.71
C LEU A 243 26.44 17.78 33.19
N LEU A 244 27.44 16.96 33.57
CA LEU A 244 27.87 16.83 34.95
C LEU A 244 28.96 17.87 35.22
N PRO A 245 28.70 18.92 36.01
CA PRO A 245 29.65 20.03 36.08
C PRO A 245 30.97 19.64 36.72
N THR A 246 30.96 18.59 37.52
CA THR A 246 32.11 18.07 38.25
C THR A 246 33.13 17.42 37.32
N LEU A 247 32.77 17.21 36.07
CA LEU A 247 33.58 16.41 35.16
C LEU A 247 34.55 17.34 34.43
N ASN A 248 35.67 17.67 35.09
CA ASN A 248 36.70 18.55 34.54
C ASN A 248 38.06 18.14 35.09
N GLU A 249 39.11 18.75 34.53
CA GLU A 249 40.45 18.35 34.93
C GLU A 249 40.73 18.70 36.40
N GLU A 250 40.27 19.86 36.89
CA GLU A 250 40.58 20.22 38.26
C GLU A 250 39.90 19.32 39.28
N GLN A 251 38.61 19.00 39.07
CA GLN A 251 37.88 18.20 40.03
C GLN A 251 37.95 16.70 39.75
N TYR A 252 38.47 16.27 38.59
CA TYR A 252 38.46 14.86 38.20
C TYR A 252 39.71 14.58 37.34
N GLY A 253 40.87 14.68 38.00
CA GLY A 253 42.17 14.70 37.35
C GLY A 253 42.70 13.38 36.84
N SER A 254 42.12 12.27 37.26
CA SER A 254 42.58 10.98 36.76
C SER A 254 42.40 10.89 35.25
N LEU A 255 41.43 11.63 34.71
CA LEU A 255 40.94 11.46 33.35
C LEU A 255 41.78 12.30 32.40
N ASN A 256 42.56 11.64 31.56
CA ASN A 256 43.51 12.33 30.71
C ASN A 256 43.57 11.82 29.29
N GLU A 257 42.63 10.96 28.86
CA GLU A 257 42.62 10.48 27.48
C GLU A 257 41.23 10.06 27.02
N PHE A 258 40.89 10.43 25.79
CA PHE A 258 39.58 10.11 25.23
C PHE A 258 39.68 9.55 23.82
N PHE A 259 38.81 8.59 23.54
CA PHE A 259 38.63 8.07 22.18
C PHE A 259 37.14 8.18 21.89
N PHE A 260 36.80 8.92 20.83
CA PHE A 260 35.42 9.02 20.39
C PHE A 260 35.30 8.48 18.97
N CYS A 261 34.24 7.74 18.73
CA CYS A 261 34.04 7.09 17.46
C CYS A 261 32.55 6.84 17.33
N GLY A 262 32.09 6.66 16.11
CA GLY A 262 30.71 6.25 15.87
C GLY A 262 29.78 7.26 15.25
N GLU A 263 29.94 8.55 15.59
CA GLU A 263 29.18 9.63 14.98
C GLU A 263 30.09 10.85 14.87
N ILE A 264 29.63 11.83 14.09
CA ILE A 264 30.30 13.11 13.99
C ILE A 264 30.60 13.62 15.38
N LEU A 265 31.86 14.02 15.63
CA LEU A 265 32.21 14.67 16.88
C LEU A 265 31.94 16.17 16.75
N PRO A 266 30.90 16.70 17.39
CA PRO A 266 30.55 18.11 17.20
C PRO A 266 31.68 19.04 17.66
N HIS A 267 31.93 20.07 16.86
CA HIS A 267 33.01 20.99 17.21
C HIS A 267 32.80 21.58 18.60
N ARG A 268 31.61 22.07 18.89
CA ARG A 268 31.40 22.78 20.15
C ARG A 268 31.55 21.84 21.36
N ALA A 269 31.10 20.60 21.24
CA ALA A 269 31.34 19.62 22.30
C ALA A 269 32.83 19.36 22.49
N ALA A 270 33.56 19.17 21.38
CA ALA A 270 35.01 18.98 21.43
C ALA A 270 35.72 20.16 22.10
N LYS A 271 35.28 21.38 21.78
CA LYS A 271 35.88 22.58 22.35
C LYS A 271 35.65 22.65 23.85
N ALA A 272 34.43 22.34 24.29
CA ALA A 272 34.19 22.27 25.73
C ALA A 272 35.09 21.22 26.37
N LEU A 273 35.30 20.09 25.72
CA LEU A 273 36.10 19.04 26.35
C LEU A 273 37.59 19.44 26.43
N VAL A 274 38.14 19.97 25.33
CA VAL A 274 39.50 20.50 25.36
C VAL A 274 39.61 21.57 26.43
N SER A 275 38.55 22.37 26.58
CA SER A 275 38.52 23.44 27.56
C SER A 275 38.51 22.89 28.99
N ARG A 276 37.71 21.86 29.26
CA ARG A 276 37.59 21.31 30.62
C ARG A 276 38.72 20.35 30.97
N PHE A 277 39.41 19.79 29.98
CA PHE A 277 40.58 18.93 30.20
C PHE A 277 41.68 19.39 29.25
N PRO A 278 42.35 20.51 29.57
CA PRO A 278 43.36 21.06 28.64
C PRO A 278 44.55 20.15 28.35
N SER A 279 44.83 19.16 29.19
CA SER A 279 45.97 18.30 28.97
C SER A 279 45.61 16.90 28.52
N ALA A 280 44.33 16.61 28.36
CA ALA A 280 43.90 15.27 28.00
C ALA A 280 44.24 15.01 26.54
N THR A 281 44.57 13.76 26.26
CA THR A 281 44.72 13.29 24.89
C THR A 281 43.35 12.87 24.36
N ILE A 282 42.87 13.59 23.36
CA ILE A 282 41.54 13.40 22.81
C ILE A 282 41.63 12.97 21.34
N TYR A 283 41.01 11.84 21.00
CA TYR A 283 41.01 11.35 19.63
C TYR A 283 39.63 11.36 19.00
N ASN A 284 39.53 11.91 17.80
CA ASN A 284 38.38 11.63 16.94
C ASN A 284 38.75 10.42 16.08
N THR A 285 37.86 9.43 16.00
CA THR A 285 38.12 8.30 15.12
C THR A 285 36.88 7.96 14.31
N TYR A 286 37.12 7.41 13.13
CA TYR A 286 36.05 7.00 12.25
C TYR A 286 36.30 5.60 11.73
N GLY A 287 35.20 4.87 11.56
CA GLY A 287 35.19 3.61 10.88
C GLY A 287 33.81 2.99 10.92
N PRO A 288 33.51 2.16 9.92
CA PRO A 288 32.33 1.31 9.99
C PRO A 288 32.68 -0.02 10.61
N THR A 289 31.64 -0.71 11.08
CA THR A 289 31.81 -2.06 11.60
C THR A 289 32.48 -2.95 10.56
N GLU A 290 32.24 -2.71 9.27
CA GLU A 290 32.83 -3.55 8.25
C GLU A 290 34.35 -3.42 8.12
N ALA A 291 34.99 -2.49 8.85
CA ALA A 291 36.46 -2.40 8.76
C ALA A 291 37.10 -2.39 10.15
N THR A 292 36.66 -3.28 11.04
CA THR A 292 37.22 -3.42 12.38
C THR A 292 37.23 -2.08 13.15
N VAL A 293 36.04 -1.67 13.58
CA VAL A 293 35.83 -0.62 14.58
C VAL A 293 36.14 0.77 14.06
N ALA A 294 37.40 1.09 13.78
CA ALA A 294 37.75 2.40 13.24
C ALA A 294 38.96 2.23 12.35
N VAL A 295 39.15 3.19 11.44
CA VAL A 295 40.30 3.15 10.53
C VAL A 295 40.98 4.50 10.46
N THR A 296 40.44 5.52 11.11
CA THR A 296 41.17 6.77 11.18
C THR A 296 41.19 7.29 12.61
N SER A 297 42.13 8.20 12.85
CA SER A 297 42.23 8.89 14.12
C SER A 297 42.86 10.25 13.88
N ILE A 298 42.56 11.18 14.78
CA ILE A 298 43.27 12.47 14.85
C ILE A 298 43.15 13.00 16.27
N GLN A 299 44.26 13.45 16.83
CA GLN A 299 44.23 14.06 18.16
C GLN A 299 43.68 15.48 18.07
N ILE A 300 42.62 15.73 18.83
CA ILE A 300 41.96 17.04 18.83
C ILE A 300 42.69 17.95 19.79
N THR A 301 43.35 18.98 19.28
CA THR A 301 43.99 19.96 20.12
C THR A 301 43.32 21.31 19.93
N GLN A 302 43.67 22.25 20.82
CA GLN A 302 43.22 23.63 20.69
C GLN A 302 43.49 24.15 19.30
N GLU A 303 44.67 23.83 18.74
CA GLU A 303 45.02 24.28 17.39
C GLU A 303 44.11 23.65 16.36
N ILE A 304 43.75 22.36 16.56
CA ILE A 304 42.83 21.69 15.65
C ILE A 304 41.47 22.36 15.68
N LEU A 305 40.97 22.66 16.88
CA LEU A 305 39.72 23.39 16.98
C LEU A 305 39.84 24.73 16.27
N ASP A 306 40.97 25.42 16.51
CA ASP A 306 41.17 26.73 15.90
C ASP A 306 41.20 26.61 14.39
N GLN A 307 41.80 25.56 13.86
CA GLN A 307 42.05 25.50 12.44
C GLN A 307 40.90 24.88 11.67
N TYR A 308 40.07 24.07 12.32
CA TYR A 308 39.02 23.34 11.60
C TYR A 308 37.68 23.63 12.23
N PRO A 309 36.84 24.41 11.56
CA PRO A 309 35.51 24.66 12.12
C PRO A 309 34.66 23.40 12.21
N THR A 310 34.85 22.46 11.27
CA THR A 310 34.33 21.09 11.36
C THR A 310 35.52 20.14 11.46
N LEU A 311 35.46 19.25 12.45
CA LEU A 311 36.62 18.44 12.79
C LEU A 311 36.87 17.37 11.74
N PRO A 312 38.12 17.14 11.39
CA PRO A 312 38.43 15.96 10.56
C PRO A 312 38.32 14.68 11.37
N VAL A 313 38.27 13.57 10.65
CA VAL A 313 38.39 12.26 11.28
C VAL A 313 39.81 11.73 11.13
N GLY A 314 40.69 12.41 10.40
CA GLY A 314 42.12 12.16 10.52
C GLY A 314 42.80 11.34 9.43
N VAL A 315 43.77 10.52 9.84
CA VAL A 315 44.58 9.78 8.88
C VAL A 315 44.37 8.28 9.08
N GLU A 316 44.54 7.55 7.98
CA GLU A 316 44.28 6.12 7.95
C GLU A 316 45.35 5.40 8.76
N ARG A 317 45.00 4.21 9.24
CA ARG A 317 45.92 3.37 9.98
C ARG A 317 46.40 2.21 9.14
N LEU A 318 47.46 1.56 9.59
CA LEU A 318 47.97 0.40 8.89
C LEU A 318 46.88 -0.66 8.84
N GLY A 319 46.67 -1.22 7.66
CA GLY A 319 45.54 -2.11 7.39
C GLY A 319 44.35 -1.47 6.71
N ALA A 320 44.36 -0.16 6.48
CA ALA A 320 43.24 0.59 5.91
C ALA A 320 43.75 1.59 4.88
N ARG A 321 43.61 1.29 3.60
CA ARG A 321 44.00 2.27 2.60
C ARG A 321 42.70 2.89 2.08
N LEU A 322 42.57 4.19 2.23
CA LEU A 322 41.32 4.88 2.00
C LEU A 322 41.39 5.57 0.65
N SER A 323 40.30 5.45 -0.10
CA SER A 323 40.20 6.07 -1.41
C SER A 323 38.78 6.60 -1.53
N THR A 324 38.52 7.39 -2.56
CA THR A 324 37.19 7.96 -2.74
C THR A 324 36.67 7.70 -4.15
N THR A 325 35.46 7.16 -4.23
CA THR A 325 34.73 7.12 -5.49
C THR A 325 34.68 8.52 -6.07
N ASP A 326 34.61 8.64 -7.40
CA ASP A 326 34.52 10.02 -7.90
C ASP A 326 33.19 10.69 -7.57
N ASP A 327 32.25 9.99 -6.96
CA ASP A 327 31.03 10.58 -6.44
C ASP A 327 31.18 10.92 -4.96
N GLY A 328 32.35 10.65 -4.39
CA GLY A 328 32.67 10.98 -3.02
C GLY A 328 32.62 9.82 -2.05
N GLU A 329 32.21 8.63 -2.50
CA GLU A 329 32.00 7.54 -1.57
C GLU A 329 33.31 6.97 -1.10
N LEU A 330 33.48 6.83 0.21
CA LEU A 330 34.74 6.34 0.73
C LEU A 330 34.83 4.84 0.51
N VAL A 331 36.02 4.38 0.12
CA VAL A 331 36.33 2.96 -0.04
C VAL A 331 37.54 2.65 0.83
N ILE A 332 37.50 1.50 1.49
CA ILE A 332 38.54 1.03 2.40
C ILE A 332 39.09 -0.29 1.88
N GLU A 333 40.41 -0.41 1.84
CA GLU A 333 41.04 -1.61 1.32
C GLU A 333 42.11 -2.10 2.27
N GLY A 334 42.14 -3.42 2.51
CA GLY A 334 43.26 -3.95 3.27
C GLY A 334 42.81 -4.95 4.27
N GLN A 335 43.71 -5.23 5.21
CA GLN A 335 43.46 -6.24 6.22
C GLN A 335 42.31 -5.86 7.17
N SER A 336 42.04 -4.56 7.33
CA SER A 336 41.00 -4.18 8.29
C SER A 336 39.62 -4.57 7.82
N VAL A 337 39.45 -4.82 6.52
CA VAL A 337 38.15 -5.04 5.94
C VAL A 337 37.57 -6.39 6.37
N SER A 338 36.27 -6.41 6.66
CA SER A 338 35.59 -7.61 7.12
C SER A 338 35.66 -8.72 6.06
N LEU A 339 35.41 -9.96 6.51
CA LEU A 339 35.29 -11.07 5.57
C LEU A 339 33.99 -11.03 4.78
N GLY A 340 33.01 -10.26 5.23
CA GLY A 340 31.70 -10.16 4.62
C GLY A 340 30.60 -10.48 5.61
N TYR A 341 29.38 -10.22 5.19
CA TYR A 341 28.24 -10.50 6.05
C TYR A 341 27.98 -11.99 6.05
N LEU A 342 27.40 -12.50 7.15
CA LEU A 342 27.30 -13.95 7.31
C LEU A 342 26.13 -14.53 6.51
N LYS A 343 26.45 -15.42 5.60
CA LYS A 343 25.47 -16.13 4.80
C LYS A 343 24.68 -15.23 3.90
N ASN A 344 24.77 -13.95 4.12
CA ASN A 344 24.06 -12.92 3.36
C ASN A 344 24.90 -12.57 2.11
N ASP A 345 24.96 -13.53 1.17
CA ASP A 345 25.84 -13.40 0.00
C ASP A 345 25.52 -12.17 -0.85
N GLN A 346 24.24 -11.84 -1.03
CA GLN A 346 23.94 -10.75 -1.96
C GLN A 346 24.26 -9.39 -1.34
N LYS A 347 23.84 -9.17 -0.08
CA LYS A 347 24.28 -8.00 0.67
C LYS A 347 25.81 -7.87 0.74
N THR A 348 26.56 -8.98 0.72
CA THR A 348 28.02 -8.91 0.66
C THR A 348 28.54 -8.51 -0.71
N ALA A 349 27.96 -9.09 -1.78
CA ALA A 349 28.40 -8.80 -3.13
C ALA A 349 28.23 -7.34 -3.47
N GLU A 350 27.28 -6.65 -2.83
CA GLU A 350 27.16 -5.23 -3.16
C GLU A 350 28.32 -4.37 -2.71
N VAL A 351 28.86 -4.59 -1.52
CA VAL A 351 29.74 -3.59 -0.94
C VAL A 351 31.14 -4.11 -0.65
N PHE A 352 31.36 -5.42 -0.73
CA PHE A 352 32.67 -6.00 -0.58
C PHE A 352 33.20 -6.49 -1.92
N ASN A 353 34.48 -6.32 -2.17
CA ASN A 353 35.08 -6.97 -3.32
C ASN A 353 36.33 -7.72 -2.86
N PHE A 354 36.49 -8.98 -3.28
CA PHE A 354 37.65 -9.76 -2.89
C PHE A 354 38.51 -10.25 -4.06
N ASP A 355 38.67 -9.44 -5.10
CA ASP A 355 39.48 -9.92 -6.21
C ASP A 355 40.94 -9.91 -5.78
N ASP A 356 41.71 -10.86 -6.31
CA ASP A 356 43.12 -11.04 -6.00
C ASP A 356 43.36 -11.41 -4.54
N GLY A 357 42.30 -11.62 -3.77
CA GLY A 357 42.48 -11.72 -2.33
C GLY A 357 42.60 -10.38 -1.63
N ILE A 358 42.63 -9.28 -2.38
CA ILE A 358 42.58 -7.96 -1.78
C ILE A 358 41.15 -7.70 -1.31
N ARG A 359 40.98 -7.27 -0.07
CA ARG A 359 39.64 -7.03 0.44
C ARG A 359 39.34 -5.53 0.46
N THR A 360 38.23 -5.16 -0.16
CA THR A 360 37.78 -3.78 -0.25
C THR A 360 36.32 -3.69 0.15
N TYR A 361 35.98 -2.56 0.74
CA TYR A 361 34.66 -2.33 1.27
C TYR A 361 34.21 -0.94 0.84
N HIS A 362 33.00 -0.87 0.29
CA HIS A 362 32.39 0.38 -0.09
C HIS A 362 31.56 0.88 1.09
N THR A 363 31.84 2.10 1.51
CA THR A 363 31.49 2.54 2.84
C THR A 363 30.10 3.17 2.94
N GLY A 364 29.58 3.75 1.85
CA GLY A 364 28.31 4.44 1.89
C GLY A 364 28.38 5.83 2.48
N ASP A 365 29.57 6.31 2.82
CA ASP A 365 29.79 7.63 3.38
C ASP A 365 30.42 8.59 2.37
N LYS A 366 29.90 9.84 2.30
CA LYS A 366 30.60 10.93 1.60
C LYS A 366 31.89 11.25 2.37
N ALA A 367 32.99 11.16 1.65
CA ALA A 367 34.25 11.55 2.23
C ALA A 367 34.92 12.59 1.34
N LYS A 368 35.79 13.37 1.97
CA LYS A 368 36.60 14.37 1.30
C LYS A 368 37.96 14.40 1.99
N PHE A 369 39.00 14.50 1.19
CA PHE A 369 40.38 14.51 1.66
C PHE A 369 40.94 15.89 1.41
N GLU A 370 41.28 16.61 2.48
CA GLU A 370 41.80 17.96 2.38
C GLU A 370 42.93 18.15 3.38
N ASN A 371 44.03 18.73 2.91
CA ASN A 371 45.14 19.08 3.79
C ASN A 371 45.64 17.85 4.54
N GLY A 372 45.61 16.70 3.86
CA GLY A 372 46.12 15.49 4.47
C GLY A 372 45.20 14.85 5.48
N GLN A 373 43.93 15.25 5.54
CA GLN A 373 43.02 14.75 6.55
C GLN A 373 41.72 14.31 5.90
N TRP A 374 41.17 13.22 6.39
CA TRP A 374 39.88 12.75 5.92
C TRP A 374 38.77 13.45 6.68
N PHE A 375 37.67 13.76 5.98
CA PHE A 375 36.45 14.28 6.59
C PHE A 375 35.26 13.45 6.16
N ILE A 376 34.37 13.12 7.08
CA ILE A 376 33.13 12.46 6.70
C ILE A 376 32.05 13.53 6.56
N GLN A 377 31.48 13.64 5.37
CA GLN A 377 30.47 14.66 5.16
C GLN A 377 29.05 14.17 5.41
N GLY A 378 28.80 12.88 5.39
CA GLY A 378 27.46 12.38 5.67
C GLY A 378 27.22 11.10 4.92
N ARG A 379 26.07 10.50 5.19
CA ARG A 379 25.74 9.21 4.58
C ARG A 379 24.92 9.40 3.32
N ILE A 380 25.31 8.67 2.27
CA ILE A 380 24.62 8.77 0.99
C ILE A 380 23.18 8.28 1.12
N ASP A 381 22.94 7.27 1.96
CA ASP A 381 21.59 6.73 2.16
C ASP A 381 20.65 7.85 2.58
N PHE A 382 21.18 8.89 3.23
CA PHE A 382 20.47 10.06 3.75
C PHE A 382 20.53 11.31 2.86
N GLN A 383 21.19 11.28 1.70
CA GLN A 383 21.33 12.50 0.89
C GLN A 383 20.01 12.94 0.30
N ILE A 384 19.84 14.27 0.22
CA ILE A 384 18.64 14.85 -0.39
C ILE A 384 18.90 15.83 -1.56
N LYS A 385 17.98 15.60 -2.48
CA LYS A 385 17.68 16.25 -3.74
C LYS A 385 16.98 17.51 -3.34
N LEU A 386 17.82 18.41 -2.94
CA LEU A 386 17.49 19.75 -2.48
C LEU A 386 18.13 20.80 -3.38
N ASN A 387 17.28 21.64 -3.97
CA ASN A 387 17.70 22.75 -4.83
C ASN A 387 18.69 22.28 -5.90
N GLY A 388 18.47 21.06 -6.39
CA GLY A 388 19.00 20.71 -7.70
C GLY A 388 20.40 20.15 -7.70
N TYR A 389 20.95 19.83 -6.52
CA TYR A 389 22.09 18.92 -6.32
C TYR A 389 22.09 18.33 -4.93
N ARG A 390 22.72 17.15 -4.84
CA ARG A 390 22.59 16.32 -3.64
C ARG A 390 23.26 16.95 -2.44
N MET A 391 22.72 16.61 -1.27
CA MET A 391 23.14 17.31 -0.07
C MET A 391 23.09 16.29 1.07
N GLU A 392 23.90 16.47 2.11
CA GLU A 392 23.79 15.56 3.26
C GLU A 392 23.04 16.26 4.37
N LEU A 393 22.11 15.53 4.99
CA LEU A 393 21.40 16.10 6.13
C LEU A 393 22.41 16.46 7.19
N GLU A 394 23.51 15.70 7.31
CA GLU A 394 24.53 16.03 8.28
C GLU A 394 25.11 17.41 8.00
N GLU A 395 25.26 17.79 6.74
CA GLU A 395 25.79 19.12 6.48
C GLU A 395 24.81 20.18 6.96
N ILE A 396 23.53 19.97 6.67
CA ILE A 396 22.51 20.89 7.18
C ILE A 396 22.57 20.95 8.71
N GLU A 397 22.65 19.80 9.39
CA GLU A 397 22.65 19.78 10.85
C GLU A 397 23.88 20.45 11.43
N THR A 398 25.03 20.25 10.79
CA THR A 398 26.22 20.94 11.25
C THR A 398 26.09 22.43 11.03
N GLN A 399 25.57 22.86 9.87
CA GLN A 399 25.44 24.29 9.63
C GLN A 399 24.49 24.91 10.65
N LEU A 400 23.42 24.19 11.01
CA LEU A 400 22.50 24.66 12.04
C LEU A 400 23.20 24.77 13.39
N ARG A 401 24.10 23.83 13.69
CA ARG A 401 24.85 23.82 14.95
C ARG A 401 25.81 25.01 15.06
N GLN A 402 26.13 25.68 13.94
CA GLN A 402 27.00 26.85 13.98
C GLN A 402 26.32 28.03 14.66
N SER A 403 24.98 28.07 14.60
CA SER A 403 24.22 29.15 15.23
C SER A 403 24.31 29.08 16.75
N GLU A 404 24.50 30.25 17.36
CA GLU A 404 24.70 30.37 18.80
C GLU A 404 23.51 29.82 19.60
N PHE A 405 22.37 29.63 18.96
CA PHE A 405 21.18 29.21 19.67
C PHE A 405 20.92 27.71 19.55
N VAL A 406 21.69 27.00 18.73
CA VAL A 406 21.55 25.56 18.53
C VAL A 406 22.70 24.86 19.25
N LYS A 407 22.34 24.01 20.21
CA LYS A 407 23.36 23.15 20.80
C LYS A 407 23.41 21.81 20.08
N GLU A 408 22.26 21.31 19.64
CA GLU A 408 22.22 20.10 18.83
C GLU A 408 21.05 20.23 17.88
N ALA A 409 21.15 19.56 16.74
CA ALA A 409 20.13 19.66 15.71
C ALA A 409 20.09 18.37 14.93
N ILE A 410 18.87 17.88 14.69
CA ILE A 410 18.60 16.78 13.76
C ILE A 410 17.52 17.25 12.79
N VAL A 411 17.74 17.02 11.50
CA VAL A 411 16.85 17.53 10.46
C VAL A 411 16.06 16.40 9.81
N VAL A 412 14.75 16.55 9.80
CA VAL A 412 13.82 15.61 9.17
C VAL A 412 13.28 16.22 7.88
N PRO A 413 13.57 15.63 6.74
CA PRO A 413 12.99 16.10 5.47
C PRO A 413 11.51 15.74 5.34
N VAL A 414 10.77 16.59 4.62
CA VAL A 414 9.40 16.24 4.24
C VAL A 414 9.29 16.32 2.71
N TYR A 415 8.49 15.43 2.10
CA TYR A 415 8.55 15.21 0.64
C TYR A 415 7.29 15.65 -0.11
N LYS A 416 7.44 15.80 -1.44
CA LYS A 416 6.31 15.93 -2.37
C LYS A 416 5.84 14.56 -2.86
N ASN A 417 6.01 13.50 -2.07
CA ASN A 417 5.87 12.13 -2.57
C ASN A 417 6.95 11.93 -3.62
N ASP A 418 8.21 12.20 -3.16
CA ASP A 418 9.44 12.02 -3.98
C ASP A 418 10.53 13.13 -3.86
N LYS A 419 10.19 14.45 -3.80
CA LYS A 419 11.16 15.57 -3.64
C LYS A 419 10.86 16.34 -2.36
N VAL A 420 11.88 16.99 -1.85
CA VAL A 420 11.76 17.65 -0.57
C VAL A 420 11.07 19.00 -0.76
N ILE A 421 10.08 19.28 0.10
CA ILE A 421 9.34 20.53 0.00
C ILE A 421 9.81 21.47 1.11
N HIS A 422 10.26 20.91 2.23
CA HIS A 422 10.95 21.71 3.25
C HIS A 422 11.53 20.77 4.31
N LEU A 423 12.03 21.39 5.38
CA LEU A 423 12.65 20.67 6.48
C LEU A 423 11.95 21.00 7.80
N ILE A 424 11.95 20.01 8.69
CA ILE A 424 11.60 20.17 10.09
C ILE A 424 12.88 19.95 10.91
N GLY A 425 13.17 20.90 11.79
CA GLY A 425 14.31 20.77 12.67
C GLY A 425 14.01 20.46 14.14
N ALA A 426 14.39 19.28 14.64
CA ALA A 426 14.37 19.05 16.08
C ALA A 426 15.63 19.67 16.67
N ILE A 427 15.47 20.64 17.59
CA ILE A 427 16.62 21.42 18.08
C ILE A 427 16.75 21.34 19.60
N VAL A 428 17.95 20.99 20.06
CA VAL A 428 18.35 21.17 21.45
C VAL A 428 18.98 22.56 21.57
N PRO A 429 18.34 23.50 22.28
CA PRO A 429 18.86 24.86 22.35
C PRO A 429 19.99 25.01 23.36
N THR A 430 20.89 25.96 23.07
CA THR A 430 22.07 26.16 23.92
C THR A 430 21.73 26.73 25.29
N THR A 431 20.55 27.32 25.43
CA THR A 431 20.06 27.84 26.69
C THR A 431 18.57 27.55 26.69
N GLU A 432 18.10 26.61 27.50
CA GLU A 432 16.64 26.52 27.54
C GLU A 432 16.15 27.45 28.66
N VAL A 433 16.33 28.74 28.34
CA VAL A 433 15.61 29.89 28.83
C VAL A 433 14.29 29.93 28.06
N THR A 434 13.68 28.75 27.87
CA THR A 434 12.81 28.45 26.75
C THR A 434 11.51 29.23 26.79
N ASP A 435 10.99 29.48 25.58
CA ASP A 435 9.76 30.23 25.24
C ASP A 435 9.55 29.42 24.01
N ASN A 436 8.38 28.82 23.83
CA ASN A 436 8.32 27.81 22.76
C ASN A 436 8.05 28.41 21.38
N ALA A 437 6.90 29.08 21.22
CA ALA A 437 6.67 29.79 19.96
C ALA A 437 7.62 30.97 19.78
N GLU A 438 8.11 31.60 20.87
CA GLU A 438 9.14 32.63 20.91
C GLU A 438 10.31 31.93 20.21
N MET A 439 11.35 31.51 20.85
CA MET A 439 12.65 31.63 20.17
C MET A 439 12.84 30.88 18.87
N THR A 440 11.76 30.36 18.29
CA THR A 440 11.75 30.10 16.86
C THR A 440 12.00 31.39 16.05
N LYS A 441 11.68 32.61 16.58
CA LYS A 441 11.97 33.78 15.73
C LYS A 441 13.44 34.15 15.84
N ASN A 442 14.13 33.82 16.94
CA ASN A 442 15.57 34.07 17.02
C ASN A 442 16.36 33.06 16.20
N ILE A 443 15.87 31.81 16.15
CA ILE A 443 16.52 30.81 15.32
C ILE A 443 16.31 31.15 13.85
N LYS A 444 15.09 31.53 13.49
CA LYS A 444 14.83 31.91 12.11
C LYS A 444 15.63 33.15 11.71
N ASN A 445 15.65 34.17 12.57
CA ASN A 445 16.39 35.39 12.26
C ASN A 445 17.89 35.14 12.13
N ASP A 446 18.46 34.29 12.98
CA ASP A 446 19.87 33.95 12.82
C ASP A 446 20.16 33.15 11.54
N LEU A 447 19.33 32.15 11.27
CA LEU A 447 19.61 31.22 10.19
C LEU A 447 19.37 31.86 8.84
N LYS A 448 18.62 32.95 8.84
CA LYS A 448 18.33 33.64 7.58
C LYS A 448 19.54 34.45 7.13
N SER A 449 20.23 35.09 8.07
CA SER A 449 21.49 35.75 7.73
C SER A 449 22.63 34.75 7.49
N ARG A 450 22.51 33.50 7.97
CA ARG A 450 23.64 32.59 7.87
C ARG A 450 23.59 31.56 6.75
N LEU A 451 22.43 31.26 6.17
CA LEU A 451 22.29 30.13 5.26
C LEU A 451 21.37 30.50 4.11
N PRO A 452 21.46 29.78 2.99
CA PRO A 452 20.48 29.96 1.92
C PRO A 452 19.11 29.45 2.35
N GLU A 453 18.06 30.00 1.75
CA GLU A 453 16.70 29.73 2.22
C GLU A 453 16.42 28.24 2.27
N TYR A 454 16.85 27.50 1.23
CA TYR A 454 16.53 26.08 1.10
C TYR A 454 17.20 25.21 2.13
N MET A 455 17.96 25.77 3.07
CA MET A 455 18.55 24.97 4.11
C MET A 455 18.03 25.32 5.50
N ILE A 456 17.23 26.37 5.62
CA ILE A 456 16.59 26.70 6.88
C ILE A 456 15.31 25.88 6.95
N PRO A 457 15.12 25.06 7.96
CA PRO A 457 13.84 24.34 8.07
C PRO A 457 12.72 25.35 8.32
N ARG A 458 11.54 25.05 7.77
CA ARG A 458 10.41 25.96 7.95
C ARG A 458 9.83 25.84 9.34
N LYS A 459 9.95 24.65 9.92
CA LYS A 459 9.20 24.23 11.09
C LYS A 459 10.22 23.65 12.08
N PHE A 460 10.15 24.08 13.34
CA PHE A 460 11.07 23.59 14.37
C PHE A 460 10.30 22.97 15.52
N GLU A 461 10.86 21.90 16.11
CA GLU A 461 10.32 21.33 17.35
C GLU A 461 11.44 21.33 18.38
N TRP A 462 11.19 22.00 19.49
CA TRP A 462 12.19 22.20 20.53
C TRP A 462 12.28 20.98 21.44
N MET A 463 13.50 20.59 21.76
CA MET A 463 13.72 19.34 22.46
C MET A 463 14.68 19.57 23.62
N GLU A 464 14.38 18.88 24.72
CA GLU A 464 15.20 18.97 25.92
C GLU A 464 16.50 18.20 25.75
N GLN A 465 16.44 16.93 25.37
CA GLN A 465 17.70 16.46 24.84
C GLN A 465 17.36 15.31 23.87
N LEU A 466 18.31 14.99 22.98
CA LEU A 466 17.96 14.09 21.88
C LEU A 466 17.97 12.64 22.34
N PRO A 467 17.03 11.81 21.86
CA PRO A 467 16.98 10.39 22.27
C PRO A 467 18.15 9.61 21.70
N LEU A 468 18.57 8.61 22.45
CA LEU A 468 19.70 7.79 22.05
C LEU A 468 19.28 6.35 21.79
N THR A 469 19.90 5.75 20.79
CA THR A 469 19.89 4.32 20.55
C THR A 469 20.38 3.59 21.80
N SER A 470 20.16 2.26 21.82
CA SER A 470 20.83 1.44 22.83
C SER A 470 22.35 1.52 22.69
N ASN A 471 22.85 1.79 21.48
CA ASN A 471 24.29 1.94 21.29
C ASN A 471 24.80 3.32 21.68
N GLY A 472 23.90 4.26 22.01
CA GLY A 472 24.30 5.61 22.37
C GLY A 472 24.42 6.58 21.21
N LYS A 473 23.87 6.24 20.05
CA LYS A 473 23.84 7.19 18.95
C LYS A 473 22.50 7.92 18.95
N ILE A 474 22.48 9.08 18.29
CA ILE A 474 21.22 9.79 18.16
C ILE A 474 20.23 8.93 17.38
N ASP A 475 19.02 8.83 17.91
CA ASP A 475 17.99 7.94 17.40
C ASP A 475 17.18 8.72 16.37
N ARG A 476 17.66 8.74 15.12
CA ARG A 476 16.95 9.47 14.05
C ARG A 476 15.55 8.92 13.84
N LYS A 477 15.42 7.59 13.73
CA LYS A 477 14.10 7.03 13.45
C LYS A 477 13.11 7.43 14.55
N LYS A 478 13.59 7.53 15.79
CA LYS A 478 12.72 7.85 16.90
C LYS A 478 12.42 9.34 16.96
N ILE A 479 13.37 10.21 16.56
CA ILE A 479 13.07 11.63 16.47
C ILE A 479 12.05 11.87 15.37
N ALA A 480 12.19 11.16 14.26
CA ALA A 480 11.19 11.20 13.20
C ALA A 480 9.82 10.82 13.76
N GLU A 481 9.78 9.81 14.63
CA GLU A 481 8.48 9.46 15.21
C GLU A 481 7.95 10.56 16.12
N VAL A 482 8.87 11.27 16.82
CA VAL A 482 8.47 12.35 17.72
C VAL A 482 7.86 13.52 16.95
N ILE A 483 8.31 13.75 15.72
CA ILE A 483 7.83 14.91 14.96
C ILE A 483 6.42 14.69 14.43
N ASN A 484 6.14 13.52 13.85
CA ASN A 484 4.84 13.21 13.28
C ASN A 484 3.84 12.69 14.31
N GLY A 485 3.96 13.12 15.56
CA GLY A 485 3.03 12.74 16.60
C GLY A 485 2.81 13.94 17.51
N THR B 2 -29.98 11.71 -28.50
CA THR B 2 -28.56 11.64 -28.83
C THR B 2 -28.15 10.47 -29.74
N ASP B 3 -27.88 10.84 -30.99
CA ASP B 3 -27.56 10.00 -32.14
C ASP B 3 -26.23 10.45 -32.72
N ILE B 4 -25.44 9.51 -33.26
CA ILE B 4 -24.07 9.87 -33.61
C ILE B 4 -24.06 10.92 -34.72
N ILE B 5 -24.82 10.63 -35.79
CA ILE B 5 -24.88 11.53 -36.94
C ILE B 5 -25.40 12.91 -36.53
N ASN B 6 -26.44 12.95 -35.69
CA ASN B 6 -27.07 14.22 -35.30
C ASN B 6 -26.12 15.11 -34.50
N LYS B 7 -25.39 14.56 -33.51
CA LYS B 7 -24.47 15.44 -32.80
C LYS B 7 -23.37 15.91 -33.73
N LEU B 8 -22.88 15.02 -34.61
CA LEU B 8 -21.82 15.49 -35.48
C LEU B 8 -22.30 16.60 -36.39
N GLN B 9 -23.51 16.44 -36.90
CA GLN B 9 -24.09 17.40 -37.83
C GLN B 9 -24.38 18.73 -37.13
N ALA B 10 -24.88 18.67 -35.90
CA ALA B 10 -25.12 19.92 -35.17
C ALA B 10 -23.80 20.67 -34.98
N PHE B 11 -22.74 19.96 -34.57
CA PHE B 11 -21.44 20.61 -34.42
C PHE B 11 -20.90 21.15 -35.75
N ALA B 12 -21.12 20.41 -36.84
CA ALA B 12 -20.64 20.91 -38.12
C ALA B 12 -21.40 22.15 -38.54
N ASP B 13 -22.66 22.25 -38.13
CA ASP B 13 -23.44 23.42 -38.46
C ASP B 13 -23.05 24.60 -37.59
N ALA B 14 -22.57 24.34 -36.37
CA ALA B 14 -22.11 25.42 -35.51
C ALA B 14 -20.76 25.94 -35.96
N ASN B 15 -19.83 25.05 -36.30
CA ASN B 15 -18.44 25.42 -36.58
C ASN B 15 -17.94 24.68 -37.80
N PRO B 16 -18.46 25.04 -38.98
CA PRO B 16 -18.07 24.30 -40.20
C PRO B 16 -16.58 24.29 -40.45
N GLN B 17 -15.86 25.31 -40.03
CA GLN B 17 -14.43 25.40 -40.30
C GLN B 17 -13.55 24.96 -39.13
N SER B 18 -14.15 24.47 -38.05
CA SER B 18 -13.37 23.77 -37.04
C SER B 18 -12.79 22.51 -37.66
N ILE B 19 -11.63 22.11 -37.17
CA ILE B 19 -11.00 20.90 -37.70
C ILE B 19 -11.59 19.67 -37.00
N ALA B 20 -12.15 18.75 -37.79
CA ALA B 20 -12.63 17.48 -37.28
C ALA B 20 -11.53 16.39 -37.22
N VAL B 21 -10.63 16.35 -38.20
CA VAL B 21 -9.58 15.33 -38.31
C VAL B 21 -8.27 15.96 -38.82
N ARG B 22 -7.15 15.61 -38.18
CA ARG B 22 -5.83 16.08 -38.55
C ARG B 22 -4.83 14.93 -38.53
N HIS B 23 -4.14 14.74 -39.63
CA HIS B 23 -3.05 13.77 -39.73
C HIS B 23 -1.87 14.50 -40.35
N THR B 24 -0.97 14.93 -39.49
CA THR B 24 0.15 15.79 -39.78
C THR B 24 -0.42 17.01 -40.43
N THR B 25 0.01 17.30 -41.63
CA THR B 25 -0.49 18.51 -42.28
C THR B 25 -1.85 18.31 -42.94
N ASP B 26 -2.30 17.07 -43.15
CA ASP B 26 -3.59 16.83 -43.76
C ASP B 26 -4.69 17.11 -42.76
N GLU B 27 -5.58 18.04 -43.08
CA GLU B 27 -6.65 18.45 -42.18
C GLU B 27 -7.99 18.31 -42.89
N LEU B 28 -9.01 18.06 -42.10
CA LEU B 28 -10.39 17.92 -42.58
C LEU B 28 -11.32 18.62 -41.61
N THR B 29 -12.03 19.65 -42.08
CA THR B 29 -12.95 20.40 -41.23
C THR B 29 -14.26 19.61 -41.06
N TYR B 30 -15.04 20.00 -40.04
CA TYR B 30 -16.32 19.35 -39.82
C TYR B 30 -17.23 19.47 -41.05
N GLN B 31 -17.23 20.63 -41.73
CA GLN B 31 -18.05 20.78 -42.92
C GLN B 31 -17.65 19.77 -44.00
N GLN B 32 -16.34 19.64 -44.26
CA GLN B 32 -15.87 18.69 -45.27
C GLN B 32 -16.13 17.26 -44.84
N LEU B 33 -15.95 16.94 -43.56
CA LEU B 33 -16.27 15.60 -43.12
C LEU B 33 -17.72 15.28 -43.48
N MET B 34 -18.66 16.21 -43.17
CA MET B 34 -20.07 15.96 -43.50
C MET B 34 -20.35 15.98 -45.00
N ASP B 35 -19.73 16.92 -45.74
CA ASP B 35 -19.93 17.01 -47.17
C ASP B 35 -19.50 15.73 -47.87
N GLU B 36 -18.23 15.37 -47.71
CA GLU B 36 -17.68 14.20 -48.35
C GLU B 36 -18.36 12.93 -47.88
N SER B 37 -18.80 12.90 -46.62
CA SER B 37 -19.50 11.70 -46.14
C SER B 37 -20.85 11.53 -46.85
N SER B 38 -21.59 12.62 -47.09
CA SER B 38 -22.81 12.48 -47.88
C SER B 38 -22.52 12.02 -49.30
N LYS B 39 -21.49 12.61 -49.94
CA LYS B 39 -21.16 12.20 -51.30
C LYS B 39 -20.84 10.70 -51.37
N LEU B 40 -20.02 10.21 -50.44
CA LEU B 40 -19.75 8.77 -50.38
C LEU B 40 -21.04 7.97 -50.18
N ALA B 41 -21.89 8.41 -49.25
CA ALA B 41 -23.16 7.74 -49.01
C ALA B 41 -23.99 7.64 -50.29
N HIS B 42 -23.98 8.69 -51.12
CA HIS B 42 -24.69 8.63 -52.40
C HIS B 42 -24.11 7.53 -53.27
N ARG B 43 -22.79 7.46 -53.39
CA ARG B 43 -22.22 6.37 -54.15
C ARG B 43 -22.47 5.01 -53.49
N LEU B 44 -22.82 4.99 -52.21
CA LEU B 44 -22.95 3.76 -51.45
C LEU B 44 -24.37 3.25 -51.28
N GLN B 45 -25.38 4.01 -51.69
CA GLN B 45 -26.75 3.72 -51.26
C GLN B 45 -27.38 2.56 -52.05
N GLY B 46 -28.16 1.74 -51.31
CA GLY B 46 -28.73 0.51 -51.79
C GLY B 46 -27.96 -0.70 -51.27
N SER B 47 -26.65 -0.54 -51.08
CA SER B 47 -25.71 -1.54 -50.59
C SER B 47 -26.15 -2.13 -49.24
N LYS B 48 -26.49 -3.41 -49.21
CA LYS B 48 -26.75 -4.09 -47.93
C LYS B 48 -25.59 -5.04 -47.60
N LYS B 49 -24.39 -4.71 -48.07
CA LYS B 49 -23.16 -5.35 -47.65
C LYS B 49 -22.20 -4.27 -47.16
N PRO B 50 -21.44 -4.55 -46.11
CA PRO B 50 -20.55 -3.53 -45.54
C PRO B 50 -19.52 -3.06 -46.56
N MET B 51 -19.14 -1.80 -46.42
CA MET B 51 -18.08 -1.24 -47.25
C MET B 51 -16.73 -1.55 -46.59
N ILE B 52 -15.82 -2.18 -47.33
CA ILE B 52 -14.46 -2.32 -46.81
C ILE B 52 -13.82 -0.95 -46.75
N LEU B 53 -13.17 -0.64 -45.64
CA LEU B 53 -12.50 0.64 -45.42
C LEU B 53 -11.01 0.38 -45.29
N PHE B 54 -10.24 0.79 -46.30
CA PHE B 54 -8.84 0.43 -46.40
C PHE B 54 -7.96 1.66 -46.30
N GLY B 55 -6.89 1.55 -45.52
CA GLY B 55 -5.91 2.62 -45.43
C GLY B 55 -5.21 2.59 -44.10
N HIS B 56 -4.56 3.70 -43.79
CA HIS B 56 -3.92 3.82 -42.49
C HIS B 56 -4.54 5.04 -41.77
N MET B 57 -4.00 6.25 -41.99
CA MET B 57 -4.39 7.41 -41.20
C MET B 57 -4.81 8.60 -42.05
N SER B 58 -5.26 8.38 -43.27
CA SER B 58 -5.82 9.49 -44.01
C SER B 58 -7.12 9.91 -43.37
N PRO B 59 -7.38 11.23 -43.24
CA PRO B 59 -8.66 11.66 -42.68
C PRO B 59 -9.85 11.10 -43.43
N TYR B 60 -9.65 10.66 -44.68
CA TYR B 60 -10.78 10.11 -45.42
C TYR B 60 -11.23 8.74 -44.90
N MET B 61 -10.40 8.04 -44.11
CA MET B 61 -10.92 6.89 -43.37
C MET B 61 -12.12 7.30 -42.54
N ILE B 62 -12.03 8.44 -41.84
CA ILE B 62 -13.19 8.93 -41.09
C ILE B 62 -14.33 9.24 -42.04
N VAL B 63 -14.03 9.86 -43.19
CA VAL B 63 -15.09 10.09 -44.18
C VAL B 63 -15.77 8.77 -44.47
N GLY B 64 -14.95 7.73 -44.69
CA GLY B 64 -15.50 6.43 -44.97
C GLY B 64 -16.43 5.96 -43.88
N MET B 65 -15.98 6.07 -42.63
CA MET B 65 -16.83 5.61 -41.54
C MET B 65 -18.15 6.37 -41.55
N ILE B 66 -18.09 7.70 -41.63
CA ILE B 66 -19.33 8.45 -41.51
C ILE B 66 -20.21 8.14 -42.71
N GLY B 67 -19.60 7.99 -43.89
CA GLY B 67 -20.38 7.64 -45.06
C GLY B 67 -21.04 6.29 -44.92
N ALA B 68 -20.28 5.30 -44.44
CA ALA B 68 -20.87 3.98 -44.31
C ALA B 68 -21.99 3.98 -43.29
N ILE B 69 -21.92 4.86 -42.29
CA ILE B 69 -23.03 4.92 -41.34
C ILE B 69 -24.27 5.49 -42.00
N LYS B 70 -24.11 6.57 -42.78
CA LYS B 70 -25.27 7.23 -43.33
C LYS B 70 -26.01 6.35 -44.33
N ALA B 71 -25.27 5.63 -45.17
CA ALA B 71 -25.91 4.72 -46.12
C ALA B 71 -26.51 3.49 -45.43
N GLY B 72 -26.14 3.22 -44.18
CA GLY B 72 -26.68 2.13 -43.41
C GLY B 72 -26.05 0.78 -43.64
N CYS B 73 -25.10 0.66 -44.56
CA CYS B 73 -24.48 -0.62 -44.81
C CYS B 73 -23.36 -0.96 -43.82
N GLY B 74 -22.79 0.03 -43.13
CA GLY B 74 -21.71 -0.22 -42.20
C GLY B 74 -20.39 -0.36 -42.93
N TYR B 75 -19.32 -0.62 -42.15
CA TYR B 75 -17.99 -0.71 -42.73
C TYR B 75 -17.19 -1.80 -42.02
N VAL B 76 -16.07 -2.18 -42.64
CA VAL B 76 -15.11 -3.15 -42.12
C VAL B 76 -13.79 -2.44 -42.24
N PRO B 77 -13.22 -1.96 -41.13
CA PRO B 77 -11.97 -1.19 -41.21
C PRO B 77 -10.79 -2.11 -41.40
N VAL B 78 -9.97 -1.81 -42.39
CA VAL B 78 -8.78 -2.61 -42.69
C VAL B 78 -7.58 -1.69 -42.73
N ASP B 79 -6.61 -1.92 -41.84
CA ASP B 79 -5.38 -1.14 -41.79
C ASP B 79 -4.29 -1.74 -42.69
N THR B 80 -3.41 -0.86 -43.20
CA THR B 80 -2.34 -1.28 -44.11
C THR B 80 -1.33 -2.20 -43.42
N SER B 81 -1.29 -2.24 -42.09
CA SER B 81 -0.42 -3.15 -41.37
C SER B 81 -0.93 -4.58 -41.32
N ILE B 82 -2.14 -4.85 -41.78
CA ILE B 82 -2.64 -6.23 -41.81
C ILE B 82 -2.02 -6.94 -42.99
N PRO B 83 -1.44 -8.13 -42.81
CA PRO B 83 -0.84 -8.85 -43.94
C PRO B 83 -1.82 -9.09 -45.08
N GLU B 84 -1.28 -9.05 -46.30
CA GLU B 84 -2.12 -9.03 -47.49
C GLU B 84 -3.00 -10.26 -47.56
N ASP B 85 -2.46 -11.42 -47.19
CA ASP B 85 -3.26 -12.62 -47.26
C ASP B 85 -4.44 -12.56 -46.30
N ARG B 86 -4.27 -11.96 -45.12
CA ARG B 86 -5.43 -11.79 -44.25
C ARG B 86 -6.41 -10.77 -44.81
N ILE B 87 -5.93 -9.76 -45.55
CA ILE B 87 -6.83 -8.84 -46.21
C ILE B 87 -7.68 -9.59 -47.23
N LYS B 88 -7.03 -10.42 -48.07
CA LYS B 88 -7.75 -11.27 -49.02
C LYS B 88 -8.78 -12.13 -48.30
N MET B 89 -8.39 -12.73 -47.19
CA MET B 89 -9.33 -13.54 -46.42
C MET B 89 -10.53 -12.70 -45.97
N ILE B 90 -10.29 -11.47 -45.51
CA ILE B 90 -11.38 -10.63 -45.02
C ILE B 90 -12.33 -10.26 -46.15
N ILE B 91 -11.80 -9.64 -47.23
CA ILE B 91 -12.68 -9.25 -48.35
C ILE B 91 -13.48 -10.45 -48.86
N ASN B 92 -12.85 -11.63 -48.89
CA ASN B 92 -13.54 -12.86 -49.31
C ASN B 92 -14.70 -13.21 -48.39
N LYS B 93 -14.47 -13.18 -47.09
CA LYS B 93 -15.54 -13.46 -46.12
C LYS B 93 -16.66 -12.41 -46.18
N VAL B 94 -16.29 -11.14 -46.31
CA VAL B 94 -17.25 -10.02 -46.20
C VAL B 94 -18.19 -9.99 -47.39
N GLN B 95 -17.69 -10.34 -48.58
CA GLN B 95 -18.40 -10.17 -49.85
C GLN B 95 -18.75 -8.71 -50.08
N PRO B 96 -17.80 -7.78 -50.10
CA PRO B 96 -18.20 -6.39 -50.24
C PRO B 96 -18.65 -6.11 -51.66
N GLU B 97 -19.52 -5.13 -51.80
CA GLU B 97 -19.72 -4.55 -53.11
C GLU B 97 -18.71 -3.44 -53.35
N PHE B 98 -18.28 -2.80 -52.26
CA PHE B 98 -17.43 -1.62 -52.34
C PHE B 98 -16.25 -1.71 -51.39
N VAL B 99 -15.14 -1.15 -51.87
CA VAL B 99 -13.90 -1.02 -51.12
C VAL B 99 -13.43 0.41 -51.28
N PHE B 100 -13.21 1.10 -50.16
CA PHE B 100 -12.71 2.46 -50.18
C PHE B 100 -11.21 2.37 -49.99
N ASN B 101 -10.46 2.66 -51.07
CA ASN B 101 -8.98 2.72 -51.02
C ASN B 101 -8.61 4.16 -50.69
N THR B 102 -8.24 4.42 -49.43
CA THR B 102 -7.85 5.76 -49.01
C THR B 102 -6.35 6.01 -49.06
N THR B 103 -5.58 5.07 -49.60
CA THR B 103 -4.15 5.32 -49.72
C THR B 103 -3.85 5.84 -51.12
N ASP B 104 -2.59 6.20 -51.36
CA ASP B 104 -2.21 6.76 -52.65
C ASP B 104 -1.96 5.68 -53.68
N GLU B 105 -1.54 4.51 -53.23
CA GLU B 105 -1.22 3.42 -54.12
C GLU B 105 -2.48 2.63 -54.51
N SER B 106 -2.40 2.00 -55.68
CA SER B 106 -3.53 1.25 -56.20
C SER B 106 -3.82 0.05 -55.31
N PHE B 107 -5.10 -0.24 -55.20
CA PHE B 107 -5.59 -1.43 -54.51
C PHE B 107 -6.53 -2.15 -55.46
N GLU B 108 -6.48 -3.48 -55.52
CA GLU B 108 -7.60 -4.14 -56.15
C GLU B 108 -7.99 -5.42 -55.44
N SER B 109 -9.30 -5.69 -55.52
CA SER B 109 -10.06 -6.61 -54.69
C SER B 109 -10.86 -7.55 -55.56
N LEU B 110 -10.79 -8.83 -55.26
CA LEU B 110 -11.57 -9.81 -55.99
C LEU B 110 -13.07 -9.53 -55.88
N GLU B 111 -13.51 -8.89 -54.79
CA GLU B 111 -14.92 -8.65 -54.59
C GLU B 111 -15.17 -7.15 -54.54
N GLY B 112 -16.10 -6.67 -55.38
CA GLY B 112 -16.54 -5.29 -55.32
C GLY B 112 -15.71 -4.29 -56.12
N GLU B 113 -16.16 -3.05 -56.07
CA GLU B 113 -15.58 -1.94 -56.83
C GLU B 113 -14.64 -1.13 -55.93
N VAL B 114 -13.37 -1.09 -56.29
CA VAL B 114 -12.39 -0.28 -55.55
C VAL B 114 -12.41 1.14 -56.09
N PHE B 115 -12.72 2.10 -55.22
CA PHE B 115 -12.66 3.51 -55.59
C PHE B 115 -11.73 4.25 -54.64
N THR B 116 -11.33 5.44 -55.06
CA THR B 116 -10.31 6.19 -54.36
C THR B 116 -10.93 7.43 -53.75
N ILE B 117 -10.09 8.20 -53.05
CA ILE B 117 -10.56 9.47 -52.53
C ILE B 117 -10.94 10.38 -53.69
N GLU B 118 -10.17 10.32 -54.78
CA GLU B 118 -10.44 11.13 -55.96
C GLU B 118 -11.87 10.98 -56.45
N ASP B 119 -12.40 9.75 -56.45
CA ASP B 119 -13.80 9.57 -56.82
C ASP B 119 -14.77 10.37 -55.95
N ILE B 120 -14.36 10.73 -54.74
CA ILE B 120 -15.22 11.48 -53.83
C ILE B 120 -14.91 12.97 -53.85
N LYS B 121 -13.63 13.33 -53.91
CA LYS B 121 -13.25 14.74 -53.93
C LYS B 121 -13.92 15.45 -55.09
N THR B 122 -13.97 14.82 -56.25
CA THR B 122 -14.61 15.37 -57.44
C THR B 122 -15.96 14.72 -57.76
N SER B 123 -16.54 13.97 -56.83
CA SER B 123 -17.93 13.54 -57.03
C SER B 123 -18.80 14.79 -57.11
N GLN B 124 -19.90 14.69 -57.87
CA GLN B 124 -20.89 15.76 -57.95
C GLN B 124 -22.17 15.41 -57.21
N ASP B 125 -22.21 14.28 -56.50
CA ASP B 125 -23.42 13.92 -55.79
C ASP B 125 -23.74 14.98 -54.73
N PRO B 126 -25.01 15.09 -54.33
CA PRO B 126 -25.38 16.14 -53.37
C PRO B 126 -24.66 15.96 -52.05
N VAL B 127 -24.52 17.07 -51.30
CA VAL B 127 -23.85 17.03 -50.02
C VAL B 127 -24.82 16.84 -48.85
N ILE B 128 -26.13 16.78 -49.09
CA ILE B 128 -27.11 16.41 -48.06
C ILE B 128 -27.60 15.00 -48.35
N PHE B 129 -27.54 14.14 -47.31
CA PHE B 129 -27.99 12.76 -47.40
C PHE B 129 -28.60 12.30 -46.08
N ASP B 130 -29.86 11.86 -46.10
CA ASP B 130 -30.48 11.28 -44.90
C ASP B 130 -29.82 10.00 -44.47
N SER B 131 -29.30 10.03 -43.25
CA SER B 131 -28.79 8.83 -42.63
C SER B 131 -29.93 7.82 -42.53
N GLN B 132 -29.66 6.59 -42.96
CA GLN B 132 -30.66 5.53 -42.96
C GLN B 132 -30.27 4.36 -42.08
N ILE B 133 -29.24 4.54 -41.23
CA ILE B 133 -28.86 3.53 -40.24
C ILE B 133 -30.02 3.38 -39.25
N LYS B 134 -30.15 2.19 -38.69
CA LYS B 134 -31.06 2.03 -37.56
C LYS B 134 -30.37 1.21 -36.49
N ASP B 135 -31.02 1.16 -35.32
CA ASP B 135 -30.34 0.74 -34.09
C ASP B 135 -29.76 -0.66 -34.20
N ASN B 136 -30.46 -1.57 -34.86
CA ASN B 136 -30.08 -2.97 -34.94
C ASN B 136 -29.17 -3.27 -36.13
N ASP B 137 -28.83 -2.27 -36.93
CA ASP B 137 -27.92 -2.50 -38.02
C ASP B 137 -26.52 -2.77 -37.48
N THR B 138 -25.73 -3.51 -38.26
CA THR B 138 -24.33 -3.71 -37.92
C THR B 138 -23.53 -2.51 -38.39
N VAL B 139 -23.07 -1.69 -37.44
CA VAL B 139 -22.34 -0.48 -37.82
C VAL B 139 -20.94 -0.82 -38.30
N TYR B 140 -20.26 -1.74 -37.63
CA TYR B 140 -18.94 -2.12 -38.10
C TYR B 140 -18.68 -3.56 -37.75
N THR B 141 -17.80 -4.14 -38.53
CA THR B 141 -17.27 -5.47 -38.30
C THR B 141 -15.77 -5.30 -38.20
N ILE B 142 -15.23 -5.56 -37.03
CA ILE B 142 -13.80 -5.45 -36.80
C ILE B 142 -13.31 -6.87 -36.59
N PHE B 143 -12.12 -7.16 -37.12
CA PHE B 143 -11.58 -8.50 -37.07
C PHE B 143 -10.63 -8.64 -35.90
N THR B 144 -10.58 -9.88 -35.40
CA THR B 144 -9.80 -10.17 -34.20
C THR B 144 -8.32 -10.26 -34.50
N SER B 145 -7.53 -9.95 -33.48
CA SER B 145 -6.09 -9.77 -33.66
C SER B 145 -5.52 -11.05 -34.24
N GLY B 146 -5.93 -12.18 -33.67
CA GLY B 146 -5.37 -13.47 -33.98
C GLY B 146 -4.47 -14.01 -32.91
N SER B 147 -4.37 -13.34 -31.75
CA SER B 147 -3.61 -13.83 -30.61
C SER B 147 -4.25 -15.10 -30.07
N LYS B 152 -11.36 -13.72 -36.98
CA LYS B 152 -12.82 -13.63 -36.96
C LYS B 152 -13.28 -12.18 -36.78
N GLY B 153 -14.26 -11.80 -37.59
CA GLY B 153 -14.75 -10.43 -37.62
C GLY B 153 -15.83 -10.22 -36.59
N VAL B 154 -15.67 -9.24 -35.70
CA VAL B 154 -16.64 -9.04 -34.63
C VAL B 154 -17.68 -8.04 -35.10
N GLN B 155 -18.95 -8.40 -34.98
CA GLN B 155 -20.01 -7.53 -35.48
C GLN B 155 -20.68 -6.75 -34.34
N ILE B 156 -20.91 -5.46 -34.58
CA ILE B 156 -21.36 -4.56 -33.53
C ILE B 156 -22.60 -3.80 -34.00
N GLU B 157 -23.66 -3.84 -33.19
CA GLU B 157 -24.88 -3.10 -33.46
C GLU B 157 -24.66 -1.59 -33.35
N TYR B 158 -25.32 -0.83 -34.22
CA TYR B 158 -25.28 0.63 -34.14
C TYR B 158 -25.63 1.12 -32.74
N ALA B 159 -26.61 0.50 -32.10
CA ALA B 159 -27.02 0.95 -30.77
C ALA B 159 -25.94 0.75 -29.74
N SER B 160 -25.17 -0.32 -29.89
CA SER B 160 -24.02 -0.53 -29.01
C SER B 160 -23.06 0.64 -29.12
N LEU B 161 -22.85 1.13 -30.35
CA LEU B 161 -21.91 2.23 -30.54
C LEU B 161 -22.45 3.52 -29.96
N VAL B 162 -23.73 3.81 -30.22
CA VAL B 162 -24.35 5.02 -29.66
C VAL B 162 -24.22 4.99 -28.13
N GLN B 163 -24.58 3.87 -27.52
CA GLN B 163 -24.46 3.73 -26.08
C GLN B 163 -23.03 3.93 -25.61
N PHE B 164 -22.06 3.24 -26.26
CA PHE B 164 -20.65 3.33 -25.87
C PHE B 164 -20.15 4.78 -25.92
N THR B 165 -20.46 5.49 -27.02
CA THR B 165 -20.09 6.89 -27.16
C THR B 165 -20.72 7.75 -26.07
N GLU B 166 -21.98 7.49 -25.75
CA GLU B 166 -22.59 8.29 -24.71
C GLU B 166 -21.87 8.06 -23.39
N TRP B 167 -21.45 6.82 -23.15
CA TRP B 167 -20.69 6.53 -21.95
C TRP B 167 -19.38 7.32 -21.90
N MET B 168 -18.62 7.30 -23.00
CA MET B 168 -17.38 8.05 -23.07
C MET B 168 -17.63 9.55 -22.88
N LEU B 169 -18.73 10.06 -23.44
CA LEU B 169 -19.03 11.48 -23.29
C LEU B 169 -19.28 11.87 -21.85
N GLU B 170 -19.88 10.97 -21.05
CA GLU B 170 -20.02 11.29 -19.62
C GLU B 170 -18.71 11.13 -18.87
N LEU B 171 -17.94 10.10 -19.20
CA LEU B 171 -16.64 9.93 -18.55
C LEU B 171 -15.72 11.10 -18.84
N ASN B 172 -15.87 11.72 -20.01
CA ASN B 172 -15.06 12.87 -20.37
C ASN B 172 -15.31 14.06 -19.44
N LYS B 173 -14.25 14.55 -18.81
CA LYS B 173 -14.31 15.71 -17.93
C LYS B 173 -13.65 16.96 -18.53
N SER B 174 -13.09 16.88 -19.74
CA SER B 174 -12.41 18.02 -20.33
C SER B 174 -13.29 18.79 -21.31
N GLY B 175 -14.55 18.42 -21.46
CA GLY B 175 -15.46 19.23 -22.24
C GLY B 175 -15.38 19.02 -23.74
N ASN B 176 -16.05 19.91 -24.47
CA ASN B 176 -16.18 19.86 -25.91
C ASN B 176 -15.03 20.63 -26.55
N LYS B 177 -14.88 20.41 -27.88
CA LYS B 177 -13.88 21.13 -28.70
C LYS B 177 -12.45 20.91 -28.20
N GLN B 178 -12.15 19.71 -27.73
CA GLN B 178 -10.80 19.36 -27.31
C GLN B 178 -9.97 18.75 -28.45
N GLN B 179 -8.65 18.86 -28.31
CA GLN B 179 -7.72 18.13 -29.19
C GLN B 179 -7.54 16.73 -28.62
N TRP B 180 -8.07 15.73 -29.36
CA TRP B 180 -7.97 14.31 -29.00
C TRP B 180 -6.79 13.67 -29.71
N LEU B 181 -6.19 12.68 -29.06
CA LEU B 181 -5.12 11.89 -29.66
C LEU B 181 -5.60 10.45 -29.86
N ASN B 182 -5.41 9.93 -31.05
CA ASN B 182 -5.65 8.52 -31.32
C ASN B 182 -4.33 7.87 -31.72
N GLN B 183 -4.10 6.67 -31.17
CA GLN B 183 -2.96 5.84 -31.53
C GLN B 183 -3.37 4.56 -32.23
N ALA B 184 -4.53 4.00 -31.88
CA ALA B 184 -4.91 2.67 -32.37
C ALA B 184 -5.16 2.71 -33.87
N PRO B 185 -4.69 1.72 -34.62
CA PRO B 185 -5.13 1.60 -36.01
C PRO B 185 -6.61 1.36 -36.01
N PHE B 186 -7.25 1.77 -37.09
CA PHE B 186 -8.70 1.68 -37.17
C PHE B 186 -9.21 0.24 -37.25
N SER B 187 -8.34 -0.73 -37.45
CA SER B 187 -8.72 -2.14 -37.39
C SER B 187 -8.67 -2.66 -35.98
N PHE B 188 -8.32 -1.79 -35.04
CA PHE B 188 -8.25 -2.04 -33.61
C PHE B 188 -9.35 -1.18 -32.99
N ASP B 189 -10.28 -1.82 -32.30
CA ASP B 189 -11.45 -1.04 -31.90
C ASP B 189 -11.13 -0.02 -30.81
N LEU B 190 -9.89 -0.01 -30.29
CA LEU B 190 -9.51 1.07 -29.38
C LEU B 190 -9.67 2.42 -30.06
N SER B 191 -9.40 2.50 -31.37
CA SER B 191 -9.58 3.79 -32.05
C SER B 191 -11.02 4.27 -31.94
N VAL B 192 -11.98 3.35 -31.86
CA VAL B 192 -13.38 3.76 -31.72
C VAL B 192 -13.53 4.65 -30.50
N MET B 193 -12.83 4.30 -29.41
CA MET B 193 -12.87 5.06 -28.15
C MET B 193 -12.41 6.50 -28.35
N ALA B 194 -11.56 6.75 -29.35
CA ALA B 194 -11.22 8.12 -29.70
C ALA B 194 -12.13 8.70 -30.76
N ILE B 195 -12.45 7.94 -31.82
CA ILE B 195 -13.12 8.53 -32.99
C ILE B 195 -14.44 9.16 -32.58
N TYR B 196 -15.33 8.37 -32.03
CA TYR B 196 -16.69 8.83 -31.90
C TYR B 196 -16.87 9.79 -30.73
N PRO B 197 -16.32 9.53 -29.53
CA PRO B 197 -16.39 10.58 -28.48
C PRO B 197 -15.80 11.90 -28.90
N CYS B 198 -14.77 11.89 -29.74
CA CYS B 198 -14.20 13.15 -30.22
C CYS B 198 -15.18 13.85 -31.16
N LEU B 199 -15.58 13.17 -32.23
CA LEU B 199 -16.48 13.83 -33.18
C LEU B 199 -17.81 14.20 -32.53
N ALA B 200 -18.29 13.39 -31.58
CA ALA B 200 -19.56 13.68 -30.92
C ALA B 200 -19.45 14.80 -29.89
N SER B 201 -18.25 15.35 -29.64
CA SER B 201 -18.13 16.51 -28.75
C SER B 201 -17.44 17.69 -29.44
N GLY B 202 -17.38 17.69 -30.78
CA GLY B 202 -16.74 18.77 -31.51
C GLY B 202 -15.24 18.81 -31.47
N GLY B 203 -14.57 17.76 -30.95
CA GLY B 203 -13.12 17.77 -30.85
C GLY B 203 -12.41 17.56 -32.18
N THR B 204 -11.10 17.71 -32.17
CA THR B 204 -10.27 17.41 -33.32
C THR B 204 -9.55 16.08 -33.07
N LEU B 205 -9.86 15.09 -33.90
CA LEU B 205 -9.22 13.77 -33.82
C LEU B 205 -7.87 13.91 -34.49
N ASN B 206 -6.81 13.86 -33.67
CA ASN B 206 -5.43 13.94 -34.11
C ASN B 206 -4.88 12.51 -34.20
N LEU B 207 -4.27 12.17 -35.33
CA LEU B 207 -3.86 10.80 -35.67
C LEU B 207 -2.37 10.62 -35.53
N VAL B 208 -1.98 9.75 -34.60
CA VAL B 208 -0.64 9.18 -34.54
C VAL B 208 -0.57 7.98 -35.48
N ASP B 209 0.36 8.01 -36.44
CA ASP B 209 0.52 6.91 -37.38
C ASP B 209 1.68 5.97 -37.00
N LYS B 210 1.78 4.87 -37.75
CA LYS B 210 2.79 3.85 -37.47
C LYS B 210 4.19 4.43 -37.45
N ASN B 211 4.49 5.31 -38.40
CA ASN B 211 5.81 5.93 -38.44
C ASN B 211 6.13 6.66 -37.15
N MET B 212 5.15 7.42 -36.62
CA MET B 212 5.34 8.11 -35.36
C MET B 212 5.59 7.13 -34.24
N ILE B 213 4.85 6.03 -34.22
CA ILE B 213 5.09 5.00 -33.22
C ILE B 213 6.51 4.44 -33.33
N ASN B 214 7.02 4.23 -34.56
CA ASN B 214 8.37 3.66 -34.71
C ASN B 214 9.48 4.69 -34.55
N LYS B 215 9.22 5.96 -34.85
CA LYS B 215 10.27 6.98 -34.76
C LYS B 215 9.80 8.06 -33.79
N PRO B 216 10.15 7.94 -32.50
CA PRO B 216 9.59 8.87 -31.50
C PRO B 216 9.91 10.34 -31.69
N LYS B 217 11.02 10.69 -32.36
CA LYS B 217 11.22 12.10 -32.67
C LYS B 217 10.08 12.64 -33.54
N LEU B 218 9.55 11.80 -34.43
CA LEU B 218 8.39 12.25 -35.20
C LEU B 218 7.17 12.43 -34.30
N LEU B 219 7.00 11.56 -33.31
CA LEU B 219 5.90 11.75 -32.38
C LEU B 219 6.06 13.04 -31.62
N ASN B 220 7.28 13.29 -31.10
CA ASN B 220 7.56 14.50 -30.34
C ASN B 220 7.22 15.73 -31.17
N GLU B 221 7.57 15.68 -32.45
CA GLU B 221 7.25 16.80 -33.33
C GLU B 221 5.75 16.99 -33.47
N MET B 222 5.02 15.90 -33.67
CA MET B 222 3.58 16.02 -33.77
C MET B 222 2.99 16.60 -32.49
N LEU B 223 3.50 16.19 -31.33
CA LEU B 223 3.01 16.68 -30.05
C LEU B 223 3.29 18.16 -29.86
N THR B 224 4.43 18.64 -30.35
CA THR B 224 4.74 20.06 -30.20
C THR B 224 3.88 20.91 -31.15
N ALA B 225 3.52 20.35 -32.31
CA ALA B 225 2.68 21.10 -33.25
C ALA B 225 1.23 21.20 -32.78
N THR B 226 0.72 20.21 -32.05
CA THR B 226 -0.66 20.26 -31.56
C THR B 226 -0.67 20.06 -30.05
N PRO B 227 -1.21 21.01 -29.27
CA PRO B 227 -1.38 20.78 -27.83
C PRO B 227 -2.51 19.79 -27.57
N ILE B 228 -2.19 18.56 -27.27
CA ILE B 228 -3.22 17.55 -27.05
C ILE B 228 -3.86 17.76 -25.67
N ASN B 229 -5.18 17.61 -25.59
CA ASN B 229 -5.87 17.63 -24.31
C ASN B 229 -6.27 16.23 -23.83
N ILE B 230 -6.72 15.36 -24.73
CA ILE B 230 -7.28 14.06 -24.37
C ILE B 230 -6.57 12.97 -25.14
N TRP B 231 -6.15 11.93 -24.43
CA TRP B 231 -5.20 10.95 -24.92
C TRP B 231 -5.82 9.57 -24.79
N VAL B 232 -5.98 8.84 -25.91
CA VAL B 232 -6.53 7.50 -25.96
C VAL B 232 -5.50 6.55 -26.54
N SER B 233 -5.05 5.56 -25.76
CA SER B 233 -4.00 4.70 -26.26
C SER B 233 -3.90 3.44 -25.41
N THR B 234 -3.09 2.48 -25.89
CA THR B 234 -2.72 1.32 -25.10
C THR B 234 -1.78 1.73 -23.97
N PRO B 235 -1.75 0.96 -22.88
CA PRO B 235 -0.70 1.18 -21.87
C PRO B 235 0.72 1.09 -22.43
N SER B 236 1.00 0.18 -23.37
CA SER B 236 2.38 0.04 -23.83
C SER B 236 2.83 1.29 -24.59
N PHE B 237 1.93 1.83 -25.43
CA PHE B 237 2.24 3.09 -26.10
C PHE B 237 2.48 4.22 -25.09
N MET B 238 1.66 4.28 -24.04
CA MET B 238 1.87 5.30 -23.02
C MET B 238 3.23 5.14 -22.36
N GLU B 239 3.59 3.89 -22.07
CA GLU B 239 4.89 3.59 -21.47
C GLU B 239 6.03 4.07 -22.35
N MET B 240 5.91 3.86 -23.65
CA MET B 240 6.94 4.33 -24.58
C MET B 240 7.04 5.85 -24.54
N CYS B 241 5.89 6.53 -24.52
CA CYS B 241 5.88 7.99 -24.53
C CYS B 241 6.34 8.60 -23.20
N LEU B 242 6.35 7.83 -22.11
CA LEU B 242 6.94 8.39 -20.90
C LEU B 242 8.43 8.61 -21.03
N LEU B 243 9.07 8.03 -22.04
CA LEU B 243 10.48 8.29 -22.23
C LEU B 243 10.72 9.62 -22.94
N LEU B 244 9.65 10.35 -23.28
CA LEU B 244 9.80 11.72 -23.76
C LEU B 244 9.85 12.62 -22.55
N PRO B 245 11.01 13.20 -22.22
CA PRO B 245 11.08 13.93 -20.94
C PRO B 245 10.20 15.15 -20.91
N THR B 246 9.92 15.75 -22.06
CA THR B 246 9.10 16.96 -22.10
C THR B 246 7.64 16.69 -21.72
N LEU B 247 7.25 15.42 -21.63
CA LEU B 247 5.85 15.08 -21.53
C LEU B 247 5.42 15.07 -20.06
N ASN B 248 5.22 16.26 -19.54
CA ASN B 248 4.83 16.41 -18.15
C ASN B 248 3.86 17.57 -18.07
N GLU B 249 3.25 17.74 -16.91
CA GLU B 249 2.20 18.75 -16.82
C GLU B 249 2.76 20.15 -16.97
N GLU B 250 3.98 20.36 -16.47
CA GLU B 250 4.55 21.69 -16.46
C GLU B 250 4.92 22.16 -17.87
N GLN B 251 5.46 21.25 -18.69
CA GLN B 251 5.89 21.60 -20.05
C GLN B 251 4.85 21.31 -21.14
N TYR B 252 3.81 20.58 -20.84
CA TYR B 252 2.84 20.18 -21.83
C TYR B 252 1.49 20.19 -21.12
N GLY B 253 1.08 21.39 -20.71
CA GLY B 253 -0.06 21.62 -19.85
C GLY B 253 -1.40 21.46 -20.52
N SER B 254 -1.45 21.39 -21.85
CA SER B 254 -2.70 21.16 -22.54
C SER B 254 -3.29 19.81 -22.22
N LEU B 255 -2.46 18.86 -21.83
CA LEU B 255 -2.86 17.47 -21.75
C LEU B 255 -3.39 17.14 -20.37
N ASN B 256 -4.70 16.90 -20.27
CA ASN B 256 -5.25 16.70 -18.95
C ASN B 256 -6.24 15.54 -18.82
N GLU B 257 -6.34 14.65 -19.81
CA GLU B 257 -7.24 13.51 -19.70
C GLU B 257 -6.71 12.37 -20.53
N PHE B 258 -6.75 11.15 -19.97
CA PHE B 258 -6.24 9.96 -20.62
C PHE B 258 -7.25 8.83 -20.51
N PHE B 259 -7.32 8.02 -21.56
CA PHE B 259 -8.08 6.79 -21.56
C PHE B 259 -7.15 5.70 -22.06
N PHE B 260 -6.96 4.64 -21.26
CA PHE B 260 -6.13 3.49 -21.64
C PHE B 260 -6.98 2.23 -21.66
N CYS B 261 -6.72 1.36 -22.64
CA CYS B 261 -7.45 0.11 -22.79
C CYS B 261 -6.57 -0.88 -23.54
N GLY B 262 -6.90 -2.17 -23.41
CA GLY B 262 -6.29 -3.20 -24.20
C GLY B 262 -5.27 -4.06 -23.48
N GLU B 263 -4.59 -3.51 -22.46
CA GLU B 263 -3.60 -4.27 -21.72
C GLU B 263 -3.68 -3.93 -20.24
N ILE B 264 -3.06 -4.78 -19.43
CA ILE B 264 -2.79 -4.44 -18.04
C ILE B 264 -2.07 -3.12 -18.00
N LEU B 265 -2.59 -2.19 -17.21
CA LEU B 265 -1.93 -0.93 -16.95
C LEU B 265 -0.95 -1.05 -15.79
N PRO B 266 0.35 -1.10 -16.04
CA PRO B 266 1.31 -1.32 -14.93
C PRO B 266 1.18 -0.24 -13.85
N HIS B 267 1.24 -0.68 -12.59
CA HIS B 267 1.17 0.27 -11.49
C HIS B 267 2.31 1.29 -11.57
N ARG B 268 3.50 0.86 -11.96
CA ARG B 268 4.60 1.81 -12.07
C ARG B 268 4.29 2.87 -13.12
N ALA B 269 3.77 2.46 -14.29
CA ALA B 269 3.48 3.42 -15.35
C ALA B 269 2.42 4.43 -14.92
N ALA B 270 1.31 3.94 -14.35
CA ALA B 270 0.27 4.82 -13.81
C ALA B 270 0.84 5.75 -12.75
N LYS B 271 1.75 5.22 -11.91
CA LYS B 271 2.33 6.03 -10.87
C LYS B 271 3.11 7.19 -11.47
N ALA B 272 3.92 6.90 -12.49
CA ALA B 272 4.68 7.96 -13.16
C ALA B 272 3.76 8.98 -13.82
N LEU B 273 2.68 8.53 -14.45
CA LEU B 273 1.82 9.47 -15.17
C LEU B 273 1.08 10.36 -14.20
N VAL B 274 0.53 9.77 -13.13
CA VAL B 274 -0.10 10.53 -12.05
C VAL B 274 0.88 11.53 -11.46
N SER B 275 2.15 11.13 -11.33
CA SER B 275 3.15 12.05 -10.81
C SER B 275 3.37 13.22 -11.76
N ARG B 276 3.49 12.94 -13.06
CA ARG B 276 3.85 13.99 -14.00
C ARG B 276 2.66 14.84 -14.44
N PHE B 277 1.41 14.37 -14.22
CA PHE B 277 0.19 15.14 -14.46
C PHE B 277 -0.73 15.04 -13.26
N PRO B 278 -0.40 15.74 -12.18
CA PRO B 278 -1.22 15.62 -10.94
C PRO B 278 -2.67 16.03 -11.12
N SER B 279 -2.99 16.79 -12.17
CA SER B 279 -4.31 17.35 -12.41
C SER B 279 -5.09 16.58 -13.48
N ALA B 280 -4.47 15.56 -14.08
CA ALA B 280 -5.12 14.87 -15.19
C ALA B 280 -6.17 13.88 -14.71
N THR B 281 -7.23 13.76 -15.50
CA THR B 281 -8.22 12.71 -15.29
C THR B 281 -7.74 11.49 -16.07
N ILE B 282 -7.38 10.43 -15.36
CA ILE B 282 -6.81 9.22 -15.95
C ILE B 282 -7.79 8.09 -15.70
N TYR B 283 -8.23 7.45 -16.78
CA TYR B 283 -9.11 6.30 -16.68
C TYR B 283 -8.37 5.03 -17.13
N ASN B 284 -8.44 3.99 -16.30
CA ASN B 284 -8.19 2.63 -16.73
C ASN B 284 -9.51 2.06 -17.22
N THR B 285 -9.50 1.43 -18.38
CA THR B 285 -10.69 0.73 -18.88
C THR B 285 -10.34 -0.67 -19.35
N TYR B 286 -11.31 -1.58 -19.24
CA TYR B 286 -11.18 -2.94 -19.72
C TYR B 286 -12.40 -3.32 -20.57
N GLY B 287 -12.13 -4.15 -21.58
CA GLY B 287 -13.14 -4.77 -22.36
C GLY B 287 -12.56 -5.52 -23.54
N PRO B 288 -13.27 -6.52 -24.02
CA PRO B 288 -12.91 -7.18 -25.27
C PRO B 288 -13.62 -6.54 -26.47
N THR B 289 -13.11 -6.85 -27.66
CA THR B 289 -13.76 -6.38 -28.88
C THR B 289 -15.21 -6.82 -28.95
N GLU B 290 -15.50 -8.03 -28.44
CA GLU B 290 -16.83 -8.61 -28.54
C GLU B 290 -17.90 -7.88 -27.70
N ALA B 291 -17.50 -6.91 -26.88
CA ALA B 291 -18.45 -6.15 -26.10
C ALA B 291 -18.23 -4.65 -26.28
N THR B 292 -18.06 -4.22 -27.52
CA THR B 292 -17.96 -2.80 -27.89
C THR B 292 -16.89 -2.07 -27.06
N VAL B 293 -15.63 -2.38 -27.38
CA VAL B 293 -14.44 -1.61 -27.00
C VAL B 293 -14.06 -1.82 -25.53
N ALA B 294 -14.89 -1.33 -24.60
CA ALA B 294 -14.60 -1.52 -23.18
C ALA B 294 -15.92 -1.55 -22.42
N VAL B 295 -15.88 -2.13 -21.22
CA VAL B 295 -17.11 -2.22 -20.44
C VAL B 295 -16.91 -1.73 -19.01
N THR B 296 -15.67 -1.43 -18.61
CA THR B 296 -15.45 -0.88 -17.27
C THR B 296 -14.52 0.33 -17.31
N SER B 297 -14.59 1.11 -16.24
CA SER B 297 -13.68 2.23 -16.09
C SER B 297 -13.46 2.52 -14.62
N ILE B 298 -12.31 3.07 -14.31
CA ILE B 298 -11.97 3.56 -12.98
C ILE B 298 -11.01 4.71 -13.14
N GLN B 299 -11.26 5.80 -12.43
CA GLN B 299 -10.31 6.90 -12.44
C GLN B 299 -9.14 6.58 -11.53
N ILE B 300 -7.92 6.62 -12.08
CA ILE B 300 -6.73 6.31 -11.33
C ILE B 300 -6.30 7.57 -10.60
N THR B 301 -6.34 7.55 -9.28
CA THR B 301 -5.85 8.68 -8.51
C THR B 301 -4.73 8.23 -7.61
N GLN B 302 -4.15 9.22 -6.93
CA GLN B 302 -3.19 8.94 -5.88
C GLN B 302 -3.74 7.93 -4.90
N GLU B 303 -5.03 8.03 -4.56
CA GLU B 303 -5.62 7.07 -3.63
C GLU B 303 -5.71 5.69 -4.25
N ILE B 304 -6.16 5.62 -5.50
CA ILE B 304 -6.23 4.33 -6.17
C ILE B 304 -4.85 3.70 -6.28
N LEU B 305 -3.83 4.50 -6.57
CA LEU B 305 -2.46 3.98 -6.61
C LEU B 305 -1.99 3.49 -5.25
N ASP B 306 -2.13 4.33 -4.22
CA ASP B 306 -1.62 3.96 -2.89
C ASP B 306 -2.34 2.74 -2.37
N GLN B 307 -3.63 2.66 -2.65
CA GLN B 307 -4.52 1.69 -2.05
C GLN B 307 -4.60 0.38 -2.83
N TYR B 308 -4.12 0.33 -4.08
CA TYR B 308 -4.21 -0.85 -4.93
C TYR B 308 -2.84 -1.25 -5.46
N PRO B 309 -2.27 -2.37 -5.01
CA PRO B 309 -0.90 -2.72 -5.44
C PRO B 309 -0.80 -2.95 -6.93
N THR B 310 -1.83 -3.57 -7.49
CA THR B 310 -2.12 -3.63 -8.92
C THR B 310 -3.52 -3.06 -9.15
N LEU B 311 -3.67 -2.32 -10.26
CA LEU B 311 -4.86 -1.50 -10.49
C LEU B 311 -6.08 -2.35 -10.83
N PRO B 312 -7.23 -2.03 -10.28
CA PRO B 312 -8.48 -2.60 -10.80
C PRO B 312 -8.82 -1.94 -12.13
N VAL B 313 -9.81 -2.54 -12.82
CA VAL B 313 -10.36 -1.98 -14.05
C VAL B 313 -11.71 -1.29 -13.83
N GLY B 314 -12.25 -1.35 -12.61
CA GLY B 314 -13.36 -0.50 -12.25
C GLY B 314 -14.71 -1.19 -12.28
N VAL B 315 -15.76 -0.44 -12.62
CA VAL B 315 -17.14 -0.89 -12.50
C VAL B 315 -17.79 -0.92 -13.87
N GLU B 316 -18.80 -1.76 -14.01
CA GLU B 316 -19.43 -1.95 -15.30
C GLU B 316 -20.19 -0.70 -15.73
N ARG B 317 -20.46 -0.60 -17.04
CA ARG B 317 -21.24 0.45 -17.68
C ARG B 317 -22.60 -0.04 -18.17
N LEU B 318 -23.47 0.92 -18.46
CA LEU B 318 -24.80 0.61 -19.00
C LEU B 318 -24.68 -0.12 -20.33
N GLY B 319 -25.41 -1.23 -20.45
CA GLY B 319 -25.29 -2.15 -21.56
C GLY B 319 -24.37 -3.33 -21.29
N ALA B 320 -23.71 -3.35 -20.14
CA ALA B 320 -22.75 -4.40 -19.81
C ALA B 320 -22.96 -4.83 -18.36
N ARG B 321 -23.64 -5.96 -18.17
CA ARG B 321 -23.83 -6.56 -16.86
C ARG B 321 -22.80 -7.68 -16.72
N LEU B 322 -21.90 -7.54 -15.77
CA LEU B 322 -20.80 -8.46 -15.62
C LEU B 322 -21.17 -9.47 -14.55
N SER B 323 -20.84 -10.73 -14.81
CA SER B 323 -20.99 -11.76 -13.81
C SER B 323 -19.74 -12.59 -13.91
N THR B 324 -19.51 -13.41 -12.91
CA THR B 324 -18.34 -14.28 -12.91
C THR B 324 -18.81 -15.71 -12.72
N THR B 325 -18.49 -16.56 -13.70
CA THR B 325 -18.69 -17.99 -13.54
C THR B 325 -17.88 -18.46 -12.33
N ASP B 326 -18.32 -19.60 -11.78
CA ASP B 326 -17.69 -20.18 -10.59
C ASP B 326 -16.28 -20.70 -10.84
N ASP B 327 -15.77 -20.68 -12.07
CA ASP B 327 -14.35 -20.89 -12.31
C ASP B 327 -13.58 -19.57 -12.41
N GLY B 328 -14.30 -18.45 -12.37
CA GLY B 328 -13.69 -17.13 -12.42
C GLY B 328 -13.81 -16.44 -13.76
N GLU B 329 -14.34 -17.12 -14.77
CA GLU B 329 -14.40 -16.55 -16.10
C GLU B 329 -15.49 -15.48 -16.09
N LEU B 330 -15.13 -14.25 -16.44
CA LEU B 330 -16.12 -13.20 -16.46
C LEU B 330 -16.98 -13.31 -17.71
N VAL B 331 -18.25 -13.00 -17.53
CA VAL B 331 -19.27 -13.04 -18.55
C VAL B 331 -19.87 -11.64 -18.64
N ILE B 332 -20.15 -11.19 -19.85
CA ILE B 332 -20.74 -9.88 -20.09
C ILE B 332 -22.09 -10.10 -20.74
N GLU B 333 -23.13 -9.44 -20.22
CA GLU B 333 -24.49 -9.60 -20.71
C GLU B 333 -25.02 -8.21 -21.03
N GLY B 334 -25.64 -8.04 -22.18
CA GLY B 334 -26.30 -6.78 -22.39
C GLY B 334 -26.09 -6.24 -23.78
N GLN B 335 -26.47 -4.97 -23.92
CA GLN B 335 -26.45 -4.30 -25.21
C GLN B 335 -25.04 -4.19 -25.77
N SER B 336 -24.02 -4.17 -24.90
CA SER B 336 -22.65 -4.05 -25.37
C SER B 336 -22.20 -5.29 -26.12
N VAL B 337 -22.90 -6.40 -25.93
CA VAL B 337 -22.49 -7.65 -26.53
C VAL B 337 -22.65 -7.58 -28.04
N SER B 338 -21.66 -8.10 -28.73
CA SER B 338 -21.70 -8.17 -30.18
C SER B 338 -22.85 -9.05 -30.64
N LEU B 339 -23.23 -8.91 -31.91
CA LEU B 339 -24.16 -9.87 -32.47
C LEU B 339 -23.49 -11.21 -32.79
N GLY B 340 -22.16 -11.25 -32.87
CA GLY B 340 -21.39 -12.44 -33.17
C GLY B 340 -20.42 -12.25 -34.34
N TYR B 341 -19.61 -13.29 -34.55
CA TYR B 341 -18.64 -13.30 -35.63
C TYR B 341 -19.37 -13.57 -36.95
N LEU B 342 -18.82 -13.02 -38.04
CA LEU B 342 -19.50 -13.06 -39.33
C LEU B 342 -19.29 -14.39 -40.06
N LYS B 343 -20.41 -15.01 -40.45
CA LYS B 343 -20.43 -16.27 -41.17
C LYS B 343 -19.40 -17.25 -40.59
N ASN B 344 -19.42 -17.34 -39.23
CA ASN B 344 -18.60 -18.26 -38.44
C ASN B 344 -19.41 -18.79 -37.25
N ASP B 345 -20.39 -19.64 -37.56
CA ASP B 345 -21.34 -20.17 -36.59
C ASP B 345 -20.68 -20.97 -35.46
N GLN B 346 -19.67 -21.76 -35.75
CA GLN B 346 -19.10 -22.55 -34.67
C GLN B 346 -18.40 -21.65 -33.66
N LYS B 347 -17.57 -20.72 -34.15
CA LYS B 347 -16.84 -19.80 -33.27
C LYS B 347 -17.77 -18.93 -32.48
N THR B 348 -18.94 -18.66 -33.05
CA THR B 348 -19.97 -17.92 -32.36
C THR B 348 -20.66 -18.72 -31.24
N ALA B 349 -21.06 -19.95 -31.52
CA ALA B 349 -21.74 -20.74 -30.51
C ALA B 349 -20.85 -20.99 -29.32
N GLU B 350 -19.55 -20.93 -29.56
CA GLU B 350 -18.61 -21.48 -28.60
C GLU B 350 -18.41 -20.49 -27.42
N VAL B 351 -18.58 -19.17 -27.65
CA VAL B 351 -18.44 -18.18 -26.57
C VAL B 351 -19.64 -17.23 -26.46
N PHE B 352 -20.51 -17.22 -27.47
CA PHE B 352 -21.70 -16.37 -27.43
C PHE B 352 -22.94 -17.18 -27.08
N ASN B 353 -23.71 -16.72 -26.10
CA ASN B 353 -25.05 -17.24 -25.88
C ASN B 353 -26.03 -16.08 -25.81
N PHE B 354 -26.85 -15.92 -26.85
CA PHE B 354 -27.88 -14.91 -26.88
C PHE B 354 -29.21 -15.57 -27.22
N ASP B 355 -29.87 -16.13 -26.21
CA ASP B 355 -31.20 -16.65 -26.43
C ASP B 355 -32.20 -15.85 -25.62
N ASP B 356 -33.42 -15.79 -26.16
CA ASP B 356 -34.55 -15.06 -25.58
C ASP B 356 -34.37 -13.55 -25.68
N GLY B 357 -33.49 -13.12 -26.60
CA GLY B 357 -33.12 -11.73 -26.85
C GLY B 357 -32.05 -11.16 -25.93
N ILE B 358 -31.75 -11.84 -24.83
CA ILE B 358 -30.65 -11.45 -23.96
C ILE B 358 -29.36 -11.85 -24.64
N ARG B 359 -28.29 -11.06 -24.46
CA ARG B 359 -27.01 -11.37 -25.11
C ARG B 359 -25.90 -11.50 -24.07
N THR B 360 -25.16 -12.61 -24.15
CA THR B 360 -24.06 -12.94 -23.25
C THR B 360 -22.79 -13.37 -23.99
N TYR B 361 -21.64 -13.00 -23.40
CA TYR B 361 -20.36 -13.29 -24.02
C TYR B 361 -19.43 -13.83 -22.94
N HIS B 362 -18.78 -14.95 -23.23
CA HIS B 362 -17.83 -15.56 -22.31
C HIS B 362 -16.43 -15.07 -22.68
N THR B 363 -15.74 -14.49 -21.70
CA THR B 363 -14.62 -13.60 -21.94
C THR B 363 -13.27 -14.28 -22.02
N GLY B 364 -13.08 -15.40 -21.35
CA GLY B 364 -11.76 -16.01 -21.30
C GLY B 364 -10.78 -15.34 -20.37
N ASP B 365 -11.18 -14.32 -19.62
CA ASP B 365 -10.30 -13.68 -18.64
C ASP B 365 -10.75 -14.09 -17.24
N LYS B 366 -9.80 -14.43 -16.39
CA LYS B 366 -10.12 -14.62 -14.99
C LYS B 366 -10.33 -13.26 -14.34
N ALA B 367 -11.53 -13.02 -13.83
CA ALA B 367 -11.85 -11.77 -13.17
C ALA B 367 -12.33 -12.04 -11.75
N LYS B 368 -12.12 -11.07 -10.88
CA LYS B 368 -12.58 -11.17 -9.51
C LYS B 368 -13.12 -9.81 -9.12
N PHE B 369 -14.21 -9.83 -8.36
CA PHE B 369 -14.83 -8.60 -7.89
C PHE B 369 -14.55 -8.46 -6.40
N GLU B 370 -13.83 -7.42 -6.01
CA GLU B 370 -13.58 -7.21 -4.59
C GLU B 370 -13.90 -5.75 -4.27
N ASN B 371 -14.69 -5.57 -3.21
CA ASN B 371 -15.17 -4.29 -2.68
C ASN B 371 -15.42 -3.27 -3.79
N GLY B 372 -16.45 -3.57 -4.56
CA GLY B 372 -16.98 -2.69 -5.57
C GLY B 372 -16.17 -2.55 -6.84
N GLN B 373 -15.10 -3.32 -7.02
CA GLN B 373 -14.26 -3.15 -8.20
C GLN B 373 -13.87 -4.48 -8.84
N TRP B 374 -13.88 -4.48 -10.17
CA TRP B 374 -13.41 -5.62 -10.94
C TRP B 374 -11.89 -5.59 -11.11
N PHE B 375 -11.29 -6.78 -11.12
CA PHE B 375 -9.87 -6.97 -11.42
C PHE B 375 -9.74 -8.01 -12.50
N ILE B 376 -8.87 -7.74 -13.47
CA ILE B 376 -8.55 -8.72 -14.48
C ILE B 376 -7.23 -9.36 -14.06
N GLN B 377 -7.25 -10.67 -13.85
CA GLN B 377 -6.05 -11.29 -13.33
C GLN B 377 -5.22 -11.92 -14.41
N GLY B 378 -5.85 -12.55 -15.39
CA GLY B 378 -5.11 -13.10 -16.50
C GLY B 378 -6.04 -13.61 -17.57
N ARG B 379 -5.46 -13.84 -18.74
CA ARG B 379 -6.18 -14.58 -19.76
C ARG B 379 -6.09 -16.05 -19.38
N ILE B 380 -7.22 -16.77 -19.48
CA ILE B 380 -7.26 -18.16 -19.02
C ILE B 380 -6.15 -19.00 -19.67
N ASP B 381 -5.86 -18.73 -20.95
CA ASP B 381 -4.83 -19.48 -21.66
C ASP B 381 -3.44 -19.30 -21.07
N PHE B 382 -3.17 -18.14 -20.49
CA PHE B 382 -1.85 -17.81 -19.97
C PHE B 382 -1.70 -18.26 -18.53
N GLN B 383 -2.30 -19.40 -18.20
CA GLN B 383 -2.20 -20.00 -16.87
C GLN B 383 -1.22 -21.15 -16.96
N ILE B 384 -0.32 -21.27 -15.99
CA ILE B 384 0.67 -22.35 -16.02
C ILE B 384 0.58 -23.17 -14.74
N LYS B 385 0.79 -24.47 -14.87
CA LYS B 385 1.06 -25.32 -13.73
C LYS B 385 2.54 -25.72 -13.79
N LEU B 386 3.28 -25.29 -12.78
CA LEU B 386 4.65 -25.71 -12.55
C LEU B 386 4.72 -26.18 -11.10
N ASN B 387 5.36 -27.33 -10.86
CA ASN B 387 5.34 -27.99 -9.55
C ASN B 387 3.91 -28.20 -9.08
N GLY B 388 3.03 -28.55 -10.02
CA GLY B 388 1.63 -28.77 -9.71
C GLY B 388 0.93 -27.56 -9.15
N TYR B 389 1.58 -26.40 -9.19
CA TYR B 389 0.96 -25.16 -8.76
C TYR B 389 0.60 -24.29 -9.94
N ARG B 390 -0.30 -23.34 -9.65
CA ARG B 390 -0.99 -22.58 -10.70
C ARG B 390 -1.08 -21.09 -10.34
N MET B 391 -0.43 -20.29 -11.18
CA MET B 391 -0.55 -18.85 -11.37
C MET B 391 -0.78 -18.51 -12.86
N GLU B 392 -1.28 -17.28 -13.08
CA GLU B 392 -1.53 -16.68 -14.39
C GLU B 392 -0.27 -15.92 -14.78
N LEU B 393 0.09 -16.06 -16.05
CA LEU B 393 1.42 -15.63 -16.46
C LEU B 393 1.57 -14.16 -16.12
N GLU B 394 0.46 -13.44 -16.21
CA GLU B 394 0.43 -12.02 -15.92
C GLU B 394 0.83 -11.76 -14.48
N GLU B 395 0.44 -12.66 -13.57
CA GLU B 395 0.74 -12.45 -12.17
C GLU B 395 2.24 -12.51 -11.91
N ILE B 396 2.91 -13.49 -12.50
CA ILE B 396 4.38 -13.57 -12.45
C ILE B 396 4.98 -12.30 -13.01
N GLU B 397 4.45 -11.84 -14.15
CA GLU B 397 5.02 -10.65 -14.78
C GLU B 397 4.84 -9.44 -13.86
N THR B 398 3.69 -9.35 -13.17
CA THR B 398 3.46 -8.24 -12.25
C THR B 398 4.47 -8.26 -11.13
N GLN B 399 4.72 -9.45 -10.56
CA GLN B 399 5.73 -9.57 -9.52
C GLN B 399 7.11 -9.11 -10.01
N LEU B 400 7.47 -9.46 -11.24
CA LEU B 400 8.72 -8.96 -11.79
C LEU B 400 8.73 -7.43 -11.89
N ARG B 401 7.61 -6.83 -12.33
CA ARG B 401 7.60 -5.37 -12.46
C ARG B 401 7.77 -4.66 -11.11
N GLN B 402 7.28 -5.26 -10.03
CA GLN B 402 7.47 -4.71 -8.66
C GLN B 402 8.85 -5.12 -8.15
N SER B 403 9.87 -4.56 -8.79
CA SER B 403 11.26 -4.80 -8.40
C SER B 403 12.10 -3.70 -8.99
N GLU B 404 12.96 -3.10 -8.17
CA GLU B 404 13.68 -1.93 -8.63
C GLU B 404 14.53 -2.20 -9.87
N PHE B 405 14.92 -3.46 -10.13
CA PHE B 405 15.79 -3.75 -11.27
C PHE B 405 15.04 -3.98 -12.58
N VAL B 406 13.73 -4.11 -12.52
CA VAL B 406 12.90 -4.35 -13.70
C VAL B 406 12.13 -3.08 -14.04
N LYS B 407 12.30 -2.59 -15.26
CA LYS B 407 11.36 -1.54 -15.64
C LYS B 407 10.15 -2.17 -16.32
N GLU B 408 10.37 -3.26 -17.06
CA GLU B 408 9.23 -3.91 -17.71
C GLU B 408 9.58 -5.38 -17.91
N ALA B 409 8.58 -6.27 -17.94
CA ALA B 409 8.96 -7.67 -18.04
C ALA B 409 7.85 -8.54 -18.63
N ILE B 410 8.22 -9.50 -19.50
CA ILE B 410 7.31 -10.53 -20.01
C ILE B 410 7.95 -11.90 -19.80
N VAL B 411 7.16 -12.89 -19.36
CA VAL B 411 7.62 -14.23 -19.01
C VAL B 411 7.17 -15.26 -20.05
N VAL B 412 8.12 -16.03 -20.55
CA VAL B 412 7.92 -17.03 -21.61
C VAL B 412 7.93 -18.42 -20.96
N PRO B 413 6.85 -19.19 -21.06
CA PRO B 413 6.94 -20.59 -20.65
C PRO B 413 7.71 -21.37 -21.70
N VAL B 414 8.47 -22.38 -21.25
CA VAL B 414 9.18 -23.27 -22.16
C VAL B 414 8.65 -24.67 -21.94
N TYR B 415 8.50 -25.42 -23.04
CA TYR B 415 7.79 -26.68 -23.03
C TYR B 415 8.68 -27.80 -23.54
N LYS B 416 8.19 -29.02 -23.35
CA LYS B 416 8.51 -30.19 -24.16
C LYS B 416 7.60 -31.32 -23.71
N ASN B 417 7.27 -32.20 -24.66
CA ASN B 417 6.28 -33.25 -24.44
C ASN B 417 4.95 -32.62 -24.02
N ASP B 418 4.66 -31.44 -24.58
CA ASP B 418 3.40 -30.72 -24.35
C ASP B 418 3.19 -30.45 -22.86
N LYS B 419 4.16 -29.76 -22.26
CA LYS B 419 4.11 -29.36 -20.85
C LYS B 419 5.27 -28.42 -20.54
N VAL B 420 4.97 -27.40 -19.73
CA VAL B 420 5.94 -26.37 -19.35
C VAL B 420 7.05 -26.95 -18.49
N ILE B 421 8.30 -26.57 -18.78
CA ILE B 421 9.46 -27.11 -18.09
C ILE B 421 10.10 -26.08 -17.16
N HIS B 422 10.14 -24.83 -17.57
CA HIS B 422 10.65 -23.72 -16.77
C HIS B 422 10.20 -22.42 -17.44
N LEU B 423 10.63 -21.29 -16.87
CA LEU B 423 10.27 -19.99 -17.38
C LEU B 423 11.52 -19.20 -17.69
N ILE B 424 11.46 -18.41 -18.75
CA ILE B 424 12.51 -17.45 -19.10
C ILE B 424 11.88 -16.06 -19.03
N GLY B 425 12.54 -15.14 -18.32
CA GLY B 425 12.01 -13.78 -18.23
C GLY B 425 12.71 -12.75 -19.09
N ALA B 426 12.03 -12.28 -20.13
CA ALA B 426 12.56 -11.19 -20.94
C ALA B 426 12.32 -9.88 -20.19
N ILE B 427 13.40 -9.15 -19.91
CA ILE B 427 13.35 -8.02 -19.00
C ILE B 427 13.88 -6.78 -19.71
N VAL B 428 13.13 -5.68 -19.61
CA VAL B 428 13.67 -4.34 -19.76
C VAL B 428 14.11 -3.87 -18.38
N PRO B 429 15.41 -3.73 -18.13
CA PRO B 429 15.89 -3.35 -16.80
C PRO B 429 15.79 -1.85 -16.54
N THR B 430 15.69 -1.49 -15.25
CA THR B 430 15.64 -0.08 -14.89
C THR B 430 16.95 0.63 -15.19
N THR B 431 18.02 -0.14 -15.30
CA THR B 431 19.35 0.36 -15.63
C THR B 431 19.93 -0.58 -16.67
N GLU B 432 20.67 -0.03 -17.63
CA GLU B 432 21.34 -0.90 -18.59
C GLU B 432 22.24 -1.88 -17.84
N VAL B 433 22.20 -3.14 -18.24
CA VAL B 433 22.73 -4.14 -17.34
C VAL B 433 24.16 -4.45 -17.73
N THR B 434 25.03 -3.53 -17.33
CA THR B 434 26.48 -3.60 -17.32
C THR B 434 27.03 -5.02 -17.18
N ASP B 435 26.50 -5.81 -16.26
CA ASP B 435 27.07 -7.11 -15.92
C ASP B 435 25.98 -8.18 -15.99
N ASN B 436 26.36 -9.37 -16.45
CA ASN B 436 25.41 -10.43 -16.73
C ASN B 436 25.09 -11.29 -15.50
N ALA B 437 26.10 -11.74 -14.75
CA ALA B 437 25.86 -12.60 -13.59
C ALA B 437 25.04 -11.87 -12.51
N GLU B 438 25.40 -10.62 -12.23
CA GLU B 438 24.87 -9.95 -11.04
C GLU B 438 23.38 -9.66 -11.17
N MET B 439 22.91 -9.27 -12.36
CA MET B 439 21.51 -8.90 -12.45
C MET B 439 20.62 -10.12 -12.28
N THR B 440 20.98 -11.24 -12.91
CA THR B 440 20.25 -12.47 -12.66
C THR B 440 20.19 -12.75 -11.17
N LYS B 441 21.35 -12.65 -10.50
CA LYS B 441 21.40 -12.83 -9.04
C LYS B 441 20.43 -11.89 -8.33
N ASN B 442 20.45 -10.60 -8.68
CA ASN B 442 19.68 -9.58 -7.95
C ASN B 442 18.18 -9.69 -8.19
N ILE B 443 17.77 -10.03 -9.42
CA ILE B 443 16.35 -10.14 -9.69
C ILE B 443 15.79 -11.34 -8.96
N LYS B 444 16.52 -12.46 -8.99
CA LYS B 444 16.06 -13.64 -8.27
C LYS B 444 15.97 -13.37 -6.77
N ASN B 445 16.99 -12.73 -6.19
CA ASN B 445 16.97 -12.44 -4.76
C ASN B 445 15.84 -11.48 -4.40
N ASP B 446 15.58 -10.49 -5.25
CA ASP B 446 14.47 -9.58 -5.04
C ASP B 446 13.14 -10.34 -5.07
N LEU B 447 13.11 -11.48 -5.78
CA LEU B 447 11.90 -12.26 -5.91
C LEU B 447 11.57 -13.10 -4.67
N LYS B 448 12.58 -13.42 -3.84
CA LYS B 448 12.41 -14.22 -2.62
C LYS B 448 11.18 -13.77 -1.83
N SER B 449 10.88 -12.47 -1.87
CA SER B 449 9.75 -11.91 -1.12
C SER B 449 8.42 -12.08 -1.86
N ARG B 450 8.41 -12.00 -3.19
CA ARG B 450 7.16 -11.84 -3.91
C ARG B 450 6.67 -13.07 -4.62
N LEU B 451 7.46 -14.14 -4.66
CA LEU B 451 7.12 -15.31 -5.45
C LEU B 451 7.59 -16.59 -4.80
N PRO B 452 6.78 -17.65 -4.84
CA PRO B 452 7.26 -18.97 -4.42
C PRO B 452 8.28 -19.46 -5.43
N GLU B 453 9.44 -19.90 -4.91
CA GLU B 453 10.60 -20.34 -5.69
C GLU B 453 10.30 -20.90 -7.07
N TYR B 454 9.40 -21.87 -7.17
CA TYR B 454 9.18 -22.59 -8.43
C TYR B 454 8.57 -21.70 -9.51
N MET B 455 7.96 -20.58 -9.14
CA MET B 455 7.43 -19.62 -10.10
C MET B 455 8.42 -18.51 -10.45
N ILE B 456 9.66 -18.58 -9.96
CA ILE B 456 10.74 -17.68 -10.38
C ILE B 456 11.44 -18.28 -11.59
N PRO B 457 11.63 -17.52 -12.67
CA PRO B 457 12.30 -18.05 -13.87
C PRO B 457 13.77 -18.43 -13.66
N ARG B 458 14.18 -19.48 -14.38
CA ARG B 458 15.60 -19.88 -14.42
C ARG B 458 16.46 -18.79 -15.06
N LYS B 459 16.18 -18.46 -16.32
CA LYS B 459 16.90 -17.45 -17.08
C LYS B 459 16.17 -16.11 -17.13
N PHE B 460 16.95 -15.06 -17.43
CA PHE B 460 16.47 -13.75 -17.84
C PHE B 460 17.14 -13.41 -19.18
N GLU B 461 16.39 -12.72 -20.03
CA GLU B 461 16.85 -12.23 -21.33
C GLU B 461 16.66 -10.71 -21.35
N TRP B 462 17.72 -9.96 -21.10
CA TRP B 462 17.58 -8.52 -20.97
C TRP B 462 17.39 -7.87 -22.34
N MET B 463 16.32 -7.10 -22.50
CA MET B 463 15.94 -6.49 -23.77
C MET B 463 15.89 -4.98 -23.61
N GLU B 464 16.60 -4.25 -24.49
CA GLU B 464 16.52 -2.80 -24.50
C GLU B 464 15.07 -2.34 -24.55
N GLN B 465 14.27 -2.92 -25.42
CA GLN B 465 12.90 -2.49 -25.59
C GLN B 465 12.04 -3.70 -25.92
N LEU B 466 10.84 -3.71 -25.42
CA LEU B 466 10.01 -4.83 -25.80
C LEU B 466 9.29 -4.50 -27.12
N PRO B 467 9.21 -5.45 -28.06
CA PRO B 467 8.56 -5.13 -29.33
C PRO B 467 7.07 -4.97 -29.13
N LEU B 468 6.44 -4.14 -29.97
CA LEU B 468 4.99 -3.96 -29.89
C LEU B 468 4.31 -4.54 -31.11
N THR B 469 3.14 -5.11 -30.89
CA THR B 469 2.25 -5.52 -31.96
C THR B 469 1.90 -4.32 -32.88
N SER B 470 1.23 -4.63 -34.00
CA SER B 470 0.76 -3.56 -34.90
C SER B 470 -0.26 -2.65 -34.22
N ASN B 471 -1.05 -3.20 -33.28
CA ASN B 471 -2.04 -2.48 -32.50
C ASN B 471 -1.45 -1.72 -31.30
N GLY B 472 -0.14 -1.83 -31.05
CA GLY B 472 0.49 -1.14 -29.94
C GLY B 472 0.49 -1.89 -28.61
N LYS B 473 0.20 -3.19 -28.63
CA LYS B 473 0.32 -4.03 -27.44
C LYS B 473 1.70 -4.72 -27.43
N ILE B 474 2.06 -5.26 -26.28
CA ILE B 474 3.28 -6.05 -26.21
C ILE B 474 3.12 -7.26 -27.12
N ASP B 475 4.12 -7.50 -27.96
CA ASP B 475 4.08 -8.57 -28.95
C ASP B 475 4.62 -9.84 -28.30
N ARG B 476 3.74 -10.63 -27.67
CA ARG B 476 4.21 -11.86 -27.02
C ARG B 476 4.87 -12.81 -28.02
N LYS B 477 4.21 -13.10 -29.15
CA LYS B 477 4.78 -14.03 -30.14
C LYS B 477 6.22 -13.63 -30.52
N LYS B 478 6.41 -12.37 -30.92
CA LYS B 478 7.73 -11.89 -31.33
C LYS B 478 8.73 -11.96 -30.17
N ILE B 479 8.26 -11.80 -28.93
CA ILE B 479 9.14 -11.97 -27.78
C ILE B 479 9.54 -13.44 -27.63
N ALA B 480 8.60 -14.34 -27.89
CA ALA B 480 8.91 -15.77 -27.87
C ALA B 480 10.01 -16.12 -28.86
N GLU B 481 9.98 -15.53 -30.06
CA GLU B 481 10.96 -15.93 -31.06
C GLU B 481 12.39 -15.55 -30.69
N VAL B 482 12.58 -14.44 -29.98
CA VAL B 482 13.94 -14.05 -29.64
C VAL B 482 14.55 -15.04 -28.66
N ILE B 483 13.71 -15.60 -27.78
CA ILE B 483 14.12 -16.58 -26.76
C ILE B 483 14.32 -17.96 -27.37
N ASN B 484 13.42 -18.36 -28.27
CA ASN B 484 13.37 -19.71 -28.85
C ASN B 484 14.41 -19.87 -29.97
N GLY B 485 15.67 -19.90 -29.55
CA GLY B 485 16.77 -20.09 -30.49
C GLY B 485 17.48 -18.80 -30.84
N MET C 1 -4.51 -68.15 14.25
CA MET C 1 -3.87 -69.07 13.32
C MET C 1 -4.62 -69.32 12.00
N THR C 2 -5.02 -68.27 11.27
CA THR C 2 -4.82 -66.87 11.63
C THR C 2 -6.08 -66.29 12.27
N ASP C 3 -6.93 -67.13 12.84
CA ASP C 3 -8.21 -66.59 13.25
C ASP C 3 -8.07 -65.98 14.63
N ILE C 4 -8.82 -64.91 14.86
CA ILE C 4 -8.60 -64.09 16.05
C ILE C 4 -9.00 -64.84 17.30
N ILE C 5 -10.16 -65.50 17.26
CA ILE C 5 -10.60 -66.26 18.43
C ILE C 5 -9.60 -67.35 18.77
N ASN C 6 -9.11 -68.07 17.75
CA ASN C 6 -8.12 -69.11 18.02
C ASN C 6 -6.86 -68.51 18.58
N LYS C 7 -6.36 -67.44 17.95
CA LYS C 7 -5.08 -66.90 18.37
C LYS C 7 -5.14 -66.44 19.83
N LEU C 8 -6.22 -65.77 20.21
CA LEU C 8 -6.38 -65.41 21.62
C LEU C 8 -6.48 -66.64 22.48
N GLN C 9 -7.12 -67.68 21.95
CA GLN C 9 -7.30 -68.89 22.73
C GLN C 9 -5.98 -69.60 23.00
N ALA C 10 -5.09 -69.64 22.02
CA ALA C 10 -3.77 -70.23 22.25
C ALA C 10 -3.01 -69.43 23.30
N PHE C 11 -2.98 -68.10 23.17
CA PHE C 11 -2.26 -67.34 24.18
C PHE C 11 -2.88 -67.52 25.57
N ALA C 12 -4.21 -67.57 25.63
CA ALA C 12 -4.92 -67.77 26.89
C ALA C 12 -4.69 -69.18 27.46
N ASP C 13 -4.44 -70.18 26.60
CA ASP C 13 -4.14 -71.51 27.13
C ASP C 13 -2.74 -71.58 27.68
N ALA C 14 -1.78 -71.04 26.92
CA ALA C 14 -0.37 -71.12 27.29
C ALA C 14 -0.05 -70.21 28.48
N ASN C 15 -0.75 -69.10 28.62
CA ASN C 15 -0.48 -68.13 29.69
C ASN C 15 -1.79 -67.62 30.30
N PRO C 16 -2.56 -68.51 30.94
CA PRO C 16 -3.90 -68.10 31.40
C PRO C 16 -3.94 -66.93 32.38
N GLN C 17 -2.92 -66.72 33.20
CA GLN C 17 -3.00 -65.64 34.18
C GLN C 17 -2.23 -64.40 33.76
N SER C 18 -1.68 -64.39 32.54
CA SER C 18 -1.10 -63.17 31.98
C SER C 18 -2.22 -62.16 31.78
N ILE C 19 -1.94 -60.88 32.03
CA ILE C 19 -2.97 -59.84 31.98
C ILE C 19 -3.29 -59.47 30.54
N ALA C 20 -4.56 -59.60 30.16
CA ALA C 20 -5.09 -59.30 28.84
C ALA C 20 -5.49 -57.82 28.67
N VAL C 21 -6.09 -57.20 29.70
CA VAL C 21 -6.48 -55.80 29.65
C VAL C 21 -6.22 -55.18 31.02
N ARG C 22 -5.73 -53.94 31.04
CA ARG C 22 -5.48 -53.20 32.29
C ARG C 22 -5.95 -51.75 32.15
N HIS C 23 -6.72 -51.29 33.12
CA HIS C 23 -7.15 -49.90 33.20
C HIS C 23 -6.96 -49.43 34.63
N THR C 24 -6.00 -48.51 34.86
CA THR C 24 -5.62 -48.12 36.22
C THR C 24 -5.47 -49.40 37.02
N THR C 25 -6.12 -49.49 38.17
CA THR C 25 -6.09 -50.71 38.99
C THR C 25 -6.87 -51.90 38.47
N ASP C 26 -7.81 -51.70 37.55
CA ASP C 26 -8.62 -52.80 37.02
C ASP C 26 -7.80 -53.64 36.06
N GLU C 27 -7.74 -54.94 36.31
CA GLU C 27 -7.02 -55.88 35.48
C GLU C 27 -7.91 -57.05 35.17
N LEU C 28 -7.71 -57.65 33.99
CA LEU C 28 -8.36 -58.88 33.58
C LEU C 28 -7.34 -59.78 32.89
N THR C 29 -7.21 -61.02 33.37
CA THR C 29 -6.29 -61.98 32.79
C THR C 29 -6.84 -62.55 31.48
N TYR C 30 -5.96 -63.20 30.71
CA TYR C 30 -6.42 -63.89 29.49
C TYR C 30 -7.49 -64.93 29.83
N GLN C 31 -7.31 -65.62 30.96
CA GLN C 31 -8.31 -66.57 31.44
C GLN C 31 -9.64 -65.89 31.73
N GLN C 32 -9.63 -64.80 32.52
CA GLN C 32 -10.87 -64.11 32.82
C GLN C 32 -11.54 -63.57 31.56
N LEU C 33 -10.74 -63.07 30.60
CA LEU C 33 -11.30 -62.56 29.35
C LEU C 33 -12.07 -63.64 28.60
N MET C 34 -11.44 -64.82 28.41
CA MET C 34 -12.13 -65.87 27.65
C MET C 34 -13.33 -66.40 28.44
N ASP C 35 -13.19 -66.51 29.76
CA ASP C 35 -14.29 -66.99 30.59
C ASP C 35 -15.51 -66.09 30.41
N GLU C 36 -15.35 -64.81 30.76
CA GLU C 36 -16.49 -63.89 30.73
C GLU C 36 -17.00 -63.70 29.31
N SER C 37 -16.11 -63.70 28.31
CA SER C 37 -16.59 -63.49 26.96
C SER C 37 -17.48 -64.64 26.56
N SER C 38 -17.11 -65.86 26.96
CA SER C 38 -17.95 -67.02 26.71
C SER C 38 -19.31 -66.87 27.38
N LYS C 39 -19.32 -66.39 28.62
CA LYS C 39 -20.59 -66.21 29.35
C LYS C 39 -21.50 -65.19 28.65
N LEU C 40 -20.94 -64.05 28.25
CA LEU C 40 -21.74 -63.04 27.55
C LEU C 40 -22.25 -63.59 26.23
N ALA C 41 -21.37 -64.29 25.49
CA ALA C 41 -21.80 -64.94 24.25
C ALA C 41 -22.99 -65.86 24.52
N HIS C 42 -23.01 -66.54 25.67
CA HIS C 42 -24.16 -67.36 26.00
C HIS C 42 -25.43 -66.53 26.10
N ARG C 43 -25.37 -65.37 26.76
CA ARG C 43 -26.58 -64.56 26.75
C ARG C 43 -26.95 -64.02 25.37
N LEU C 44 -26.03 -63.98 24.42
CA LEU C 44 -26.40 -63.48 23.10
C LEU C 44 -26.80 -64.59 22.16
N GLN C 45 -27.13 -65.76 22.69
CA GLN C 45 -27.20 -66.97 21.88
C GLN C 45 -28.22 -66.78 20.78
N GLY C 46 -27.83 -67.14 19.56
CA GLY C 46 -28.79 -67.14 18.48
C GLY C 46 -29.01 -65.79 17.84
N SER C 47 -28.88 -64.74 18.65
CA SER C 47 -29.10 -63.39 18.16
C SER C 47 -28.20 -63.12 16.96
N LYS C 48 -28.65 -62.20 16.13
CA LYS C 48 -27.82 -61.75 15.02
C LYS C 48 -27.75 -60.24 14.92
N LYS C 49 -28.71 -59.51 15.49
CA LYS C 49 -28.54 -58.08 15.61
C LYS C 49 -27.28 -57.74 16.40
N PRO C 50 -26.57 -56.67 16.02
CA PRO C 50 -25.36 -56.30 16.77
C PRO C 50 -25.68 -55.89 18.20
N MET C 51 -24.74 -56.17 19.10
CA MET C 51 -24.86 -55.79 20.49
C MET C 51 -24.24 -54.41 20.68
N ILE C 52 -25.01 -53.48 21.25
CA ILE C 52 -24.41 -52.19 21.60
C ILE C 52 -23.45 -52.38 22.76
N LEU C 53 -22.26 -51.81 22.64
CA LEU C 53 -21.21 -51.90 23.66
C LEU C 53 -21.02 -50.49 24.21
N PHE C 54 -21.45 -50.28 25.46
CA PHE C 54 -21.48 -48.93 26.01
C PHE C 54 -20.55 -48.82 27.21
N GLY C 55 -19.83 -47.70 27.28
CA GLY C 55 -18.96 -47.40 28.40
C GLY C 55 -17.80 -46.54 27.96
N HIS C 56 -16.78 -46.50 28.81
CA HIS C 56 -15.56 -45.80 28.42
C HIS C 56 -14.39 -46.76 28.36
N MET C 57 -13.70 -46.99 29.47
CA MET C 57 -12.46 -47.75 29.40
C MET C 57 -12.47 -48.88 30.43
N SER C 58 -13.64 -49.42 30.75
CA SER C 58 -13.66 -50.61 31.57
C SER C 58 -13.10 -51.80 30.79
N PRO C 59 -12.29 -52.65 31.43
CA PRO C 59 -11.80 -53.84 30.72
C PRO C 59 -12.92 -54.72 30.22
N TYR C 60 -14.14 -54.56 30.73
CA TYR C 60 -15.21 -55.39 30.22
C TYR C 60 -15.64 -54.99 28.81
N MET C 61 -15.34 -53.77 28.37
CA MET C 61 -15.60 -53.42 26.97
C MET C 61 -14.97 -54.46 26.05
N ILE C 62 -13.72 -54.88 26.35
CA ILE C 62 -13.05 -55.93 25.60
C ILE C 62 -13.82 -57.25 25.71
N VAL C 63 -14.25 -57.61 26.92
CA VAL C 63 -15.04 -58.84 27.07
C VAL C 63 -16.22 -58.80 26.12
N GLY C 64 -16.91 -57.65 26.11
CA GLY C 64 -18.05 -57.46 25.22
C GLY C 64 -17.68 -57.68 23.77
N MET C 65 -16.48 -57.21 23.36
CA MET C 65 -16.03 -57.40 21.99
C MET C 65 -15.88 -58.88 21.67
N ILE C 66 -15.06 -59.59 22.46
CA ILE C 66 -14.76 -60.99 22.17
C ILE C 66 -16.02 -61.84 22.27
N GLY C 67 -16.89 -61.51 23.23
CA GLY C 67 -18.15 -62.21 23.37
C GLY C 67 -19.05 -62.06 22.15
N ALA C 68 -19.22 -60.81 21.66
CA ALA C 68 -20.07 -60.62 20.49
C ALA C 68 -19.47 -61.22 19.22
N ILE C 69 -18.13 -61.31 19.10
CA ILE C 69 -17.56 -62.06 17.98
C ILE C 69 -17.92 -63.53 18.10
N LYS C 70 -17.78 -64.10 19.32
CA LYS C 70 -18.07 -65.51 19.51
C LYS C 70 -19.53 -65.81 19.20
N ALA C 71 -20.45 -64.93 19.62
CA ALA C 71 -21.86 -65.15 19.35
C ALA C 71 -22.21 -64.96 17.88
N GLY C 72 -21.34 -64.31 17.09
CA GLY C 72 -21.55 -64.07 15.68
C GLY C 72 -22.42 -62.86 15.31
N CYS C 73 -22.92 -62.11 16.30
CA CYS C 73 -23.75 -60.95 16.00
C CYS C 73 -22.95 -59.66 15.77
N GLY C 74 -21.70 -59.58 16.27
CA GLY C 74 -20.94 -58.35 16.15
C GLY C 74 -21.35 -57.36 17.22
N TYR C 75 -20.75 -56.17 17.17
CA TYR C 75 -21.00 -55.18 18.21
C TYR C 75 -20.93 -53.75 17.65
N VAL C 76 -21.41 -52.82 18.45
CA VAL C 76 -21.35 -51.40 18.10
C VAL C 76 -20.78 -50.64 19.28
N PRO C 77 -19.53 -50.18 19.24
CA PRO C 77 -18.97 -49.52 20.43
C PRO C 77 -19.46 -48.09 20.55
N VAL C 78 -20.02 -47.77 21.70
CA VAL C 78 -20.53 -46.43 22.02
C VAL C 78 -19.81 -45.90 23.25
N ASP C 79 -19.05 -44.83 23.08
CA ASP C 79 -18.31 -44.22 24.17
C ASP C 79 -19.17 -43.19 24.91
N THR C 80 -18.86 -43.01 26.21
CA THR C 80 -19.63 -42.07 27.03
C THR C 80 -19.44 -40.63 26.61
N SER C 81 -18.43 -40.31 25.82
CA SER C 81 -18.30 -38.93 25.39
C SER C 81 -19.27 -38.57 24.27
N ILE C 82 -19.99 -39.55 23.73
CA ILE C 82 -20.97 -39.26 22.68
C ILE C 82 -22.21 -38.66 23.31
N PRO C 83 -22.67 -37.50 22.83
CA PRO C 83 -23.90 -36.92 23.39
C PRO C 83 -25.06 -37.89 23.20
N GLU C 84 -25.96 -37.92 24.18
CA GLU C 84 -27.05 -38.88 24.06
C GLU C 84 -28.02 -38.50 22.97
N ASP C 85 -27.90 -37.29 22.43
CA ASP C 85 -28.69 -36.95 21.25
C ASP C 85 -28.20 -37.76 20.05
N ARG C 86 -26.93 -38.15 20.02
CA ARG C 86 -26.45 -39.09 19.00
C ARG C 86 -26.58 -40.53 19.41
N ILE C 87 -26.55 -40.82 20.72
CA ILE C 87 -26.67 -42.21 21.18
C ILE C 87 -28.06 -42.77 20.86
N LYS C 88 -29.12 -41.99 21.10
CA LYS C 88 -30.42 -42.55 20.74
C LYS C 88 -30.52 -42.73 19.23
N MET C 89 -29.82 -41.92 18.46
CA MET C 89 -29.81 -42.09 17.00
C MET C 89 -29.07 -43.37 16.60
N ILE C 90 -27.98 -43.69 17.30
CA ILE C 90 -27.29 -44.94 17.00
C ILE C 90 -28.18 -46.12 17.38
N ILE C 91 -28.61 -46.17 18.64
CA ILE C 91 -29.48 -47.25 19.11
C ILE C 91 -30.70 -47.39 18.20
N ASN C 92 -31.22 -46.27 17.73
CA ASN C 92 -32.32 -46.30 16.79
C ASN C 92 -31.93 -47.00 15.49
N LYS C 93 -30.82 -46.58 14.88
CA LYS C 93 -30.45 -47.18 13.59
C LYS C 93 -30.18 -48.67 13.74
N VAL C 94 -29.50 -49.05 14.82
CA VAL C 94 -29.08 -50.44 15.04
C VAL C 94 -30.28 -51.34 15.33
N GLN C 95 -31.26 -50.84 16.06
CA GLN C 95 -32.36 -51.66 16.57
C GLN C 95 -31.85 -52.92 17.24
N PRO C 96 -31.09 -52.80 18.31
CA PRO C 96 -30.45 -53.95 18.93
C PRO C 96 -31.41 -54.78 19.76
N GLU C 97 -31.04 -56.04 19.96
CA GLU C 97 -31.66 -56.85 21.00
C GLU C 97 -30.96 -56.75 22.34
N PHE C 98 -29.64 -56.46 22.35
CA PHE C 98 -28.86 -56.42 23.60
C PHE C 98 -28.02 -55.15 23.67
N VAL C 99 -27.93 -54.57 24.86
CA VAL C 99 -27.11 -53.42 25.13
C VAL C 99 -26.31 -53.68 26.39
N PHE C 100 -24.98 -53.70 26.29
CA PHE C 100 -24.07 -53.98 27.41
C PHE C 100 -23.56 -52.69 28.03
N ASN C 101 -24.03 -52.39 29.24
CA ASN C 101 -23.59 -51.22 30.01
C ASN C 101 -22.41 -51.60 30.91
N THR C 102 -21.21 -51.15 30.55
CA THR C 102 -20.02 -51.40 31.37
C THR C 102 -19.77 -50.30 32.38
N THR C 103 -20.70 -49.36 32.52
CA THR C 103 -20.64 -48.28 33.50
C THR C 103 -21.46 -48.63 34.74
N ASP C 104 -21.40 -47.73 35.73
CA ASP C 104 -22.21 -47.92 36.94
C ASP C 104 -23.61 -47.37 36.83
N GLU C 105 -23.76 -46.20 36.20
CA GLU C 105 -25.04 -45.52 36.14
C GLU C 105 -26.00 -46.20 35.21
N SER C 106 -27.28 -45.93 35.45
CA SER C 106 -28.33 -46.56 34.65
C SER C 106 -28.25 -46.05 33.22
N PHE C 107 -28.40 -46.96 32.26
CA PHE C 107 -28.40 -46.62 30.84
C PHE C 107 -29.79 -46.89 30.29
N GLU C 108 -30.39 -45.88 29.67
CA GLU C 108 -31.75 -45.96 29.18
C GLU C 108 -31.71 -46.13 27.66
N SER C 109 -32.10 -47.31 27.20
CA SER C 109 -32.21 -47.61 25.78
C SER C 109 -33.64 -48.06 25.44
N LEU C 110 -34.22 -47.41 24.42
CA LEU C 110 -35.57 -47.71 23.94
C LEU C 110 -35.71 -49.12 23.36
N GLU C 111 -34.63 -49.66 22.81
CA GLU C 111 -34.61 -50.93 22.11
C GLU C 111 -33.73 -51.89 22.89
N GLY C 112 -34.06 -53.16 22.88
CA GLY C 112 -33.10 -54.10 23.40
C GLY C 112 -33.17 -54.21 24.91
N GLU C 113 -32.33 -55.10 25.41
CA GLU C 113 -32.31 -55.52 26.81
C GLU C 113 -31.01 -54.98 27.40
N VAL C 114 -31.08 -54.01 28.31
CA VAL C 114 -29.85 -53.46 28.86
C VAL C 114 -29.35 -54.37 29.98
N PHE C 115 -28.14 -54.91 29.82
CA PHE C 115 -27.57 -55.67 30.93
C PHE C 115 -26.22 -55.12 31.34
N THR C 116 -25.84 -55.41 32.59
CA THR C 116 -24.70 -54.77 33.23
C THR C 116 -23.56 -55.77 33.37
N ILE C 117 -22.43 -55.30 33.88
CA ILE C 117 -21.30 -56.21 34.10
C ILE C 117 -21.68 -57.28 35.10
N GLU C 118 -22.32 -56.88 36.20
CA GLU C 118 -22.70 -57.80 37.27
C GLU C 118 -23.39 -59.04 36.71
N ASP C 119 -24.19 -58.86 35.66
CA ASP C 119 -24.94 -59.96 35.06
C ASP C 119 -24.01 -61.01 34.44
N ILE C 120 -22.77 -60.64 34.13
CA ILE C 120 -21.85 -61.59 33.50
C ILE C 120 -21.01 -62.31 34.55
N LYS C 121 -20.56 -61.59 35.59
CA LYS C 121 -19.89 -62.24 36.70
C LYS C 121 -20.84 -63.20 37.42
N THR C 122 -22.10 -62.81 37.58
CA THR C 122 -23.06 -63.61 38.33
C THR C 122 -23.67 -64.73 37.48
N SER C 123 -23.54 -64.64 36.17
CA SER C 123 -24.00 -65.69 35.29
C SER C 123 -23.39 -67.03 35.67
N GLN C 124 -24.23 -68.05 35.71
CA GLN C 124 -23.83 -69.43 35.94
C GLN C 124 -23.64 -70.20 34.64
N ASP C 125 -23.48 -69.49 33.53
CA ASP C 125 -23.45 -70.10 32.21
C ASP C 125 -22.08 -70.70 31.90
N PRO C 126 -22.04 -71.63 30.95
CA PRO C 126 -20.77 -72.30 30.62
C PRO C 126 -19.69 -71.33 30.16
N VAL C 127 -18.44 -71.74 30.38
CA VAL C 127 -17.25 -70.97 30.00
C VAL C 127 -16.67 -71.43 28.67
N ILE C 128 -17.24 -72.44 28.04
CA ILE C 128 -16.91 -72.77 26.67
C ILE C 128 -18.06 -72.32 25.78
N PHE C 129 -17.74 -71.55 24.75
CA PHE C 129 -18.71 -71.13 23.75
C PHE C 129 -18.01 -71.29 22.42
N ASP C 130 -18.56 -72.14 21.55
CA ASP C 130 -17.94 -72.34 20.25
C ASP C 130 -18.13 -71.08 19.44
N SER C 131 -17.04 -70.40 19.13
CA SER C 131 -17.14 -69.19 18.32
C SER C 131 -17.78 -69.52 16.96
N GLN C 132 -18.80 -68.75 16.59
CA GLN C 132 -19.44 -68.89 15.27
C GLN C 132 -19.43 -67.69 14.36
N ILE C 133 -18.58 -66.70 14.59
CA ILE C 133 -18.49 -65.66 13.57
C ILE C 133 -18.04 -66.31 12.27
N LYS C 134 -18.44 -65.72 11.15
CA LYS C 134 -18.01 -66.17 9.84
C LYS C 134 -17.26 -65.03 9.17
N ASP C 135 -16.43 -65.37 8.17
CA ASP C 135 -15.62 -64.35 7.49
C ASP C 135 -16.47 -63.18 7.01
N ASN C 136 -17.68 -63.47 6.51
CA ASN C 136 -18.53 -62.46 5.90
C ASN C 136 -19.56 -61.84 6.86
N ASP C 137 -19.51 -62.20 8.14
CA ASP C 137 -20.37 -61.52 9.10
C ASP C 137 -19.83 -60.13 9.41
N THR C 138 -20.72 -59.25 9.82
CA THR C 138 -20.31 -57.90 10.20
C THR C 138 -19.78 -57.98 11.63
N VAL C 139 -18.45 -57.84 11.79
CA VAL C 139 -17.83 -58.01 13.10
C VAL C 139 -18.06 -56.78 13.98
N TYR C 140 -18.00 -55.58 13.42
CA TYR C 140 -18.30 -54.40 14.21
C TYR C 140 -18.87 -53.32 13.28
N THR C 141 -19.58 -52.38 13.89
CA THR C 141 -20.04 -51.19 13.21
C THR C 141 -19.58 -49.99 14.04
N ILE C 142 -18.60 -49.23 13.53
CA ILE C 142 -18.02 -48.11 14.27
C ILE C 142 -18.34 -46.84 13.51
N PHE C 143 -18.62 -45.77 14.24
CA PHE C 143 -18.97 -44.50 13.60
C PHE C 143 -17.74 -43.61 13.44
N THR C 144 -17.76 -42.80 12.37
CA THR C 144 -16.63 -41.95 12.01
C THR C 144 -16.51 -40.76 12.97
N SER C 145 -15.38 -40.05 12.86
CA SER C 145 -15.03 -39.03 13.85
C SER C 145 -15.98 -37.83 13.83
N GLY C 146 -16.62 -37.54 12.71
CA GLY C 146 -17.44 -36.34 12.60
C GLY C 146 -16.70 -35.11 12.13
N SER C 147 -15.60 -35.28 11.39
CA SER C 147 -14.77 -34.14 11.02
C SER C 147 -15.43 -33.30 9.95
N THR C 148 -16.21 -33.94 9.08
CA THR C 148 -16.78 -33.31 7.90
C THR C 148 -18.29 -33.15 7.99
N GLY C 149 -18.90 -33.72 9.03
CA GLY C 149 -20.34 -33.73 9.17
C GLY C 149 -20.72 -34.68 10.29
N GLU C 150 -21.99 -35.08 10.31
CA GLU C 150 -22.44 -36.07 11.28
C GLU C 150 -21.65 -37.37 11.09
N PRO C 151 -21.19 -38.00 12.16
CA PRO C 151 -20.52 -39.31 12.00
C PRO C 151 -21.43 -40.33 11.34
N LYS C 152 -20.86 -41.16 10.48
CA LYS C 152 -21.60 -42.20 9.78
C LYS C 152 -21.21 -43.58 10.34
N GLY C 153 -22.14 -44.53 10.29
CA GLY C 153 -21.91 -45.87 10.78
C GLY C 153 -21.35 -46.84 9.74
N VAL C 154 -20.13 -47.29 9.98
CA VAL C 154 -19.36 -48.09 9.02
C VAL C 154 -19.39 -49.55 9.43
N GLN C 155 -19.70 -50.42 8.48
CA GLN C 155 -19.79 -51.86 8.72
C GLN C 155 -18.54 -52.55 8.20
N ILE C 156 -17.99 -53.44 9.01
CA ILE C 156 -16.73 -54.09 8.70
C ILE C 156 -16.93 -55.59 8.78
N GLU C 157 -16.56 -56.29 7.72
CA GLU C 157 -16.57 -57.74 7.72
C GLU C 157 -15.50 -58.27 8.65
N TYR C 158 -15.80 -59.38 9.33
CA TYR C 158 -14.80 -60.06 10.19
C TYR C 158 -13.52 -60.37 9.43
N ALA C 159 -13.64 -60.89 8.21
CA ALA C 159 -12.46 -61.24 7.44
C ALA C 159 -11.58 -60.03 7.20
N SER C 160 -12.18 -58.84 7.06
CA SER C 160 -11.37 -57.64 6.97
C SER C 160 -10.55 -57.42 8.24
N LEU C 161 -11.15 -57.68 9.41
CA LEU C 161 -10.49 -57.43 10.68
C LEU C 161 -9.34 -58.42 10.86
N VAL C 162 -9.57 -59.69 10.52
CA VAL C 162 -8.49 -60.69 10.53
C VAL C 162 -7.34 -60.24 9.64
N GLN C 163 -7.64 -59.86 8.38
CA GLN C 163 -6.56 -59.46 7.47
C GLN C 163 -5.75 -58.31 8.06
N PHE C 164 -6.44 -57.28 8.58
CA PHE C 164 -5.79 -56.12 9.19
C PHE C 164 -4.93 -56.53 10.37
N THR C 165 -5.48 -57.35 11.27
CA THR C 165 -4.72 -57.80 12.42
C THR C 165 -3.47 -58.55 12.00
N GLU C 166 -3.58 -59.38 10.96
CA GLU C 166 -2.42 -60.11 10.49
C GLU C 166 -1.36 -59.15 9.96
N TRP C 167 -1.80 -58.09 9.27
CA TRP C 167 -0.88 -57.03 8.82
C TRP C 167 -0.18 -56.37 10.00
N MET C 168 -0.94 -56.01 11.03
CA MET C 168 -0.37 -55.38 12.22
C MET C 168 0.61 -56.31 12.91
N LEU C 169 0.30 -57.60 12.97
CA LEU C 169 1.20 -58.54 13.62
C LEU C 169 2.49 -58.68 12.85
N GLU C 170 2.42 -58.67 11.52
CA GLU C 170 3.65 -58.75 10.76
C GLU C 170 4.43 -57.44 10.81
N LEU C 171 3.76 -56.30 11.01
CA LEU C 171 4.45 -55.02 11.19
C LEU C 171 5.11 -54.90 12.56
N ASN C 172 4.59 -55.59 13.57
CA ASN C 172 5.16 -55.53 14.90
C ASN C 172 6.61 -56.06 14.92
N LYS C 173 7.55 -55.26 15.44
CA LYS C 173 8.96 -55.66 15.51
C LYS C 173 9.43 -55.91 16.94
N SER C 174 8.56 -55.72 17.94
CA SER C 174 8.87 -55.85 19.36
C SER C 174 8.38 -57.16 19.95
N GLY C 175 7.82 -58.06 19.13
CA GLY C 175 7.47 -59.39 19.58
C GLY C 175 6.15 -59.49 20.35
N ASN C 176 5.91 -60.68 20.93
CA ASN C 176 4.68 -61.02 21.64
C ASN C 176 4.76 -60.62 23.10
N LYS C 177 3.60 -60.67 23.74
CA LYS C 177 3.49 -60.46 25.19
C LYS C 177 4.07 -59.09 25.60
N GLN C 178 3.90 -58.08 24.74
CA GLN C 178 4.33 -56.73 25.08
C GLN C 178 3.22 -55.97 25.79
N GLN C 179 3.60 -54.88 26.44
CA GLN C 179 2.65 -53.92 27.00
C GLN C 179 2.24 -52.94 25.91
N TRP C 180 0.96 -52.96 25.52
CA TRP C 180 0.43 -52.03 24.53
C TRP C 180 -0.24 -50.84 25.22
N LEU C 181 -0.16 -49.68 24.58
CA LEU C 181 -0.83 -48.46 25.04
C LEU C 181 -1.92 -48.11 24.04
N ASN C 182 -3.15 -47.87 24.52
CA ASN C 182 -4.21 -47.38 23.66
C ASN C 182 -4.73 -46.05 24.18
N GLN C 183 -4.98 -45.11 23.24
CA GLN C 183 -5.56 -43.81 23.55
C GLN C 183 -6.97 -43.64 23.01
N ALA C 184 -7.27 -44.24 21.87
CA ALA C 184 -8.53 -43.98 21.20
C ALA C 184 -9.69 -44.56 22.00
N PRO C 185 -10.78 -43.80 22.20
CA PRO C 185 -12.00 -44.44 22.72
C PRO C 185 -12.43 -45.53 21.77
N PHE C 186 -13.13 -46.52 22.33
CA PHE C 186 -13.47 -47.69 21.54
C PHE C 186 -14.49 -47.36 20.45
N SER C 187 -15.12 -46.18 20.50
CA SER C 187 -15.99 -45.75 19.40
C SER C 187 -15.20 -45.12 18.27
N PHE C 188 -13.87 -45.09 18.40
CA PHE C 188 -12.97 -44.64 17.35
C PHE C 188 -12.17 -45.85 16.87
N ASP C 189 -12.18 -46.13 15.56
CA ASP C 189 -11.60 -47.42 15.19
C ASP C 189 -10.06 -47.49 15.31
N LEU C 190 -9.36 -46.40 15.63
CA LEU C 190 -7.92 -46.52 15.91
C LEU C 190 -7.66 -47.49 17.06
N SER C 191 -8.57 -47.54 18.04
CA SER C 191 -8.43 -48.51 19.12
C SER C 191 -8.29 -49.92 18.58
N VAL C 192 -8.94 -50.22 17.44
CA VAL C 192 -8.83 -51.56 16.87
C VAL C 192 -7.36 -51.89 16.59
N MET C 193 -6.61 -50.92 16.08
CA MET C 193 -5.19 -51.07 15.80
C MET C 193 -4.39 -51.48 17.03
N ALA C 194 -4.87 -51.15 18.21
CA ALA C 194 -4.25 -51.66 19.43
C ALA C 194 -4.93 -52.92 19.94
N ILE C 195 -6.27 -52.99 19.93
CA ILE C 195 -6.93 -54.10 20.62
C ILE C 195 -6.46 -55.43 20.06
N TYR C 196 -6.70 -55.64 18.79
CA TYR C 196 -6.57 -56.96 18.22
C TYR C 196 -5.13 -57.39 17.97
N PRO C 197 -4.23 -56.52 17.50
CA PRO C 197 -2.81 -56.93 17.44
C PRO C 197 -2.24 -57.29 18.81
N CYS C 198 -2.72 -56.62 19.87
CA CYS C 198 -2.24 -56.91 21.21
C CYS C 198 -2.75 -58.26 21.68
N LEU C 199 -4.06 -58.44 21.72
CA LEU C 199 -4.57 -59.71 22.21
C LEU C 199 -4.13 -60.86 21.30
N ALA C 200 -4.02 -60.62 20.00
CA ALA C 200 -3.59 -61.71 19.12
C ALA C 200 -2.09 -61.98 19.21
N SER C 201 -1.35 -61.26 20.07
CA SER C 201 0.06 -61.55 20.29
C SER C 201 0.36 -61.76 21.78
N GLY C 202 -0.67 -62.04 22.59
CA GLY C 202 -0.47 -62.26 24.00
C GLY C 202 -0.16 -61.02 24.80
N GLY C 203 -0.31 -59.83 24.21
CA GLY C 203 0.05 -58.60 24.89
C GLY C 203 -0.94 -58.22 25.97
N THR C 204 -0.59 -57.18 26.71
CA THR C 204 -1.49 -56.58 27.68
C THR C 204 -1.96 -55.21 27.16
N LEU C 205 -3.27 -55.07 26.98
CA LEU C 205 -3.84 -53.81 26.53
C LEU C 205 -4.00 -52.84 27.70
N ASN C 206 -3.21 -51.76 27.71
CA ASN C 206 -3.27 -50.72 28.73
C ASN C 206 -4.07 -49.53 28.23
N LEU C 207 -5.01 -49.07 29.04
CA LEU C 207 -6.03 -48.12 28.57
C LEU C 207 -5.79 -46.72 29.14
N VAL C 208 -5.51 -45.76 28.26
CA VAL C 208 -5.61 -44.34 28.62
C VAL C 208 -7.06 -43.89 28.51
N ASP C 209 -7.59 -43.30 29.59
CA ASP C 209 -8.95 -42.77 29.62
C ASP C 209 -8.96 -41.24 29.51
N LYS C 210 -10.18 -40.68 29.33
CA LYS C 210 -10.33 -39.23 29.14
C LYS C 210 -9.76 -38.45 30.31
N ASN C 211 -9.76 -39.04 31.50
CA ASN C 211 -9.28 -38.33 32.67
C ASN C 211 -7.76 -38.19 32.62
N MET C 212 -7.07 -39.26 32.22
CA MET C 212 -5.63 -39.22 32.00
C MET C 212 -5.28 -38.24 30.90
N ILE C 213 -6.03 -38.27 29.80
CA ILE C 213 -5.77 -37.36 28.69
C ILE C 213 -5.94 -35.90 29.15
N ASN C 214 -6.88 -35.64 30.06
CA ASN C 214 -7.07 -34.26 30.51
C ASN C 214 -6.07 -33.90 31.62
N LYS C 215 -5.57 -34.88 32.36
CA LYS C 215 -4.70 -34.67 33.53
C LYS C 215 -3.36 -35.32 33.31
N PRO C 216 -2.35 -34.57 32.90
CA PRO C 216 -1.06 -35.20 32.62
C PRO C 216 -0.45 -35.83 33.85
N LYS C 217 -0.83 -35.39 35.06
CA LYS C 217 -0.33 -36.14 36.20
C LYS C 217 -0.87 -37.57 36.20
N LEU C 218 -2.15 -37.75 35.90
CA LEU C 218 -2.70 -39.09 35.92
C LEU C 218 -2.12 -39.93 34.80
N LEU C 219 -1.79 -39.28 33.69
CA LEU C 219 -1.10 -39.95 32.60
C LEU C 219 0.30 -40.39 33.04
N ASN C 220 1.04 -39.51 33.71
CA ASN C 220 2.38 -39.86 34.17
C ASN C 220 2.32 -41.05 35.12
N GLU C 221 1.38 -40.98 36.06
CA GLU C 221 1.18 -42.02 37.03
C GLU C 221 0.87 -43.34 36.33
N MET C 222 0.03 -43.25 35.31
CA MET C 222 -0.33 -44.43 34.52
C MET C 222 0.91 -44.99 33.81
N LEU C 223 1.73 -44.14 33.18
CA LEU C 223 2.92 -44.62 32.46
C LEU C 223 3.99 -45.17 33.40
N THR C 224 4.13 -44.58 34.60
CA THR C 224 5.14 -45.02 35.54
C THR C 224 4.73 -46.35 36.15
N ALA C 225 3.44 -46.55 36.34
CA ALA C 225 2.99 -47.78 36.95
C ALA C 225 3.16 -48.98 36.02
N THR C 226 3.12 -48.76 34.70
CA THR C 226 3.31 -49.86 33.75
C THR C 226 4.34 -49.44 32.72
N PRO C 227 5.44 -50.17 32.54
CA PRO C 227 6.38 -49.80 31.46
C PRO C 227 5.86 -50.18 30.07
N ILE C 228 5.34 -49.20 29.32
CA ILE C 228 4.73 -49.48 28.01
C ILE C 228 5.81 -49.82 26.98
N ASN C 229 5.55 -50.84 26.14
CA ASN C 229 6.43 -51.21 25.04
C ASN C 229 5.92 -50.73 23.67
N ILE C 230 4.63 -50.85 23.39
CA ILE C 230 4.05 -50.50 22.10
C ILE C 230 2.91 -49.51 22.31
N TRP C 231 2.92 -48.45 21.51
CA TRP C 231 2.09 -47.27 21.72
C TRP C 231 1.31 -47.00 20.42
N VAL C 232 -0.02 -47.06 20.50
CA VAL C 232 -0.90 -46.74 19.37
C VAL C 232 -1.64 -45.48 19.73
N SER C 233 -1.55 -44.44 18.89
CA SER C 233 -2.18 -43.18 19.25
C SER C 233 -2.31 -42.28 18.02
N THR C 234 -3.13 -41.23 18.16
CA THR C 234 -3.16 -40.15 17.19
C THR C 234 -1.86 -39.34 17.25
N PRO C 235 -1.51 -38.65 16.16
CA PRO C 235 -0.39 -37.69 16.22
C PRO C 235 -0.53 -36.60 17.27
N SER C 236 -1.73 -36.04 17.46
CA SER C 236 -1.85 -34.95 18.40
C SER C 236 -1.59 -35.41 19.83
N PHE C 237 -2.07 -36.62 20.18
CA PHE C 237 -1.75 -37.15 21.49
C PHE C 237 -0.24 -37.29 21.66
N MET C 238 0.44 -37.80 20.64
CA MET C 238 1.89 -37.85 20.71
C MET C 238 2.45 -36.44 20.90
N GLU C 239 1.86 -35.45 20.21
CA GLU C 239 2.32 -34.07 20.34
C GLU C 239 2.27 -33.60 21.78
N MET C 240 1.15 -33.87 22.47
CA MET C 240 0.97 -33.47 23.87
C MET C 240 1.90 -34.25 24.79
N CYS C 241 2.03 -35.55 24.56
CA CYS C 241 2.92 -36.32 25.42
C CYS C 241 4.37 -35.96 25.20
N LEU C 242 4.71 -35.31 24.08
CA LEU C 242 6.09 -34.84 23.92
C LEU C 242 6.41 -33.67 24.86
N LEU C 243 5.40 -33.09 25.51
CA LEU C 243 5.61 -32.08 26.55
C LEU C 243 5.94 -32.69 27.90
N LEU C 244 6.03 -34.02 27.97
CA LEU C 244 6.53 -34.70 29.16
C LEU C 244 8.04 -34.85 29.02
N PRO C 245 8.85 -34.08 29.77
CA PRO C 245 10.30 -34.08 29.47
C PRO C 245 10.98 -35.41 29.76
N THR C 246 10.40 -36.22 30.66
CA THR C 246 10.91 -37.52 31.10
C THR C 246 10.69 -38.65 30.09
N LEU C 247 9.88 -38.44 29.06
CA LEU C 247 9.49 -39.52 28.15
C LEU C 247 10.51 -39.57 27.01
N ASN C 248 11.61 -40.28 27.24
CA ASN C 248 12.62 -40.48 26.22
C ASN C 248 13.15 -41.89 26.40
N GLU C 249 14.00 -42.32 25.46
CA GLU C 249 14.51 -43.69 25.52
C GLU C 249 15.40 -43.91 26.73
N GLU C 250 16.20 -42.91 27.11
CA GLU C 250 17.10 -43.13 28.24
C GLU C 250 16.34 -43.19 29.57
N GLN C 251 15.25 -42.42 29.74
CA GLN C 251 14.47 -42.45 30.98
C GLN C 251 13.25 -43.36 30.93
N TYR C 252 12.92 -43.92 29.78
CA TYR C 252 11.73 -44.76 29.68
C TYR C 252 12.01 -45.81 28.61
N GLY C 253 12.95 -46.71 28.87
CA GLY C 253 13.45 -47.61 27.85
C GLY C 253 12.51 -48.73 27.45
N SER C 254 11.42 -48.93 28.18
CA SER C 254 10.47 -49.98 27.78
C SER C 254 9.89 -49.70 26.40
N LEU C 255 9.80 -48.43 26.04
CA LEU C 255 8.99 -47.97 24.92
C LEU C 255 9.86 -47.94 23.67
N ASN C 256 9.59 -48.86 22.73
CA ASN C 256 10.45 -48.97 21.55
C ASN C 256 9.66 -49.16 20.26
N GLU C 257 8.37 -48.92 20.25
CA GLU C 257 7.61 -49.03 19.01
C GLU C 257 6.40 -48.10 19.10
N PHE C 258 6.11 -47.38 18.00
CA PHE C 258 4.96 -46.48 17.93
C PHE C 258 4.13 -46.72 16.66
N PHE C 259 2.81 -46.61 16.78
CA PHE C 259 1.92 -46.62 15.62
C PHE C 259 1.05 -45.37 15.64
N PHE C 260 1.09 -44.59 14.56
CA PHE C 260 0.25 -43.41 14.44
C PHE C 260 -0.70 -43.51 13.26
N CYS C 261 -1.92 -43.02 13.47
CA CYS C 261 -2.96 -43.04 12.46
C CYS C 261 -3.92 -41.90 12.79
N GLY C 262 -4.75 -41.53 11.81
CA GLY C 262 -5.85 -40.62 12.05
C GLY C 262 -5.61 -39.18 11.59
N GLU C 263 -4.36 -38.69 11.65
CA GLU C 263 -4.03 -37.32 11.28
C GLU C 263 -2.68 -37.27 10.59
N ILE C 264 -2.40 -36.11 9.97
CA ILE C 264 -1.06 -35.79 9.46
C ILE C 264 -0.06 -35.99 10.58
N LEU C 265 1.00 -36.76 10.33
CA LEU C 265 2.10 -36.88 11.28
C LEU C 265 3.10 -35.75 11.00
N PRO C 266 3.15 -34.69 11.85
CA PRO C 266 4.03 -33.56 11.57
C PRO C 266 5.47 -33.98 11.53
N HIS C 267 6.23 -33.37 10.61
CA HIS C 267 7.66 -33.67 10.54
C HIS C 267 8.32 -33.36 11.88
N ARG C 268 8.07 -32.16 12.43
CA ARG C 268 8.72 -31.73 13.67
C ARG C 268 8.49 -32.70 14.83
N ALA C 269 7.26 -33.16 14.98
CA ALA C 269 6.94 -34.09 16.04
C ALA C 269 7.66 -35.43 15.84
N ALA C 270 7.62 -35.96 14.61
CA ALA C 270 8.37 -37.20 14.31
C ALA C 270 9.86 -37.04 14.56
N LYS C 271 10.43 -35.88 14.19
CA LYS C 271 11.85 -35.61 14.41
C LYS C 271 12.21 -35.64 15.89
N ALA C 272 11.37 -35.02 16.73
CA ALA C 272 11.59 -35.11 18.17
C ALA C 272 11.49 -36.54 18.67
N LEU C 273 10.54 -37.31 18.13
CA LEU C 273 10.33 -38.68 18.62
C LEU C 273 11.48 -39.59 18.27
N VAL C 274 11.96 -39.51 17.03
CA VAL C 274 13.17 -40.24 16.67
C VAL C 274 14.33 -39.79 17.55
N SER C 275 14.45 -38.48 17.77
CA SER C 275 15.55 -37.99 18.56
C SER C 275 15.51 -38.58 19.97
N ARG C 276 14.33 -38.63 20.57
CA ARG C 276 14.19 -39.10 21.94
C ARG C 276 14.13 -40.62 22.07
N PHE C 277 13.78 -41.34 21.00
CA PHE C 277 13.73 -42.80 20.99
C PHE C 277 14.46 -43.30 19.75
N PRO C 278 15.80 -43.20 19.76
CA PRO C 278 16.58 -43.49 18.54
C PRO C 278 16.47 -44.93 18.04
N SER C 279 16.01 -45.86 18.89
CA SER C 279 15.88 -47.25 18.53
C SER C 279 14.44 -47.70 18.29
N ALA C 280 13.45 -46.82 18.49
CA ALA C 280 12.07 -47.25 18.39
C ALA C 280 11.68 -47.43 16.94
N THR C 281 10.82 -48.41 16.70
CA THR C 281 10.21 -48.58 15.39
C THR C 281 8.95 -47.71 15.37
N ILE C 282 8.96 -46.69 14.52
CA ILE C 282 7.88 -45.72 14.43
C ILE C 282 7.20 -45.89 13.08
N TYR C 283 5.90 -46.16 13.10
CA TYR C 283 5.13 -46.28 11.87
C TYR C 283 4.19 -45.08 11.71
N ASN C 284 4.21 -44.50 10.52
CA ASN C 284 3.11 -43.63 10.08
C ASN C 284 2.11 -44.53 9.34
N THR C 285 0.85 -44.42 9.68
CA THR C 285 -0.15 -45.18 8.93
C THR C 285 -1.28 -44.26 8.55
N TYR C 286 -1.91 -44.59 7.43
CA TYR C 286 -3.08 -43.84 7.00
C TYR C 286 -4.20 -44.80 6.64
N GLY C 287 -5.41 -44.35 6.91
CA GLY C 287 -6.61 -45.02 6.49
C GLY C 287 -7.89 -44.40 7.02
N PRO C 288 -8.97 -44.61 6.28
CA PRO C 288 -10.29 -44.21 6.74
C PRO C 288 -11.04 -45.35 7.43
N THR C 289 -12.01 -45.02 8.27
CA THR C 289 -12.80 -46.06 8.91
C THR C 289 -13.39 -47.01 7.88
N GLU C 290 -13.77 -46.48 6.71
CA GLU C 290 -14.41 -47.25 5.68
C GLU C 290 -13.49 -48.29 5.06
N ALA C 291 -12.20 -48.35 5.42
CA ALA C 291 -11.31 -49.39 4.88
C ALA C 291 -10.54 -50.09 5.99
N THR C 292 -11.22 -50.36 7.10
CA THR C 292 -10.69 -51.09 8.26
C THR C 292 -9.38 -50.45 8.74
N VAL C 293 -9.54 -49.29 9.40
CA VAL C 293 -8.60 -48.61 10.29
C VAL C 293 -7.45 -47.94 9.54
N ALA C 294 -6.58 -48.74 8.91
CA ALA C 294 -5.51 -48.16 8.12
C ALA C 294 -5.26 -49.09 6.95
N VAL C 295 -4.70 -48.53 5.87
CA VAL C 295 -4.38 -49.32 4.69
C VAL C 295 -2.98 -49.03 4.17
N THR C 296 -2.28 -48.04 4.75
CA THR C 296 -0.87 -47.85 4.43
C THR C 296 -0.04 -47.69 5.70
N SER C 297 1.24 -47.99 5.56
CA SER C 297 2.22 -47.82 6.62
C SER C 297 3.55 -47.44 5.99
N ILE C 298 4.39 -46.80 6.81
CA ILE C 298 5.80 -46.52 6.51
C ILE C 298 6.57 -46.38 7.82
N GLN C 299 7.72 -47.02 7.94
CA GLN C 299 8.53 -46.83 9.13
C GLN C 299 9.33 -45.52 9.04
N ILE C 300 9.15 -44.64 10.01
CA ILE C 300 9.81 -43.35 10.00
C ILE C 300 11.18 -43.50 10.64
N THR C 301 12.23 -43.30 9.84
CA THR C 301 13.59 -43.34 10.31
C THR C 301 14.22 -41.97 10.13
N GLN C 302 15.42 -41.82 10.70
CA GLN C 302 16.22 -40.63 10.44
C GLN C 302 16.35 -40.34 8.96
N GLU C 303 16.54 -41.40 8.18
CA GLU C 303 16.69 -41.28 6.72
C GLU C 303 15.39 -40.80 6.10
N ILE C 304 14.26 -41.33 6.58
CA ILE C 304 12.98 -40.84 6.10
C ILE C 304 12.81 -39.36 6.41
N LEU C 305 13.16 -38.94 7.63
CA LEU C 305 13.05 -37.52 8.00
C LEU C 305 13.93 -36.65 7.12
N ASP C 306 15.18 -37.06 6.94
CA ASP C 306 16.14 -36.29 6.14
C ASP C 306 15.69 -36.20 4.70
N GLN C 307 15.00 -37.22 4.24
CA GLN C 307 14.68 -37.27 2.83
C GLN C 307 13.36 -36.59 2.50
N TYR C 308 12.41 -36.52 3.43
CA TYR C 308 11.04 -36.06 3.13
C TYR C 308 10.59 -34.94 4.05
N PRO C 309 10.52 -33.70 3.56
CA PRO C 309 10.10 -32.60 4.43
C PRO C 309 8.66 -32.75 4.90
N THR C 310 7.82 -33.37 4.10
CA THR C 310 6.50 -33.81 4.51
C THR C 310 6.52 -35.33 4.53
N LEU C 311 6.03 -35.92 5.61
CA LEU C 311 6.19 -37.36 5.70
C LEU C 311 5.17 -38.05 4.78
N PRO C 312 5.59 -39.11 4.11
CA PRO C 312 4.64 -39.96 3.38
C PRO C 312 3.81 -40.79 4.35
N VAL C 313 2.72 -41.37 3.83
CA VAL C 313 1.94 -42.34 4.60
C VAL C 313 2.24 -43.76 4.16
N GLY C 314 3.04 -43.94 3.10
CA GLY C 314 3.65 -45.24 2.83
C GLY C 314 3.07 -46.10 1.72
N VAL C 315 3.06 -47.41 1.96
CA VAL C 315 2.73 -48.39 0.94
C VAL C 315 1.50 -49.16 1.39
N GLU C 316 0.78 -49.69 0.40
CA GLU C 316 -0.49 -50.37 0.65
C GLU C 316 -0.28 -51.75 1.27
N ARG C 317 -1.31 -52.20 1.97
CA ARG C 317 -1.30 -53.53 2.55
C ARG C 317 -2.15 -54.48 1.70
N LEU C 318 -1.99 -55.76 1.97
CA LEU C 318 -2.75 -56.79 1.26
C LEU C 318 -4.25 -56.62 1.51
N GLY C 319 -5.05 -56.62 0.45
CA GLY C 319 -6.45 -56.31 0.65
C GLY C 319 -6.84 -54.86 0.43
N ALA C 320 -5.87 -53.98 0.15
CA ALA C 320 -6.11 -52.55 -0.04
C ALA C 320 -5.32 -52.14 -1.27
N ARG C 321 -5.97 -52.12 -2.43
CA ARG C 321 -5.33 -51.74 -3.69
C ARG C 321 -5.70 -50.30 -3.98
N LEU C 322 -4.68 -49.45 -3.98
CA LEU C 322 -4.85 -48.01 -4.04
C LEU C 322 -4.63 -47.47 -5.44
N SER C 323 -5.48 -46.54 -5.81
CA SER C 323 -5.27 -45.83 -7.04
C SER C 323 -5.78 -44.42 -6.84
N THR C 324 -5.55 -43.57 -7.82
CA THR C 324 -6.01 -42.20 -7.75
C THR C 324 -6.90 -41.91 -8.96
N THR C 325 -8.06 -41.35 -8.70
CA THR C 325 -8.95 -40.79 -9.71
C THR C 325 -8.21 -39.75 -10.54
N ASP C 326 -8.72 -39.42 -11.73
CA ASP C 326 -7.97 -38.43 -12.52
C ASP C 326 -7.98 -37.02 -11.92
N ASP C 327 -8.76 -36.75 -10.87
CA ASP C 327 -8.64 -35.51 -10.10
C ASP C 327 -7.77 -35.64 -8.85
N GLY C 328 -7.20 -36.80 -8.56
CA GLY C 328 -6.29 -36.93 -7.44
C GLY C 328 -6.87 -37.63 -6.23
N GLU C 329 -8.15 -37.98 -6.27
CA GLU C 329 -8.79 -38.60 -5.12
C GLU C 329 -8.43 -40.06 -5.00
N LEU C 330 -8.00 -40.47 -3.80
CA LEU C 330 -7.61 -41.84 -3.57
C LEU C 330 -8.82 -42.76 -3.51
N VAL C 331 -8.69 -43.93 -4.12
CA VAL C 331 -9.72 -44.95 -4.05
C VAL C 331 -9.05 -46.22 -3.56
N ILE C 332 -9.77 -46.94 -2.71
CA ILE C 332 -9.29 -48.17 -2.10
C ILE C 332 -10.20 -49.30 -2.57
N GLU C 333 -9.63 -50.38 -3.05
CA GLU C 333 -10.42 -51.52 -3.53
C GLU C 333 -9.86 -52.81 -2.94
N GLY C 334 -10.74 -53.64 -2.38
CA GLY C 334 -10.41 -54.98 -1.92
C GLY C 334 -11.11 -55.32 -0.62
N GLN C 335 -10.67 -56.41 0.00
CA GLN C 335 -11.26 -56.93 1.24
C GLN C 335 -11.21 -55.93 2.40
N SER C 336 -10.28 -54.98 2.38
CA SER C 336 -10.23 -54.04 3.48
C SER C 336 -11.44 -53.09 3.47
N VAL C 337 -12.11 -52.95 2.33
CA VAL C 337 -13.18 -51.97 2.20
C VAL C 337 -14.40 -52.40 3.01
N SER C 338 -15.06 -51.42 3.61
CA SER C 338 -16.27 -51.63 4.39
C SER C 338 -17.35 -52.27 3.53
N LEU C 339 -18.35 -52.88 4.21
CA LEU C 339 -19.56 -53.35 3.52
C LEU C 339 -20.49 -52.22 3.13
N GLY C 340 -20.29 -51.03 3.68
CA GLY C 340 -21.16 -49.89 3.44
C GLY C 340 -21.65 -49.29 4.75
N TYR C 341 -22.34 -48.16 4.61
CA TYR C 341 -22.82 -47.46 5.79
C TYR C 341 -24.06 -48.09 6.38
N LEU C 342 -24.30 -47.76 7.65
CA LEU C 342 -25.48 -48.21 8.39
C LEU C 342 -26.63 -47.26 8.11
N LYS C 343 -27.73 -47.80 7.58
CA LYS C 343 -28.90 -47.02 7.18
C LYS C 343 -28.50 -45.75 6.45
N ASN C 344 -27.71 -45.91 5.40
CA ASN C 344 -27.50 -44.73 4.58
C ASN C 344 -27.19 -45.15 3.14
N ASP C 345 -28.19 -45.81 2.50
CA ASP C 345 -28.02 -46.33 1.15
C ASP C 345 -27.60 -45.24 0.18
N GLN C 346 -28.13 -44.04 0.36
CA GLN C 346 -27.74 -42.92 -0.46
C GLN C 346 -26.24 -42.62 -0.28
N LYS C 347 -25.77 -42.59 0.96
CA LYS C 347 -24.38 -42.12 1.09
C LYS C 347 -23.49 -43.32 0.77
N THR C 348 -24.00 -44.55 0.90
CA THR C 348 -23.28 -45.73 0.44
C THR C 348 -23.13 -45.72 -1.09
N ALA C 349 -24.23 -45.43 -1.81
CA ALA C 349 -24.16 -45.42 -3.26
C ALA C 349 -23.25 -44.33 -3.77
N GLU C 350 -23.13 -43.21 -3.04
CA GLU C 350 -22.30 -42.15 -3.62
C GLU C 350 -20.82 -42.52 -3.64
N VAL C 351 -20.34 -43.40 -2.73
CA VAL C 351 -18.89 -43.64 -2.66
C VAL C 351 -18.43 -45.10 -2.69
N PHE C 352 -19.34 -46.07 -2.58
CA PHE C 352 -19.01 -47.48 -2.65
C PHE C 352 -19.44 -48.03 -4.01
N ASN C 353 -18.62 -48.89 -4.58
CA ASN C 353 -18.97 -49.61 -5.80
C ASN C 353 -18.85 -51.10 -5.53
N PHE C 354 -19.90 -51.85 -5.88
CA PHE C 354 -19.91 -53.28 -5.57
C PHE C 354 -19.84 -54.15 -6.81
N ASP C 355 -19.37 -53.60 -7.93
CA ASP C 355 -19.32 -54.38 -9.17
C ASP C 355 -18.23 -55.46 -9.09
N ASP C 356 -18.42 -56.52 -9.86
CA ASP C 356 -17.48 -57.64 -9.94
C ASP C 356 -17.34 -58.39 -8.62
N GLY C 357 -18.18 -58.14 -7.61
CA GLY C 357 -17.97 -58.90 -6.38
C GLY C 357 -16.86 -58.41 -5.48
N ILE C 358 -16.19 -57.31 -5.81
CA ILE C 358 -15.19 -56.70 -4.95
C ILE C 358 -15.59 -55.26 -4.67
N ARG C 359 -15.31 -54.81 -3.45
CA ARG C 359 -15.69 -53.48 -2.99
C ARG C 359 -14.64 -52.43 -3.36
N THR C 360 -15.12 -51.29 -3.85
CA THR C 360 -14.29 -50.14 -4.20
C THR C 360 -14.86 -48.94 -3.47
N TYR C 361 -13.98 -48.08 -2.96
CA TYR C 361 -14.37 -46.98 -2.08
C TYR C 361 -13.67 -45.71 -2.48
N HIS C 362 -14.46 -44.66 -2.66
CA HIS C 362 -13.94 -43.33 -2.94
C HIS C 362 -13.74 -42.60 -1.63
N THR C 363 -12.53 -42.14 -1.44
CA THR C 363 -12.03 -41.83 -0.12
C THR C 363 -12.34 -40.38 0.26
N GLY C 364 -12.48 -39.49 -0.70
CA GLY C 364 -12.64 -38.10 -0.38
C GLY C 364 -11.37 -37.40 0.01
N ASP C 365 -10.24 -38.08 -0.08
CA ASP C 365 -8.92 -37.52 0.16
C ASP C 365 -8.21 -37.38 -1.17
N LYS C 366 -7.62 -36.22 -1.38
CA LYS C 366 -6.65 -36.00 -2.44
C LYS C 366 -5.33 -36.65 -2.07
N ALA C 367 -4.81 -37.53 -2.92
CA ALA C 367 -3.51 -38.17 -2.64
C ALA C 367 -2.61 -38.14 -3.88
N LYS C 368 -1.31 -38.38 -3.66
CA LYS C 368 -0.42 -38.57 -4.80
C LYS C 368 0.66 -39.60 -4.47
N PHE C 369 1.00 -40.41 -5.47
CA PHE C 369 2.01 -41.44 -5.36
C PHE C 369 3.24 -40.95 -6.10
N GLU C 370 4.32 -40.73 -5.36
CA GLU C 370 5.55 -40.25 -5.96
C GLU C 370 6.72 -40.91 -5.24
N ASN C 371 7.72 -41.35 -6.02
CA ASN C 371 8.89 -42.02 -5.45
C ASN C 371 8.52 -43.26 -4.65
N GLY C 372 7.51 -43.98 -5.12
CA GLY C 372 7.17 -45.24 -4.48
C GLY C 372 6.39 -45.14 -3.19
N GLN C 373 5.89 -43.96 -2.85
CA GLN C 373 5.21 -43.70 -1.60
C GLN C 373 3.91 -42.96 -1.87
N TRP C 374 2.90 -43.22 -1.03
CA TRP C 374 1.67 -42.42 -1.02
C TRP C 374 1.84 -41.20 -0.14
N PHE C 375 1.27 -40.09 -0.58
CA PHE C 375 1.20 -38.88 0.23
C PHE C 375 -0.24 -38.42 0.23
N ILE C 376 -0.74 -38.04 1.41
CA ILE C 376 -2.08 -37.51 1.59
C ILE C 376 -2.01 -35.99 1.55
N GLN C 377 -2.73 -35.37 0.63
CA GLN C 377 -2.62 -33.91 0.53
C GLN C 377 -3.73 -33.16 1.25
N GLY C 378 -4.88 -33.76 1.40
CA GLY C 378 -5.96 -33.13 2.13
C GLY C 378 -7.30 -33.72 1.75
N ARG C 379 -8.34 -33.18 2.37
CA ARG C 379 -9.70 -33.62 2.09
C ARG C 379 -10.31 -32.74 1.02
N ILE C 380 -11.06 -33.36 0.10
CA ILE C 380 -11.82 -32.62 -0.91
C ILE C 380 -12.75 -31.63 -0.22
N ASP C 381 -13.33 -32.04 0.92
CA ASP C 381 -14.17 -31.14 1.70
C ASP C 381 -13.41 -29.93 2.23
N PHE C 382 -12.11 -30.03 2.48
CA PHE C 382 -11.38 -28.90 3.03
C PHE C 382 -10.74 -28.05 1.96
N GLN C 383 -11.25 -28.17 0.74
CA GLN C 383 -10.84 -27.34 -0.38
C GLN C 383 -11.68 -26.07 -0.38
N ILE C 384 -11.01 -24.94 -0.53
CA ILE C 384 -11.70 -23.66 -0.62
C ILE C 384 -11.25 -23.00 -1.91
N LYS C 385 -12.18 -22.32 -2.59
CA LYS C 385 -11.81 -21.45 -3.70
C LYS C 385 -11.84 -20.02 -3.16
N LEU C 386 -10.68 -19.37 -3.16
CA LEU C 386 -10.56 -17.99 -2.74
C LEU C 386 -9.93 -17.20 -3.88
N ASN C 387 -10.52 -16.04 -4.11
CA ASN C 387 -10.21 -15.17 -5.25
C ASN C 387 -10.21 -15.93 -6.55
N GLY C 388 -10.99 -17.01 -6.59
CA GLY C 388 -11.19 -17.77 -7.81
C GLY C 388 -10.33 -19.00 -7.94
N TYR C 389 -9.25 -19.10 -7.15
CA TYR C 389 -8.30 -20.22 -7.13
C TYR C 389 -8.64 -21.22 -6.04
N ARG C 390 -8.39 -22.48 -6.32
CA ARG C 390 -8.89 -23.58 -5.50
C ARG C 390 -7.75 -24.25 -4.75
N MET C 391 -7.47 -23.80 -3.51
CA MET C 391 -6.41 -24.46 -2.77
C MET C 391 -7.00 -25.26 -1.60
N GLU C 392 -6.17 -26.19 -1.09
CA GLU C 392 -6.51 -27.04 0.04
C GLU C 392 -5.85 -26.59 1.34
N LEU C 393 -6.64 -26.62 2.44
CA LEU C 393 -6.16 -26.11 3.73
C LEU C 393 -4.98 -26.89 4.29
N GLU C 394 -4.96 -28.20 4.09
CA GLU C 394 -3.87 -29.00 4.63
C GLU C 394 -2.54 -28.59 4.03
N GLU C 395 -2.56 -28.12 2.79
CA GLU C 395 -1.35 -27.68 2.13
C GLU C 395 -0.82 -26.40 2.74
N ILE C 396 -1.70 -25.42 2.95
CA ILE C 396 -1.29 -24.20 3.63
C ILE C 396 -0.73 -24.54 5.01
N GLU C 397 -1.39 -25.47 5.71
CA GLU C 397 -0.96 -25.82 7.06
C GLU C 397 0.39 -26.50 7.06
N THR C 398 0.63 -27.38 6.09
CA THR C 398 1.91 -28.05 5.99
C THR C 398 3.03 -27.04 5.70
N GLN C 399 2.78 -26.11 4.76
CA GLN C 399 3.81 -25.11 4.47
C GLN C 399 4.08 -24.21 5.67
N LEU C 400 3.01 -23.85 6.39
CA LEU C 400 3.17 -23.07 7.62
C LEU C 400 4.01 -23.82 8.65
N ARG C 401 3.81 -25.15 8.77
CA ARG C 401 4.60 -25.92 9.74
C ARG C 401 6.06 -25.99 9.39
N GLN C 402 6.43 -25.84 8.13
CA GLN C 402 7.84 -25.87 7.84
C GLN C 402 8.53 -24.55 8.17
N SER C 403 7.86 -23.65 8.87
CA SER C 403 8.51 -22.42 9.29
C SER C 403 9.18 -22.69 10.62
N GLU C 404 10.34 -22.08 10.80
CA GLU C 404 11.13 -22.35 12.00
C GLU C 404 10.41 -21.92 13.25
N PHE C 405 9.38 -21.07 13.09
CA PHE C 405 8.64 -20.49 14.20
C PHE C 405 7.32 -21.18 14.48
N VAL C 406 6.79 -21.94 13.53
CA VAL C 406 5.45 -22.51 13.67
C VAL C 406 5.58 -23.96 14.10
N LYS C 407 5.06 -24.26 15.27
CA LYS C 407 4.99 -25.64 15.71
C LYS C 407 3.69 -26.29 15.30
N GLU C 408 2.58 -25.57 15.25
CA GLU C 408 1.34 -26.15 14.74
C GLU C 408 0.52 -25.05 14.11
N ALA C 409 -0.29 -25.42 13.13
CA ALA C 409 -1.10 -24.46 12.39
C ALA C 409 -2.40 -25.09 11.92
N ILE C 410 -3.48 -24.36 12.12
CA ILE C 410 -4.77 -24.71 11.56
C ILE C 410 -5.29 -23.47 10.86
N VAL C 411 -5.75 -23.62 9.62
CA VAL C 411 -6.15 -22.46 8.86
C VAL C 411 -7.67 -22.39 8.90
N VAL C 412 -8.19 -21.28 9.41
CA VAL C 412 -9.63 -21.08 9.60
C VAL C 412 -10.12 -20.15 8.50
N PRO C 413 -10.92 -20.64 7.56
CA PRO C 413 -11.52 -19.75 6.56
C PRO C 413 -12.59 -18.87 7.20
N VAL C 414 -12.72 -17.67 6.67
CA VAL C 414 -13.70 -16.70 7.14
C VAL C 414 -14.67 -16.41 6.03
N TYR C 415 -15.96 -16.33 6.34
CA TYR C 415 -16.99 -16.29 5.32
C TYR C 415 -17.84 -15.02 5.40
N LYS C 416 -18.32 -14.58 4.25
CA LYS C 416 -19.41 -13.61 4.14
C LYS C 416 -20.36 -14.10 3.07
N ASN C 417 -21.63 -14.29 3.44
CA ASN C 417 -22.53 -15.15 2.70
C ASN C 417 -21.84 -16.52 2.59
N ASP C 418 -21.84 -17.22 1.45
CA ASP C 418 -21.19 -18.53 1.43
C ASP C 418 -19.91 -18.53 0.60
N LYS C 419 -19.13 -17.44 0.66
CA LYS C 419 -17.82 -17.36 0.00
C LYS C 419 -16.72 -17.04 1.01
N VAL C 420 -15.52 -17.60 0.77
CA VAL C 420 -14.36 -17.28 1.58
C VAL C 420 -13.88 -15.87 1.23
N ILE C 421 -13.59 -15.07 2.25
CA ILE C 421 -13.11 -13.72 2.04
C ILE C 421 -11.66 -13.55 2.48
N HIS C 422 -11.20 -14.32 3.47
CA HIS C 422 -9.79 -14.39 3.84
C HIS C 422 -9.56 -15.58 4.78
N LEU C 423 -8.32 -15.72 5.22
CA LEU C 423 -7.88 -16.84 6.04
C LEU C 423 -7.26 -16.32 7.32
N ILE C 424 -7.46 -17.06 8.41
CA ILE C 424 -6.78 -16.82 9.67
C ILE C 424 -5.91 -18.02 9.98
N GLY C 425 -4.64 -17.79 10.29
CA GLY C 425 -3.80 -18.91 10.66
C GLY C 425 -3.73 -19.00 12.17
N ALA C 426 -4.33 -20.05 12.71
CA ALA C 426 -4.19 -20.39 14.13
C ALA C 426 -2.85 -21.07 14.33
N ILE C 427 -1.99 -20.50 15.17
CA ILE C 427 -0.63 -21.01 15.30
C ILE C 427 -0.30 -21.29 16.76
N VAL C 428 0.18 -22.51 17.01
CA VAL C 428 1.00 -22.78 18.19
C VAL C 428 2.43 -22.47 17.77
N PRO C 429 3.05 -21.42 18.32
CA PRO C 429 4.40 -21.04 17.90
C PRO C 429 5.43 -21.87 18.64
N THR C 430 6.60 -22.03 18.02
CA THR C 430 7.68 -22.72 18.72
C THR C 430 8.24 -21.88 19.88
N THR C 431 8.00 -20.58 19.87
CA THR C 431 8.55 -19.70 20.88
C THR C 431 7.51 -18.69 21.34
N GLU C 432 7.78 -18.08 22.50
CA GLU C 432 7.07 -16.89 22.93
C GLU C 432 6.98 -15.88 21.80
N VAL C 433 5.78 -15.38 21.54
CA VAL C 433 5.57 -14.25 20.65
C VAL C 433 5.79 -12.98 21.46
N THR C 434 6.92 -12.32 21.27
CA THR C 434 7.21 -11.05 21.94
C THR C 434 6.97 -9.84 21.06
N ASP C 435 6.83 -10.04 19.75
CA ASP C 435 6.53 -8.96 18.82
C ASP C 435 5.60 -9.53 17.75
N ASN C 436 4.28 -9.43 18.01
CA ASN C 436 3.25 -9.94 17.11
C ASN C 436 3.49 -9.49 15.67
N ALA C 437 3.74 -8.20 15.48
CA ALA C 437 3.93 -7.66 14.14
C ALA C 437 5.10 -8.34 13.44
N GLU C 438 6.27 -8.39 14.10
CA GLU C 438 7.45 -9.01 13.49
C GLU C 438 7.22 -10.49 13.20
N MET C 439 6.72 -11.23 14.20
CA MET C 439 6.43 -12.64 13.98
C MET C 439 5.50 -12.87 12.78
N THR C 440 4.43 -12.07 12.65
CA THR C 440 3.58 -12.18 11.46
C THR C 440 4.37 -11.90 10.19
N LYS C 441 5.29 -10.94 10.23
CA LYS C 441 6.16 -10.67 9.08
C LYS C 441 7.01 -11.88 8.73
N ASN C 442 7.75 -12.42 9.70
CA ASN C 442 8.63 -13.53 9.41
C ASN C 442 7.86 -14.76 8.95
N ILE C 443 6.67 -15.00 9.48
CA ILE C 443 5.92 -16.19 9.06
C ILE C 443 5.37 -16.00 7.65
N LYS C 444 4.82 -14.83 7.34
CA LYS C 444 4.37 -14.59 5.97
C LYS C 444 5.54 -14.63 4.99
N ASN C 445 6.66 -14.01 5.34
CA ASN C 445 7.80 -14.00 4.42
C ASN C 445 8.30 -15.39 4.17
N ASP C 446 8.40 -16.21 5.21
CA ASP C 446 8.74 -17.61 4.99
C ASP C 446 7.68 -18.29 4.13
N LEU C 447 6.43 -17.81 4.17
CA LEU C 447 5.40 -18.46 3.36
C LEU C 447 5.47 -18.06 1.89
N LYS C 448 5.73 -16.78 1.58
CA LYS C 448 5.69 -16.30 0.21
C LYS C 448 6.66 -17.04 -0.70
N SER C 449 7.66 -17.71 -0.13
CA SER C 449 8.55 -18.55 -0.91
C SER C 449 8.02 -19.97 -1.06
N ARG C 450 6.79 -20.25 -0.63
CA ARG C 450 6.28 -21.61 -0.64
C ARG C 450 4.89 -21.68 -1.25
N LEU C 451 4.14 -20.60 -1.12
CA LEU C 451 2.76 -20.56 -1.54
C LEU C 451 2.52 -19.26 -2.32
N PRO C 452 1.70 -19.30 -3.36
CA PRO C 452 1.35 -18.08 -4.07
C PRO C 452 0.58 -17.19 -3.12
N GLU C 453 0.86 -15.89 -3.15
CA GLU C 453 0.45 -15.05 -2.03
C GLU C 453 -1.05 -15.07 -1.80
N TYR C 454 -1.84 -15.48 -2.81
CA TYR C 454 -3.29 -15.49 -2.60
C TYR C 454 -3.71 -16.59 -1.65
N MET C 455 -2.76 -17.37 -1.09
CA MET C 455 -3.13 -18.35 -0.09
C MET C 455 -2.32 -18.18 1.19
N ILE C 456 -1.81 -16.98 1.42
CA ILE C 456 -1.23 -16.61 2.72
C ILE C 456 -2.31 -15.99 3.61
N PRO C 457 -2.47 -16.49 4.83
CA PRO C 457 -3.51 -15.93 5.72
C PRO C 457 -3.28 -14.46 5.99
N ARG C 458 -4.38 -13.69 5.99
CA ARG C 458 -4.31 -12.27 6.30
C ARG C 458 -3.53 -12.03 7.57
N LYS C 459 -3.81 -12.82 8.61
CA LYS C 459 -3.31 -12.59 9.96
C LYS C 459 -3.27 -13.92 10.72
N PHE C 460 -2.59 -13.90 11.86
CA PHE C 460 -2.44 -15.07 12.71
C PHE C 460 -3.00 -14.82 14.10
N GLU C 461 -3.49 -15.88 14.70
CA GLU C 461 -3.95 -15.91 16.08
C GLU C 461 -3.10 -16.93 16.82
N TRP C 462 -2.63 -16.60 18.02
CA TRP C 462 -1.71 -17.51 18.70
C TRP C 462 -2.36 -18.30 19.80
N MET C 463 -1.98 -19.56 19.86
CA MET C 463 -2.61 -20.53 20.74
C MET C 463 -1.49 -21.19 21.53
N GLU C 464 -1.75 -21.48 22.78
CA GLU C 464 -0.75 -22.12 23.59
C GLU C 464 -0.75 -23.62 23.34
N GLN C 465 -1.90 -24.15 22.92
CA GLN C 465 -2.04 -25.51 22.41
C GLN C 465 -3.34 -25.59 21.64
N LEU C 466 -3.40 -26.50 20.69
CA LEU C 466 -4.65 -26.65 19.95
C LEU C 466 -5.60 -27.57 20.72
N PRO C 467 -6.89 -27.26 20.76
CA PRO C 467 -7.83 -28.13 21.45
C PRO C 467 -8.03 -29.44 20.70
N LEU C 468 -8.30 -30.50 21.45
CA LEU C 468 -8.54 -31.82 20.88
C LEU C 468 -9.99 -32.28 21.04
N THR C 469 -10.45 -32.94 19.99
CA THR C 469 -11.63 -33.77 19.87
C THR C 469 -11.61 -34.86 20.93
N SER C 470 -12.76 -35.49 21.20
CA SER C 470 -12.73 -36.63 22.12
C SER C 470 -11.92 -37.77 21.53
N ASN C 471 -11.84 -37.87 20.22
CA ASN C 471 -11.02 -38.92 19.64
C ASN C 471 -9.53 -38.60 19.65
N GLY C 472 -9.15 -37.40 20.07
CA GLY C 472 -7.77 -37.03 20.10
C GLY C 472 -7.25 -36.41 18.82
N LYS C 473 -8.14 -36.02 17.90
CA LYS C 473 -7.73 -35.24 16.76
C LYS C 473 -7.89 -33.77 17.08
N ILE C 474 -7.22 -32.93 16.29
CA ILE C 474 -7.34 -31.49 16.44
C ILE C 474 -8.79 -31.09 16.17
N ASP C 475 -9.35 -30.26 17.06
CA ASP C 475 -10.75 -29.85 16.95
C ASP C 475 -10.84 -28.57 16.12
N ARG C 476 -10.95 -28.76 14.79
CA ARG C 476 -11.04 -27.60 13.89
C ARG C 476 -12.24 -26.74 14.23
N LYS C 477 -13.38 -27.37 14.53
CA LYS C 477 -14.62 -26.61 14.76
C LYS C 477 -14.44 -25.63 15.90
N LYS C 478 -13.76 -26.09 16.97
CA LYS C 478 -13.54 -25.32 18.19
C LYS C 478 -12.53 -24.21 17.96
N ILE C 479 -11.56 -24.44 17.08
CA ILE C 479 -10.59 -23.41 16.73
C ILE C 479 -11.28 -22.30 15.93
N ALA C 480 -12.18 -22.70 15.03
CA ALA C 480 -13.00 -21.74 14.31
C ALA C 480 -13.86 -20.92 15.25
N GLU C 481 -14.41 -21.58 16.29
CA GLU C 481 -15.24 -20.84 17.24
C GLU C 481 -14.42 -19.83 18.03
N VAL C 482 -13.18 -20.20 18.38
CA VAL C 482 -12.34 -19.27 19.12
C VAL C 482 -11.88 -18.11 18.24
N ILE C 483 -11.56 -18.40 16.97
CA ILE C 483 -11.03 -17.34 16.11
C ILE C 483 -12.12 -16.38 15.69
N ASN C 484 -13.27 -16.90 15.26
CA ASN C 484 -14.32 -16.01 14.80
C ASN C 484 -15.16 -15.51 15.98
N GLY C 485 -15.99 -16.40 16.53
CA GLY C 485 -16.86 -16.09 17.65
C GLY C 485 -16.22 -15.65 18.95
N MET D 1 -19.19 53.95 17.71
CA MET D 1 -20.54 54.41 17.37
C MET D 1 -20.96 53.83 16.03
N THR D 2 -20.51 54.52 14.98
CA THR D 2 -20.46 54.02 13.63
C THR D 2 -19.29 53.06 13.43
N ASP D 3 -18.60 52.68 14.51
CA ASP D 3 -17.37 51.90 14.42
C ASP D 3 -17.68 50.43 14.27
N ILE D 4 -16.85 49.73 13.49
CA ILE D 4 -17.20 48.37 13.06
C ILE D 4 -17.15 47.40 14.23
N ILE D 5 -16.07 47.43 15.03
CA ILE D 5 -15.97 46.52 16.17
C ILE D 5 -17.09 46.78 17.16
N ASN D 6 -17.38 48.06 17.44
CA ASN D 6 -18.47 48.38 18.36
C ASN D 6 -19.79 47.88 17.83
N LYS D 7 -20.05 48.07 16.55
CA LYS D 7 -21.31 47.55 16.02
C LYS D 7 -21.38 46.04 16.17
N LEU D 8 -20.27 45.35 15.91
CA LEU D 8 -20.26 43.89 16.04
C LEU D 8 -20.42 43.44 17.48
N GLN D 9 -19.82 44.16 18.44
CA GLN D 9 -20.01 43.79 19.83
C GLN D 9 -21.43 44.06 20.29
N ALA D 10 -22.05 45.13 19.80
CA ALA D 10 -23.45 45.35 20.16
C ALA D 10 -24.29 44.16 19.70
N PHE D 11 -24.07 43.72 18.46
CA PHE D 11 -24.83 42.55 18.01
C PHE D 11 -24.45 41.27 18.77
N ALA D 12 -23.17 41.09 19.09
CA ALA D 12 -22.77 39.86 19.78
C ALA D 12 -23.29 39.81 21.21
N ASP D 13 -23.36 40.96 21.87
CA ASP D 13 -23.92 41.03 23.21
C ASP D 13 -25.43 40.85 23.18
N ALA D 14 -26.09 41.37 22.13
CA ALA D 14 -27.54 41.24 22.05
C ALA D 14 -27.98 39.83 21.65
N ASN D 15 -27.25 39.13 20.77
CA ASN D 15 -27.64 37.80 20.30
C ASN D 15 -26.43 36.88 20.23
N PRO D 16 -25.84 36.55 21.39
CA PRO D 16 -24.56 35.80 21.35
C PRO D 16 -24.62 34.49 20.61
N GLN D 17 -25.76 33.80 20.58
CA GLN D 17 -25.84 32.50 19.93
C GLN D 17 -26.41 32.56 18.53
N SER D 18 -26.65 33.75 17.98
CA SER D 18 -26.95 33.84 16.55
C SER D 18 -25.69 33.63 15.71
N ILE D 19 -25.88 32.97 14.56
CA ILE D 19 -24.79 32.56 13.69
C ILE D 19 -24.29 33.76 12.88
N ALA D 20 -23.01 34.09 13.04
CA ALA D 20 -22.33 35.16 12.32
C ALA D 20 -21.74 34.68 10.99
N VAL D 21 -21.25 33.45 10.94
CA VAL D 21 -20.61 32.89 9.75
C VAL D 21 -21.06 31.45 9.56
N ARG D 22 -21.35 31.09 8.31
CA ARG D 22 -21.71 29.71 7.98
C ARG D 22 -21.00 29.27 6.71
N HIS D 23 -20.37 28.11 6.76
CA HIS D 23 -19.76 27.49 5.59
C HIS D 23 -20.23 26.05 5.64
N THR D 24 -21.27 25.72 4.90
CA THR D 24 -21.85 24.39 4.94
C THR D 24 -22.27 24.12 6.36
N THR D 25 -21.75 23.06 6.92
CA THR D 25 -22.06 22.65 8.29
C THR D 25 -21.31 23.46 9.34
N ASP D 26 -20.22 24.11 8.96
CA ASP D 26 -19.43 24.87 9.92
C ASP D 26 -20.10 26.20 10.21
N GLU D 27 -20.32 26.47 11.48
CA GLU D 27 -20.94 27.70 11.92
C GLU D 27 -20.07 28.35 12.97
N LEU D 28 -20.21 29.66 13.07
CA LEU D 28 -19.53 30.40 14.11
C LEU D 28 -20.54 31.43 14.64
N THR D 29 -20.84 31.37 15.93
CA THR D 29 -21.78 32.33 16.52
C THR D 29 -21.10 33.67 16.72
N TYR D 30 -21.94 34.71 16.93
CA TYR D 30 -21.43 36.05 17.20
C TYR D 30 -20.54 36.06 18.45
N GLN D 31 -20.94 35.32 19.48
CA GLN D 31 -20.08 35.21 20.65
C GLN D 31 -18.77 34.52 20.30
N GLN D 32 -18.82 33.37 19.61
CA GLN D 32 -17.58 32.72 19.25
C GLN D 32 -16.72 33.60 18.36
N LEU D 33 -17.37 34.37 17.47
CA LEU D 33 -16.62 35.29 16.62
C LEU D 33 -15.82 36.28 17.47
N MET D 34 -16.50 36.91 18.44
CA MET D 34 -15.83 37.92 19.27
C MET D 34 -14.82 37.28 20.23
N ASP D 35 -15.17 36.13 20.83
CA ASP D 35 -14.30 35.43 21.77
C ASP D 35 -13.01 34.98 21.10
N GLU D 36 -13.14 34.18 20.03
CA GLU D 36 -11.94 33.71 19.35
C GLU D 36 -11.15 34.87 18.76
N SER D 37 -11.85 35.91 18.27
CA SER D 37 -11.13 37.02 17.67
C SER D 37 -10.33 37.78 18.72
N SER D 38 -10.85 37.90 19.95
CA SER D 38 -10.03 38.45 21.01
C SER D 38 -8.83 37.58 21.32
N LYS D 39 -9.01 36.25 21.40
CA LYS D 39 -7.86 35.41 21.69
C LYS D 39 -6.77 35.61 20.62
N LEU D 40 -7.19 35.70 19.37
CA LEU D 40 -6.22 35.91 18.31
C LEU D 40 -5.57 37.27 18.44
N ALA D 41 -6.34 38.30 18.78
CA ALA D 41 -5.75 39.61 19.01
C ALA D 41 -4.66 39.54 20.07
N HIS D 42 -4.91 38.77 21.14
CA HIS D 42 -3.89 38.60 22.18
C HIS D 42 -2.62 37.99 21.60
N ARG D 43 -2.77 36.94 20.80
CA ARG D 43 -1.56 36.40 20.18
C ARG D 43 -0.88 37.38 19.22
N LEU D 44 -1.59 38.39 18.70
CA LEU D 44 -0.96 39.34 17.78
C LEU D 44 -0.46 40.61 18.44
N GLN D 45 -0.76 40.80 19.72
CA GLN D 45 -0.69 42.11 20.34
C GLN D 45 0.71 42.71 20.27
N GLY D 46 0.76 43.98 19.89
CA GLY D 46 1.98 44.71 19.75
C GLY D 46 2.51 44.76 18.33
N SER D 47 2.24 43.73 17.52
CA SER D 47 2.73 43.72 16.15
C SER D 47 2.19 44.92 15.37
N LYS D 48 3.11 45.66 14.73
CA LYS D 48 2.72 46.65 13.73
C LYS D 48 3.24 46.18 12.38
N LYS D 49 2.92 44.93 12.05
CA LYS D 49 3.06 44.31 10.75
C LYS D 49 1.77 43.60 10.41
N PRO D 50 1.33 43.69 9.15
CA PRO D 50 0.08 43.02 8.77
C PRO D 50 0.19 41.51 8.94
N MET D 51 -0.93 40.91 9.34
CA MET D 51 -1.03 39.47 9.54
C MET D 51 -1.48 38.81 8.23
N ILE D 52 -0.71 37.85 7.74
CA ILE D 52 -1.19 37.13 6.57
C ILE D 52 -2.35 36.27 6.99
N LEU D 53 -3.46 36.37 6.26
CA LEU D 53 -4.68 35.62 6.54
C LEU D 53 -4.87 34.68 5.36
N PHE D 54 -4.61 33.39 5.57
CA PHE D 54 -4.51 32.42 4.48
C PHE D 54 -5.57 31.33 4.57
N GLY D 55 -6.15 31.00 3.43
CA GLY D 55 -7.10 29.92 3.42
C GLY D 55 -8.13 30.11 2.31
N HIS D 56 -9.24 29.42 2.49
CA HIS D 56 -10.31 29.62 1.54
C HIS D 56 -11.55 30.23 2.22
N MET D 57 -12.41 29.37 2.76
CA MET D 57 -13.70 29.78 3.24
C MET D 57 -13.96 29.22 4.64
N SER D 58 -12.93 28.90 5.40
CA SER D 58 -13.20 28.53 6.76
C SER D 58 -13.74 29.74 7.51
N PRO D 59 -14.71 29.56 8.40
CA PRO D 59 -15.22 30.73 9.14
C PRO D 59 -14.14 31.43 9.93
N TYR D 60 -13.04 30.76 10.27
CA TYR D 60 -11.99 31.44 11.02
C TYR D 60 -11.26 32.49 10.16
N MET D 61 -11.40 32.44 8.84
CA MET D 61 -10.96 33.59 8.05
C MET D 61 -11.56 34.87 8.61
N ILE D 62 -12.87 34.85 8.92
CA ILE D 62 -13.49 36.02 9.53
C ILE D 62 -12.87 36.34 10.88
N VAL D 63 -12.64 35.30 11.69
CA VAL D 63 -11.97 35.48 12.96
C VAL D 63 -10.68 36.25 12.75
N GLY D 64 -9.90 35.81 11.74
CA GLY D 64 -8.61 36.43 11.48
C GLY D 64 -8.76 37.92 11.25
N MET D 65 -9.78 38.30 10.47
CA MET D 65 -10.01 39.70 10.18
C MET D 65 -10.30 40.46 11.46
N ILE D 66 -11.27 39.98 12.24
CA ILE D 66 -11.72 40.79 13.37
C ILE D 66 -10.60 40.96 14.36
N GLY D 67 -9.84 39.88 14.57
CA GLY D 67 -8.71 39.93 15.47
C GLY D 67 -7.67 40.91 15.00
N ALA D 68 -7.34 40.85 13.69
CA ALA D 68 -6.28 41.73 13.19
C ALA D 68 -6.69 43.20 13.25
N ILE D 69 -7.99 43.49 13.19
CA ILE D 69 -8.42 44.86 13.39
C ILE D 69 -8.19 45.26 14.83
N LYS D 70 -8.57 44.38 15.76
CA LYS D 70 -8.50 44.72 17.16
C LYS D 70 -7.08 45.02 17.60
N ALA D 71 -6.11 44.24 17.11
CA ALA D 71 -4.71 44.50 17.41
C ALA D 71 -4.17 45.73 16.71
N GLY D 72 -4.84 46.24 15.69
CA GLY D 72 -4.39 47.45 15.03
C GLY D 72 -3.33 47.23 13.99
N CYS D 73 -2.93 45.98 13.75
CA CYS D 73 -1.94 45.69 12.74
C CYS D 73 -2.53 45.50 11.35
N GLY D 74 -3.82 45.14 11.26
CA GLY D 74 -4.44 44.86 9.97
C GLY D 74 -4.11 43.46 9.45
N TYR D 75 -4.63 43.15 8.27
CA TYR D 75 -4.46 41.81 7.73
C TYR D 75 -4.26 41.86 6.21
N VAL D 76 -3.83 40.73 5.67
CA VAL D 76 -3.60 40.51 4.25
C VAL D 76 -4.25 39.18 3.86
N PRO D 77 -5.39 39.20 3.17
CA PRO D 77 -6.04 37.95 2.79
C PRO D 77 -5.35 37.25 1.60
N VAL D 78 -5.05 35.97 1.78
CA VAL D 78 -4.48 35.15 0.72
C VAL D 78 -5.36 33.91 0.54
N ASP D 79 -5.94 33.77 -0.62
CA ASP D 79 -6.78 32.63 -0.91
C ASP D 79 -5.95 31.45 -1.42
N THR D 80 -6.47 30.25 -1.19
CA THR D 80 -5.76 29.06 -1.61
C THR D 80 -5.64 28.96 -3.13
N SER D 81 -6.43 29.70 -3.88
CA SER D 81 -6.29 29.59 -5.34
C SER D 81 -5.08 30.35 -5.87
N ILE D 82 -4.42 31.14 -5.05
CA ILE D 82 -3.25 31.92 -5.47
C ILE D 82 -2.05 30.99 -5.61
N PRO D 83 -1.32 31.05 -6.73
CA PRO D 83 -0.15 30.18 -6.92
C PRO D 83 0.87 30.41 -5.82
N GLU D 84 1.64 29.34 -5.53
CA GLU D 84 2.70 29.38 -4.53
C GLU D 84 3.65 30.53 -4.74
N ASP D 85 4.09 30.73 -5.97
CA ASP D 85 5.12 31.73 -6.20
C ASP D 85 4.59 33.13 -5.95
N ARG D 86 3.33 33.40 -6.34
CA ARG D 86 2.68 34.65 -5.95
C ARG D 86 2.62 34.78 -4.43
N ILE D 87 2.19 33.71 -3.74
CA ILE D 87 2.17 33.69 -2.29
C ILE D 87 3.53 34.06 -1.71
N LYS D 88 4.59 33.40 -2.19
CA LYS D 88 5.94 33.71 -1.75
C LYS D 88 6.25 35.19 -1.92
N MET D 89 5.91 35.75 -3.09
CA MET D 89 6.17 37.18 -3.29
C MET D 89 5.36 38.05 -2.33
N ILE D 90 4.10 37.68 -2.05
CA ILE D 90 3.25 38.45 -1.13
C ILE D 90 3.87 38.47 0.27
N ILE D 91 4.09 37.28 0.83
CA ILE D 91 4.74 37.15 2.13
C ILE D 91 6.09 37.87 2.15
N ASN D 92 6.82 37.85 1.02
CA ASN D 92 8.05 38.61 0.95
C ASN D 92 7.82 40.11 1.03
N LYS D 93 6.83 40.63 0.29
CA LYS D 93 6.55 42.06 0.31
C LYS D 93 6.11 42.50 1.71
N VAL D 94 5.24 41.72 2.35
CA VAL D 94 4.67 42.13 3.63
C VAL D 94 5.71 42.04 4.74
N GLN D 95 6.57 41.02 4.72
CA GLN D 95 7.43 40.71 5.86
C GLN D 95 6.62 40.59 7.13
N PRO D 96 5.68 39.67 7.24
CA PRO D 96 4.82 39.57 8.42
C PRO D 96 5.52 38.96 9.63
N GLU D 97 5.03 39.34 10.82
CA GLU D 97 5.38 38.64 12.06
C GLU D 97 4.48 37.43 12.29
N PHE D 98 3.25 37.46 11.78
CA PHE D 98 2.30 36.39 11.97
C PHE D 98 1.58 36.01 10.68
N VAL D 99 1.33 34.70 10.53
CA VAL D 99 0.52 34.20 9.43
C VAL D 99 -0.45 33.17 10.01
N PHE D 100 -1.74 33.39 9.79
CA PHE D 100 -2.84 32.56 10.27
C PHE D 100 -3.19 31.57 9.16
N ASN D 101 -2.90 30.28 9.41
CA ASN D 101 -3.30 29.19 8.54
C ASN D 101 -4.63 28.62 9.01
N THR D 102 -5.72 28.94 8.30
CA THR D 102 -7.05 28.39 8.61
C THR D 102 -7.44 27.18 7.78
N THR D 103 -6.49 26.53 7.10
CA THR D 103 -6.79 25.32 6.36
C THR D 103 -6.47 24.07 7.20
N ASP D 104 -6.77 22.90 6.64
CA ASP D 104 -6.45 21.64 7.29
C ASP D 104 -5.03 21.18 7.01
N GLU D 105 -4.36 21.80 6.05
CA GLU D 105 -3.01 21.48 5.62
C GLU D 105 -1.97 22.32 6.33
N SER D 106 -0.74 21.81 6.28
CA SER D 106 0.42 22.54 6.72
C SER D 106 0.66 23.74 5.81
N PHE D 107 1.04 24.87 6.39
CA PHE D 107 1.49 26.02 5.62
C PHE D 107 2.83 26.46 6.19
N GLU D 108 3.82 26.62 5.33
CA GLU D 108 5.11 27.08 5.77
C GLU D 108 5.39 28.47 5.21
N SER D 109 6.18 29.22 5.97
CA SER D 109 6.50 30.59 5.61
C SER D 109 7.93 30.89 6.02
N LEU D 110 8.67 31.47 5.07
CA LEU D 110 10.01 31.94 5.36
C LEU D 110 10.01 33.04 6.42
N GLU D 111 8.93 33.83 6.47
CA GLU D 111 8.78 34.98 7.36
C GLU D 111 7.60 34.75 8.29
N GLY D 112 7.81 35.04 9.56
CA GLY D 112 6.74 35.06 10.52
C GLY D 112 6.44 33.70 11.12
N GLU D 113 5.55 33.73 12.10
CA GLU D 113 5.16 32.57 12.86
C GLU D 113 3.84 32.06 12.31
N VAL D 114 3.83 30.83 11.78
CA VAL D 114 2.59 30.23 11.28
C VAL D 114 1.86 29.59 12.45
N PHE D 115 0.62 30.02 12.69
CA PHE D 115 -0.22 29.36 13.67
C PHE D 115 -1.54 28.93 13.04
N THR D 116 -2.24 28.02 13.71
CA THR D 116 -3.42 27.39 13.16
C THR D 116 -4.66 27.75 13.97
N ILE D 117 -5.78 27.16 13.56
CA ILE D 117 -7.04 27.29 14.31
C ILE D 117 -6.92 26.67 15.70
N GLU D 118 -6.29 25.49 15.80
CA GLU D 118 -6.08 24.85 17.10
C GLU D 118 -5.45 25.78 18.10
N ASP D 119 -4.46 26.57 17.66
CA ASP D 119 -3.78 27.50 18.57
C ASP D 119 -4.69 28.62 19.04
N ILE D 120 -5.80 28.87 18.34
CA ILE D 120 -6.76 29.85 18.84
C ILE D 120 -7.83 29.18 19.69
N LYS D 121 -8.32 28.02 19.26
CA LYS D 121 -9.35 27.32 20.03
C LYS D 121 -8.86 26.98 21.43
N THR D 122 -7.61 26.52 21.55
CA THR D 122 -7.03 26.12 22.82
C THR D 122 -6.28 27.23 23.54
N SER D 123 -6.20 28.42 22.97
CA SER D 123 -5.58 29.52 23.68
C SER D 123 -6.33 29.78 24.97
N GLN D 124 -5.58 30.02 26.04
CA GLN D 124 -6.29 30.44 27.24
C GLN D 124 -6.21 31.95 27.47
N ASP D 125 -5.52 32.68 26.58
CA ASP D 125 -5.55 34.13 26.58
C ASP D 125 -6.98 34.62 26.74
N PRO D 126 -7.17 35.83 27.26
CA PRO D 126 -8.52 36.33 27.56
C PRO D 126 -9.41 36.45 26.34
N VAL D 127 -10.72 36.43 26.62
CA VAL D 127 -11.75 36.56 25.59
C VAL D 127 -12.17 38.02 25.38
N ILE D 128 -11.63 38.96 26.16
CA ILE D 128 -11.83 40.39 25.99
C ILE D 128 -10.55 41.00 25.45
N PHE D 129 -10.66 41.83 24.41
CA PHE D 129 -9.54 42.59 23.88
C PHE D 129 -10.06 43.94 23.43
N ASP D 130 -9.55 45.01 24.01
CA ASP D 130 -9.95 46.37 23.64
C ASP D 130 -9.37 46.69 22.26
N SER D 131 -10.24 46.94 21.29
CA SER D 131 -9.77 47.24 19.94
C SER D 131 -8.81 48.41 19.96
N GLN D 132 -7.67 48.24 19.28
CA GLN D 132 -6.64 49.27 19.28
C GLN D 132 -6.46 49.92 17.93
N ILE D 133 -7.30 49.57 16.95
CA ILE D 133 -7.21 50.15 15.63
C ILE D 133 -7.49 51.65 15.68
N LYS D 134 -6.89 52.38 14.76
CA LYS D 134 -7.14 53.81 14.59
C LYS D 134 -7.53 54.10 13.15
N ASP D 135 -8.11 55.28 12.96
CA ASP D 135 -8.66 55.66 11.66
C ASP D 135 -7.63 55.59 10.56
N ASN D 136 -6.40 56.04 10.82
CA ASN D 136 -5.39 56.09 9.78
C ASN D 136 -4.56 54.83 9.74
N ASP D 137 -4.90 53.81 10.53
CA ASP D 137 -4.24 52.53 10.41
C ASP D 137 -4.66 51.85 9.11
N THR D 138 -3.77 51.05 8.55
CA THR D 138 -4.12 50.25 7.38
C THR D 138 -4.83 48.99 7.84
N VAL D 139 -6.14 48.91 7.56
CA VAL D 139 -6.92 47.78 8.05
C VAL D 139 -6.67 46.53 7.21
N TYR D 140 -6.50 46.67 5.91
CA TYR D 140 -6.19 45.51 5.09
C TYR D 140 -5.35 45.93 3.89
N THR D 141 -4.61 44.96 3.36
CA THR D 141 -3.89 45.09 2.09
C THR D 141 -4.39 43.97 1.18
N ILE D 142 -5.08 44.34 0.12
CA ILE D 142 -5.67 43.39 -0.82
C ILE D 142 -5.05 43.57 -2.19
N PHE D 143 -4.89 42.47 -2.91
CA PHE D 143 -4.34 42.51 -4.24
C PHE D 143 -5.43 42.56 -5.31
N THR D 144 -5.11 43.21 -6.42
CA THR D 144 -6.07 43.44 -7.49
C THR D 144 -6.28 42.15 -8.29
N SER D 145 -7.31 42.15 -9.14
CA SER D 145 -7.69 40.93 -9.82
C SER D 145 -6.65 40.44 -10.84
N GLY D 146 -5.67 41.26 -11.21
CA GLY D 146 -4.76 40.85 -12.26
C GLY D 146 -5.31 40.87 -13.67
N SER D 147 -6.35 41.67 -13.93
CA SER D 147 -6.93 41.67 -15.27
C SER D 147 -6.00 42.32 -16.30
N THR D 148 -5.20 43.29 -15.86
CA THR D 148 -4.39 44.07 -16.76
C THR D 148 -2.90 43.76 -16.63
N GLY D 149 -2.52 43.12 -15.54
CA GLY D 149 -1.15 42.75 -15.32
C GLY D 149 -1.09 41.98 -14.02
N GLU D 150 0.05 41.99 -13.36
CA GLU D 150 0.16 41.33 -12.07
C GLU D 150 -0.76 41.99 -11.06
N PRO D 151 -1.41 41.20 -10.20
CA PRO D 151 -2.18 41.80 -9.10
C PRO D 151 -1.30 42.75 -8.31
N LYS D 152 -1.86 43.92 -7.98
CA LYS D 152 -1.14 44.90 -7.16
C LYS D 152 -1.70 44.89 -5.74
N GLY D 153 -0.83 45.17 -4.76
CA GLY D 153 -1.23 45.23 -3.38
C GLY D 153 -1.72 46.60 -2.95
N VAL D 154 -3.01 46.69 -2.65
CA VAL D 154 -3.71 47.93 -2.32
C VAL D 154 -3.91 48.03 -0.81
N GLN D 155 -3.55 49.17 -0.24
CA GLN D 155 -3.70 49.38 1.20
C GLN D 155 -4.85 50.34 1.49
N ILE D 156 -5.70 49.97 2.45
CA ILE D 156 -6.92 50.73 2.73
C ILE D 156 -6.97 51.12 4.19
N GLU D 157 -7.20 52.40 4.44
CA GLU D 157 -7.37 52.91 5.80
C GLU D 157 -8.64 52.37 6.46
N TYR D 158 -8.54 52.14 7.78
CA TYR D 158 -9.72 51.73 8.53
C TYR D 158 -10.89 52.71 8.34
N ALA D 159 -10.59 54.02 8.35
CA ALA D 159 -11.66 55.00 8.24
C ALA D 159 -12.36 54.87 6.90
N SER D 160 -11.61 54.47 5.86
CA SER D 160 -12.21 54.17 4.57
C SER D 160 -13.16 52.98 4.65
N LEU D 161 -12.79 51.95 5.42
CA LEU D 161 -13.65 50.78 5.52
C LEU D 161 -14.91 51.10 6.30
N VAL D 162 -14.77 51.84 7.40
CA VAL D 162 -15.95 52.27 8.15
C VAL D 162 -16.90 53.04 7.25
N GLN D 163 -16.35 54.04 6.54
CA GLN D 163 -17.19 54.86 5.69
C GLN D 163 -17.93 54.03 4.65
N PHE D 164 -17.18 53.14 3.97
CA PHE D 164 -17.79 52.25 2.99
C PHE D 164 -18.88 51.39 3.61
N THR D 165 -18.60 50.81 4.79
CA THR D 165 -19.55 49.92 5.45
C THR D 165 -20.86 50.65 5.80
N GLU D 166 -20.75 51.86 6.33
CA GLU D 166 -21.95 52.65 6.67
C GLU D 166 -22.71 53.00 5.40
N TRP D 167 -22.00 53.29 4.30
CA TRP D 167 -22.65 53.51 3.02
C TRP D 167 -23.49 52.30 2.66
N MET D 168 -22.90 51.11 2.78
CA MET D 168 -23.64 49.89 2.48
C MET D 168 -24.84 49.74 3.40
N LEU D 169 -24.66 50.02 4.69
CA LEU D 169 -25.76 49.83 5.63
C LEU D 169 -26.93 50.74 5.27
N GLU D 170 -26.64 51.93 4.78
CA GLU D 170 -27.70 52.82 4.35
C GLU D 170 -28.28 52.37 3.03
N LEU D 171 -27.51 51.63 2.23
CA LEU D 171 -28.06 51.11 0.98
C LEU D 171 -28.95 49.89 1.22
N ASN D 172 -28.69 49.13 2.29
CA ASN D 172 -29.49 47.94 2.57
C ASN D 172 -30.96 48.30 2.87
N LYS D 173 -31.88 47.61 2.20
CA LYS D 173 -33.32 47.80 2.42
C LYS D 173 -34.00 46.60 3.06
N SER D 174 -33.27 45.54 3.40
CA SER D 174 -33.82 44.31 3.95
C SER D 174 -33.64 44.18 5.45
N GLY D 175 -33.05 45.18 6.10
CA GLY D 175 -32.94 45.20 7.53
C GLY D 175 -31.76 44.39 8.06
N ASN D 176 -31.78 44.25 9.38
CA ASN D 176 -30.74 43.58 10.15
C ASN D 176 -31.01 42.07 10.22
N LYS D 177 -30.02 41.33 10.68
CA LYS D 177 -30.15 39.89 10.92
C LYS D 177 -30.62 39.11 9.69
N GLN D 178 -30.21 39.52 8.49
CA GLN D 178 -30.56 38.79 7.28
C GLN D 178 -29.50 37.72 6.95
N GLN D 179 -29.89 36.77 6.11
CA GLN D 179 -28.94 35.79 5.59
C GLN D 179 -28.24 36.39 4.37
N TRP D 180 -26.93 36.66 4.50
CA TRP D 180 -26.08 37.19 3.43
C TRP D 180 -25.35 36.06 2.68
N LEU D 181 -25.17 36.23 1.37
CA LEU D 181 -24.39 35.32 0.53
C LEU D 181 -23.14 36.00 -0.02
N ASN D 182 -22.00 35.34 0.11
CA ASN D 182 -20.74 35.79 -0.47
C ASN D 182 -20.18 34.77 -1.43
N GLN D 183 -19.71 35.25 -2.56
CA GLN D 183 -19.05 34.45 -3.60
C GLN D 183 -17.56 34.74 -3.74
N ALA D 184 -17.15 35.99 -3.49
CA ALA D 184 -15.80 36.41 -3.75
C ALA D 184 -14.83 35.79 -2.75
N PRO D 185 -13.68 35.26 -3.19
CA PRO D 185 -12.64 34.88 -2.22
C PRO D 185 -12.17 36.09 -1.43
N PHE D 186 -11.59 35.79 -0.27
CA PHE D 186 -11.23 36.88 0.63
C PHE D 186 -10.08 37.72 0.10
N SER D 187 -9.34 37.23 -0.90
CA SER D 187 -8.30 37.98 -1.58
C SER D 187 -8.84 38.88 -2.69
N PHE D 188 -10.14 38.87 -2.92
CA PHE D 188 -10.84 39.75 -3.83
C PHE D 188 -11.67 40.68 -2.94
N ASP D 189 -11.52 42.01 -3.10
CA ASP D 189 -12.17 42.90 -2.14
C ASP D 189 -13.69 43.01 -2.35
N LEU D 190 -14.22 42.37 -3.40
CA LEU D 190 -15.66 42.27 -3.51
C LEU D 190 -16.23 41.65 -2.25
N SER D 191 -15.50 40.68 -1.67
CA SER D 191 -15.94 40.04 -0.45
C SER D 191 -16.19 41.03 0.68
N VAL D 192 -15.39 42.11 0.74
CA VAL D 192 -15.56 43.10 1.80
C VAL D 192 -17.00 43.62 1.81
N MET D 193 -17.57 43.85 0.62
CA MET D 193 -18.95 44.32 0.48
C MET D 193 -19.95 43.40 1.17
N ALA D 194 -19.62 42.13 1.37
CA ALA D 194 -20.44 41.25 2.18
C ALA D 194 -19.98 41.18 3.63
N ILE D 195 -18.67 41.09 3.88
CA ILE D 195 -18.20 40.76 5.22
C ILE D 195 -18.74 41.75 6.24
N TYR D 196 -18.45 43.03 6.03
CA TYR D 196 -18.66 44.08 7.01
C TYR D 196 -20.08 44.61 7.06
N PRO D 197 -20.77 44.84 5.92
CA PRO D 197 -22.20 45.19 6.04
C PRO D 197 -22.99 44.11 6.74
N CYS D 198 -22.60 42.85 6.57
CA CYS D 198 -23.32 41.76 7.20
C CYS D 198 -23.09 41.74 8.69
N LEU D 199 -21.83 41.65 9.13
CA LEU D 199 -21.57 41.61 10.56
C LEU D 199 -22.05 42.88 11.26
N ALA D 200 -21.92 44.04 10.61
CA ALA D 200 -22.35 45.27 11.24
C ALA D 200 -23.88 45.42 11.24
N SER D 201 -24.62 44.44 10.73
CA SER D 201 -26.07 44.46 10.83
C SER D 201 -26.61 43.19 11.49
N GLY D 202 -25.78 42.43 12.20
CA GLY D 202 -26.26 41.23 12.86
C GLY D 202 -26.60 40.07 11.93
N GLY D 203 -26.31 40.18 10.62
CA GLY D 203 -26.68 39.15 9.67
C GLY D 203 -25.80 37.93 9.78
N THR D 204 -26.13 36.92 8.99
CA THR D 204 -25.29 35.73 8.88
C THR D 204 -24.52 35.75 7.56
N LEU D 205 -23.20 35.69 7.63
CA LEU D 205 -22.36 35.60 6.44
C LEU D 205 -22.28 34.15 5.97
N ASN D 206 -22.88 33.85 4.81
CA ASN D 206 -22.84 32.51 4.21
C ASN D 206 -21.82 32.46 3.07
N LEU D 207 -20.89 31.48 3.13
CA LEU D 207 -19.73 31.47 2.26
C LEU D 207 -19.95 30.43 1.16
N VAL D 208 -20.08 30.90 -0.08
CA VAL D 208 -19.97 30.06 -1.25
C VAL D 208 -18.49 29.82 -1.49
N ASP D 209 -18.09 28.55 -1.58
CA ASP D 209 -16.69 28.24 -1.80
C ASP D 209 -16.47 27.91 -3.27
N LYS D 210 -15.20 27.67 -3.65
CA LYS D 210 -14.85 27.40 -5.03
C LYS D 210 -15.50 26.12 -5.55
N ASN D 211 -15.50 25.06 -4.74
CA ASN D 211 -16.12 23.80 -5.11
C ASN D 211 -17.59 23.98 -5.49
N MET D 212 -18.33 24.81 -4.75
CA MET D 212 -19.72 25.08 -5.11
C MET D 212 -19.80 25.76 -6.47
N ILE D 213 -18.93 26.74 -6.73
CA ILE D 213 -18.92 27.41 -8.02
C ILE D 213 -18.62 26.43 -9.15
N ASN D 214 -17.76 25.44 -8.92
CA ASN D 214 -17.47 24.54 -10.03
C ASN D 214 -18.56 23.48 -10.23
N LYS D 215 -19.30 23.13 -9.17
CA LYS D 215 -20.33 22.09 -9.25
C LYS D 215 -21.69 22.61 -8.75
N PRO D 216 -22.61 22.93 -9.69
CA PRO D 216 -23.88 23.57 -9.29
C PRO D 216 -24.75 22.76 -8.36
N LYS D 217 -24.56 21.45 -8.36
CA LYS D 217 -25.29 20.57 -7.47
C LYS D 217 -24.94 20.94 -6.02
N LEU D 218 -23.67 21.21 -5.77
CA LEU D 218 -23.20 21.64 -4.46
C LEU D 218 -23.71 23.03 -4.08
N LEU D 219 -23.77 23.94 -5.05
CA LEU D 219 -24.34 25.25 -4.80
C LEU D 219 -25.81 25.14 -4.42
N ASN D 220 -26.57 24.34 -5.17
CA ASN D 220 -27.99 24.19 -4.88
C ASN D 220 -28.21 23.69 -3.47
N GLU D 221 -27.43 22.71 -3.03
CA GLU D 221 -27.63 22.25 -1.66
C GLU D 221 -27.39 23.40 -0.69
N MET D 222 -26.38 24.23 -0.98
CA MET D 222 -26.13 25.36 -0.09
C MET D 222 -27.32 26.33 -0.05
N LEU D 223 -27.89 26.66 -1.22
CA LEU D 223 -29.01 27.59 -1.30
C LEU D 223 -30.26 27.04 -0.64
N THR D 224 -30.44 25.72 -0.70
CA THR D 224 -31.58 25.06 -0.06
C THR D 224 -31.41 24.94 1.45
N ALA D 225 -30.19 24.79 1.97
CA ALA D 225 -30.01 24.65 3.40
C ALA D 225 -30.24 25.96 4.15
N THR D 226 -29.92 27.10 3.53
CA THR D 226 -30.08 28.41 4.16
C THR D 226 -30.88 29.26 3.19
N PRO D 227 -32.01 29.82 3.59
CA PRO D 227 -32.71 30.74 2.68
C PRO D 227 -31.97 32.06 2.60
N ILE D 228 -31.28 32.32 1.48
CA ILE D 228 -30.51 33.55 1.36
C ILE D 228 -31.43 34.75 1.15
N ASN D 229 -31.14 35.87 1.83
CA ASN D 229 -31.91 37.11 1.63
C ASN D 229 -31.19 38.15 0.79
N ILE D 230 -29.88 38.31 1.01
CA ILE D 230 -29.07 39.37 0.41
C ILE D 230 -27.85 38.74 -0.25
N TRP D 231 -27.59 39.12 -1.50
CA TRP D 231 -26.67 38.40 -2.37
C TRP D 231 -25.63 39.39 -2.91
N VAL D 232 -24.34 39.14 -2.63
CA VAL D 232 -23.22 39.95 -3.16
C VAL D 232 -22.37 39.06 -4.08
N SER D 233 -22.24 39.44 -5.35
CA SER D 233 -21.45 38.62 -6.27
C SER D 233 -21.07 39.46 -7.48
N THR D 234 -20.17 38.91 -8.32
CA THR D 234 -19.89 39.48 -9.63
C THR D 234 -21.11 39.29 -10.52
N PRO D 235 -21.23 40.08 -11.59
CA PRO D 235 -22.29 39.80 -12.58
C PRO D 235 -22.23 38.39 -13.14
N SER D 236 -21.02 37.86 -13.40
CA SER D 236 -20.89 36.58 -14.08
C SER D 236 -21.34 35.42 -13.21
N PHE D 237 -21.05 35.47 -11.91
CA PHE D 237 -21.61 34.47 -11.02
C PHE D 237 -23.11 34.49 -11.09
N MET D 238 -23.70 35.70 -11.10
CA MET D 238 -25.13 35.81 -11.27
C MET D 238 -25.58 35.24 -12.61
N GLU D 239 -24.82 35.54 -13.67
CA GLU D 239 -25.12 34.97 -14.99
C GLU D 239 -25.17 33.46 -14.93
N MET D 240 -24.25 32.85 -14.19
CA MET D 240 -24.27 31.41 -14.02
C MET D 240 -25.50 30.96 -13.24
N CYS D 241 -25.81 31.62 -12.12
CA CYS D 241 -26.92 31.18 -11.28
C CYS D 241 -28.28 31.41 -11.94
N LEU D 242 -28.35 32.22 -13.00
CA LEU D 242 -29.62 32.34 -13.74
C LEU D 242 -29.95 31.11 -14.58
N LEU D 243 -28.99 30.18 -14.76
CA LEU D 243 -29.26 28.89 -15.40
C LEU D 243 -29.84 27.86 -14.45
N LEU D 244 -30.03 28.23 -13.17
CA LEU D 244 -30.76 27.40 -12.21
C LEU D 244 -32.24 27.79 -12.24
N PRO D 245 -33.12 26.99 -12.86
CA PRO D 245 -34.51 27.45 -13.08
C PRO D 245 -35.28 27.64 -11.79
N THR D 246 -34.87 26.99 -10.71
CA THR D 246 -35.51 27.05 -9.42
C THR D 246 -35.34 28.41 -8.73
N LEU D 247 -34.42 29.25 -9.24
CA LEU D 247 -34.00 30.49 -8.58
C LEU D 247 -34.88 31.66 -9.05
N ASN D 248 -36.03 31.77 -8.41
CA ASN D 248 -36.98 32.84 -8.71
C ASN D 248 -37.67 33.20 -7.41
N GLU D 249 -38.48 34.25 -7.46
CA GLU D 249 -39.06 34.73 -6.22
C GLU D 249 -40.09 33.76 -5.64
N GLU D 250 -40.93 33.17 -6.50
CA GLU D 250 -41.90 32.18 -6.02
C GLU D 250 -41.25 30.90 -5.54
N GLN D 251 -40.17 30.44 -6.16
CA GLN D 251 -39.61 29.20 -5.65
C GLN D 251 -38.50 29.43 -4.64
N TYR D 252 -38.06 30.68 -4.46
CA TYR D 252 -36.97 30.98 -3.52
C TYR D 252 -37.24 32.37 -2.96
N GLY D 253 -38.29 32.47 -2.16
CA GLY D 253 -38.82 33.76 -1.72
C GLY D 253 -37.99 34.51 -0.71
N SER D 254 -36.98 33.87 -0.09
CA SER D 254 -36.14 34.60 0.86
C SER D 254 -35.32 35.70 0.21
N LEU D 255 -35.02 35.56 -1.08
CA LEU D 255 -33.99 36.36 -1.73
C LEU D 255 -34.64 37.64 -2.24
N ASN D 256 -34.25 38.77 -1.65
CA ASN D 256 -34.93 40.02 -1.97
C ASN D 256 -33.96 41.18 -2.18
N GLU D 257 -32.65 40.92 -2.22
CA GLU D 257 -31.69 42.00 -2.43
C GLU D 257 -30.42 41.48 -3.06
N PHE D 258 -29.88 42.22 -4.04
CA PHE D 258 -28.65 41.83 -4.72
C PHE D 258 -27.71 43.02 -4.81
N PHE D 259 -26.42 42.73 -4.63
CA PHE D 259 -25.33 43.68 -4.85
C PHE D 259 -24.35 43.08 -5.84
N PHE D 260 -24.10 43.79 -6.94
CA PHE D 260 -23.14 43.37 -7.96
C PHE D 260 -22.06 44.42 -8.12
N CYS D 261 -20.84 43.94 -8.29
CA CYS D 261 -19.68 44.80 -8.44
C CYS D 261 -18.65 44.04 -9.23
N GLY D 262 -17.64 44.76 -9.74
CA GLY D 262 -16.47 44.13 -10.30
C GLY D 262 -16.41 44.08 -11.82
N GLU D 263 -17.56 43.97 -12.49
CA GLU D 263 -17.59 43.96 -13.95
C GLU D 263 -18.90 44.58 -14.43
N ILE D 264 -18.93 44.89 -15.73
CA ILE D 264 -20.11 45.36 -16.41
C ILE D 264 -21.29 44.45 -16.11
N LEU D 265 -22.41 45.05 -15.68
CA LEU D 265 -23.66 44.34 -15.45
C LEU D 265 -24.47 44.27 -16.74
N PRO D 266 -24.57 43.11 -17.39
CA PRO D 266 -25.26 43.04 -18.69
C PRO D 266 -26.74 43.40 -18.60
N HIS D 267 -27.21 44.17 -19.58
CA HIS D 267 -28.61 44.53 -19.55
C HIS D 267 -29.50 43.30 -19.56
N ARG D 268 -29.18 42.31 -20.38
CA ARG D 268 -30.00 41.10 -20.49
C ARG D 268 -30.10 40.38 -19.16
N ALA D 269 -28.96 40.25 -18.47
CA ALA D 269 -28.95 39.59 -17.17
C ALA D 269 -29.79 40.36 -16.15
N ALA D 270 -29.61 41.68 -16.08
CA ALA D 270 -30.42 42.47 -15.15
C ALA D 270 -31.90 42.31 -15.47
N LYS D 271 -32.26 42.29 -16.76
CA LYS D 271 -33.69 42.17 -17.05
C LYS D 271 -34.22 40.80 -16.61
N ALA D 272 -33.47 39.73 -16.84
CA ALA D 272 -33.91 38.42 -16.35
C ALA D 272 -34.09 38.43 -14.83
N LEU D 273 -33.18 39.10 -14.11
CA LEU D 273 -33.25 39.08 -12.65
C LEU D 273 -34.43 39.88 -12.13
N VAL D 274 -34.65 41.09 -12.68
CA VAL D 274 -35.82 41.86 -12.30
C VAL D 274 -37.10 41.06 -12.58
N SER D 275 -37.16 40.38 -13.73
CA SER D 275 -38.37 39.62 -14.02
C SER D 275 -38.58 38.50 -12.99
N ARG D 276 -37.51 37.80 -12.65
CA ARG D 276 -37.63 36.65 -11.76
C ARG D 276 -37.72 37.03 -10.29
N PHE D 277 -37.28 38.23 -9.94
CA PHE D 277 -37.40 38.76 -8.58
C PHE D 277 -37.99 40.16 -8.67
N PRO D 278 -39.28 40.25 -9.02
CA PRO D 278 -39.89 41.56 -9.30
C PRO D 278 -39.92 42.52 -8.13
N SER D 279 -39.77 42.03 -6.91
CA SER D 279 -39.75 42.91 -5.76
C SER D 279 -38.36 43.10 -5.18
N ALA D 280 -37.35 42.46 -5.76
CA ALA D 280 -36.00 42.52 -5.19
C ALA D 280 -35.37 43.88 -5.43
N THR D 281 -34.57 44.30 -4.48
CA THR D 281 -33.74 45.48 -4.59
C THR D 281 -32.40 45.06 -5.19
N ILE D 282 -32.09 45.53 -6.39
CA ILE D 282 -30.85 45.22 -7.10
C ILE D 282 -29.99 46.48 -7.18
N TYR D 283 -28.75 46.37 -6.74
CA TYR D 283 -27.81 47.46 -6.90
C TYR D 283 -26.73 47.06 -7.90
N ASN D 284 -26.53 47.93 -8.88
CA ASN D 284 -25.31 47.92 -9.67
C ASN D 284 -24.33 48.88 -8.98
N THR D 285 -23.10 48.42 -8.74
CA THR D 285 -22.09 49.29 -8.18
C THR D 285 -20.82 49.17 -8.99
N TYR D 286 -20.04 50.23 -8.97
CA TYR D 286 -18.74 50.28 -9.61
C TYR D 286 -17.70 50.81 -8.62
N GLY D 287 -16.48 50.30 -8.76
CA GLY D 287 -15.30 50.79 -8.06
C GLY D 287 -14.04 49.99 -8.37
N PRO D 288 -12.88 50.61 -8.19
CA PRO D 288 -11.62 49.86 -8.24
C PRO D 288 -11.15 49.48 -6.84
N THR D 289 -10.31 48.44 -6.73
CA THR D 289 -9.76 48.07 -5.42
C THR D 289 -9.06 49.24 -4.73
N GLU D 290 -8.41 50.09 -5.52
CA GLU D 290 -7.72 51.26 -5.00
C GLU D 290 -8.66 52.30 -4.38
N ALA D 291 -9.99 52.15 -4.45
CA ALA D 291 -10.88 53.14 -3.81
C ALA D 291 -11.91 52.49 -2.90
N THR D 292 -11.49 51.46 -2.17
CA THR D 292 -12.34 50.76 -1.21
C THR D 292 -13.62 50.23 -1.87
N VAL D 293 -13.41 49.20 -2.72
CA VAL D 293 -14.42 48.27 -3.21
C VAL D 293 -15.37 48.88 -4.24
N ALA D 294 -16.15 49.88 -3.84
CA ALA D 294 -17.05 50.56 -4.77
C ALA D 294 -17.22 52.02 -4.34
N VAL D 295 -17.56 52.87 -5.33
CA VAL D 295 -17.82 54.29 -5.10
C VAL D 295 -19.11 54.77 -5.78
N THR D 296 -19.75 53.94 -6.62
CA THR D 296 -21.05 54.39 -7.09
C THR D 296 -22.10 53.31 -6.85
N SER D 297 -23.37 53.73 -6.84
CA SER D 297 -24.49 52.78 -6.77
C SER D 297 -25.64 53.29 -7.62
N ILE D 298 -26.47 52.34 -8.08
CA ILE D 298 -27.73 52.58 -8.80
C ILE D 298 -28.68 51.42 -8.56
N GLN D 299 -29.88 51.71 -8.10
CA GLN D 299 -30.84 50.63 -7.98
C GLN D 299 -31.45 50.33 -9.34
N ILE D 300 -31.28 49.10 -9.80
CA ILE D 300 -31.74 48.70 -11.12
C ILE D 300 -33.21 48.28 -10.98
N THR D 301 -34.10 49.03 -11.61
CA THR D 301 -35.54 48.80 -11.59
C THR D 301 -36.07 48.57 -13.00
N GLN D 302 -37.34 48.16 -13.08
CA GLN D 302 -37.99 48.04 -14.39
C GLN D 302 -37.85 49.32 -15.19
N GLU D 303 -37.96 50.47 -14.53
CA GLU D 303 -37.81 51.75 -15.22
C GLU D 303 -36.37 51.96 -15.69
N ILE D 304 -35.38 51.61 -14.87
CA ILE D 304 -33.98 51.72 -15.30
C ILE D 304 -33.72 50.87 -16.53
N LEU D 305 -34.29 49.65 -16.57
CA LEU D 305 -34.16 48.80 -17.75
C LEU D 305 -34.75 49.48 -18.98
N ASP D 306 -35.95 50.05 -18.83
CA ASP D 306 -36.64 50.70 -19.95
C ASP D 306 -35.92 51.95 -20.42
N GLN D 307 -35.31 52.72 -19.52
CA GLN D 307 -34.71 53.96 -19.97
C GLN D 307 -33.29 53.77 -20.48
N TYR D 308 -32.57 52.77 -19.99
CA TYR D 308 -31.12 52.66 -20.23
C TYR D 308 -30.76 51.33 -20.88
N PRO D 309 -30.52 51.31 -22.19
CA PRO D 309 -30.10 50.05 -22.84
C PRO D 309 -28.74 49.56 -22.37
N THR D 310 -27.87 50.45 -21.95
CA THR D 310 -26.71 50.06 -21.17
C THR D 310 -26.86 50.63 -19.77
N LEU D 311 -26.69 49.78 -18.77
CA LEU D 311 -26.97 50.21 -17.42
C LEU D 311 -25.87 51.16 -16.96
N PRO D 312 -26.24 52.26 -16.30
CA PRO D 312 -25.25 53.08 -15.61
C PRO D 312 -24.73 52.36 -14.37
N VAL D 313 -23.64 52.92 -13.84
CA VAL D 313 -23.10 52.45 -12.58
C VAL D 313 -23.47 53.36 -11.43
N GLY D 314 -24.18 54.46 -11.72
CA GLY D 314 -24.89 55.23 -10.72
C GLY D 314 -24.21 56.51 -10.25
N VAL D 315 -24.42 56.86 -8.98
CA VAL D 315 -24.01 58.13 -8.41
C VAL D 315 -22.98 57.91 -7.31
N GLU D 316 -22.17 58.94 -7.08
CA GLU D 316 -21.07 58.82 -6.13
C GLU D 316 -21.58 58.75 -4.69
N ARG D 317 -20.77 58.14 -3.83
CA ARG D 317 -21.03 58.06 -2.42
C ARG D 317 -20.11 59.02 -1.67
N LEU D 318 -20.44 59.21 -0.41
CA LEU D 318 -19.65 60.07 0.46
C LEU D 318 -18.22 59.52 0.58
N GLY D 319 -17.25 60.40 0.41
CA GLY D 319 -15.85 60.02 0.38
C GLY D 319 -15.26 59.78 -0.98
N ALA D 320 -16.07 59.87 -2.03
CA ALA D 320 -15.64 59.56 -3.39
C ALA D 320 -16.20 60.66 -4.30
N ARG D 321 -15.38 61.64 -4.59
CA ARG D 321 -15.73 62.71 -5.51
C ARG D 321 -15.14 62.40 -6.87
N LEU D 322 -16.02 62.21 -7.84
CA LEU D 322 -15.69 61.69 -9.15
C LEU D 322 -15.56 62.81 -10.17
N SER D 323 -14.54 62.74 -11.00
CA SER D 323 -14.41 63.69 -12.09
C SER D 323 -13.81 62.96 -13.28
N THR D 324 -13.73 63.66 -14.40
CA THR D 324 -13.22 63.06 -15.62
C THR D 324 -12.11 63.96 -16.14
N THR D 325 -10.99 63.34 -16.49
CA THR D 325 -9.88 63.90 -17.26
C THR D 325 -10.38 64.48 -18.60
N ASP D 326 -9.57 65.36 -19.20
CA ASP D 326 -9.93 65.88 -20.51
C ASP D 326 -10.01 64.78 -21.56
N ASP D 327 -9.45 63.60 -21.27
CA ASP D 327 -9.53 62.44 -22.14
C ASP D 327 -10.60 61.44 -21.74
N GLY D 328 -11.35 61.65 -20.65
CA GLY D 328 -12.40 60.73 -20.30
C GLY D 328 -12.08 59.78 -19.18
N GLU D 329 -10.87 59.84 -18.64
CA GLU D 329 -10.44 58.94 -17.58
C GLU D 329 -11.03 59.40 -16.26
N LEU D 330 -11.66 58.47 -15.54
CA LEU D 330 -12.28 58.81 -14.28
C LEU D 330 -11.21 58.96 -13.22
N VAL D 331 -11.36 59.97 -12.36
CA VAL D 331 -10.49 60.11 -11.22
C VAL D 331 -11.37 60.21 -9.99
N ILE D 332 -10.94 59.54 -8.92
CA ILE D 332 -11.68 59.48 -7.66
C ILE D 332 -10.84 60.21 -6.61
N GLU D 333 -11.44 61.14 -5.88
CA GLU D 333 -10.71 61.91 -4.87
C GLU D 333 -11.48 61.89 -3.54
N GLY D 334 -10.77 61.63 -2.42
CA GLY D 334 -11.40 61.68 -1.12
C GLY D 334 -10.99 60.51 -0.23
N GLN D 335 -11.73 60.32 0.87
CA GLN D 335 -11.37 59.32 1.88
C GLN D 335 -11.37 57.89 1.35
N SER D 336 -12.17 57.60 0.31
CA SER D 336 -12.26 56.23 -0.18
C SER D 336 -10.98 55.79 -0.86
N VAL D 337 -10.17 56.76 -1.31
CA VAL D 337 -8.98 56.45 -2.08
C VAL D 337 -7.96 55.76 -1.18
N SER D 338 -7.31 54.74 -1.73
CA SER D 338 -6.32 53.95 -1.01
C SER D 338 -5.12 54.82 -0.60
N LEU D 339 -4.31 54.28 0.31
CA LEU D 339 -3.05 54.94 0.64
C LEU D 339 -2.00 54.79 -0.44
N GLY D 340 -2.17 53.86 -1.37
CA GLY D 340 -1.18 53.54 -2.36
C GLY D 340 -0.84 52.06 -2.32
N TYR D 341 -0.02 51.66 -3.29
CA TYR D 341 0.35 50.26 -3.42
C TYR D 341 1.47 49.88 -2.45
N LEU D 342 1.53 48.60 -2.12
CA LEU D 342 2.56 48.13 -1.21
C LEU D 342 3.84 47.84 -1.99
N LYS D 343 4.95 48.40 -1.52
CA LYS D 343 6.29 48.25 -2.10
C LYS D 343 6.28 48.40 -3.61
N ASN D 344 5.76 49.54 -4.05
CA ASN D 344 5.77 49.89 -5.46
C ASN D 344 5.60 51.40 -5.62
N ASP D 345 6.57 52.17 -5.13
CA ASP D 345 6.45 53.62 -5.15
C ASP D 345 6.33 54.19 -6.57
N GLN D 346 6.88 53.51 -7.57
CA GLN D 346 6.73 54.03 -8.93
C GLN D 346 5.27 53.97 -9.36
N LYS D 347 4.64 52.81 -9.19
CA LYS D 347 3.27 52.66 -9.69
C LYS D 347 2.31 53.47 -8.82
N THR D 348 2.65 53.68 -7.54
CA THR D 348 1.86 54.59 -6.74
C THR D 348 2.02 56.01 -7.23
N ALA D 349 3.24 56.40 -7.55
CA ALA D 349 3.48 57.74 -8.04
C ALA D 349 2.79 58.01 -9.36
N GLU D 350 2.56 56.98 -10.18
CA GLU D 350 1.98 57.29 -11.49
C GLU D 350 0.51 57.65 -11.41
N VAL D 351 -0.25 57.12 -10.45
CA VAL D 351 -1.70 57.30 -10.44
C VAL D 351 -2.22 57.90 -9.15
N PHE D 352 -1.39 58.06 -8.11
CA PHE D 352 -1.82 58.67 -6.87
C PHE D 352 -1.25 60.08 -6.74
N ASN D 353 -2.06 60.99 -6.26
CA ASN D 353 -1.63 62.32 -5.85
C ASN D 353 -2.05 62.53 -4.40
N PHE D 354 -1.09 62.97 -3.58
CA PHE D 354 -1.34 63.17 -2.16
C PHE D 354 -1.28 64.64 -1.78
N ASP D 355 -1.48 65.54 -2.74
CA ASP D 355 -1.40 66.96 -2.45
C ASP D 355 -2.59 67.39 -1.63
N ASP D 356 -2.39 68.48 -0.87
CA ASP D 356 -3.41 69.11 -0.04
C ASP D 356 -3.91 68.21 1.07
N GLY D 357 -3.25 67.08 1.34
CA GLY D 357 -3.76 66.22 2.40
C GLY D 357 -4.93 65.34 2.02
N ILE D 358 -5.41 65.44 0.79
CA ILE D 358 -6.46 64.57 0.27
C ILE D 358 -5.88 63.73 -0.86
N ARG D 359 -6.34 62.49 -0.96
CA ARG D 359 -5.81 61.48 -1.87
C ARG D 359 -6.60 61.45 -3.18
N THR D 360 -5.89 61.46 -4.30
CA THR D 360 -6.55 61.48 -5.60
C THR D 360 -5.98 60.31 -6.40
N TYR D 361 -6.86 59.64 -7.14
CA TYR D 361 -6.52 58.41 -7.84
C TYR D 361 -7.04 58.42 -9.26
N HIS D 362 -6.11 58.19 -10.20
CA HIS D 362 -6.48 58.08 -11.60
C HIS D 362 -6.74 56.62 -11.91
N THR D 363 -7.93 56.37 -12.42
CA THR D 363 -8.53 55.06 -12.37
C THR D 363 -8.14 54.20 -13.56
N GLY D 364 -7.78 54.80 -14.68
CA GLY D 364 -7.57 53.99 -15.85
C GLY D 364 -8.84 53.54 -16.53
N ASP D 365 -10.00 53.99 -16.06
CA ASP D 365 -11.28 53.66 -16.66
C ASP D 365 -11.83 54.88 -17.38
N LYS D 366 -12.16 54.66 -18.63
CA LYS D 366 -12.93 55.58 -19.41
C LYS D 366 -14.36 55.60 -18.92
N ALA D 367 -14.83 56.77 -18.48
CA ALA D 367 -16.20 56.98 -18.00
C ALA D 367 -16.81 58.25 -18.57
N LYS D 368 -18.15 58.31 -18.58
CA LYS D 368 -18.88 59.51 -18.95
C LYS D 368 -20.08 59.75 -18.04
N PHE D 369 -20.32 61.02 -17.72
CA PHE D 369 -21.42 61.41 -16.84
C PHE D 369 -22.55 61.98 -17.69
N GLU D 370 -23.71 61.32 -17.66
CA GLU D 370 -24.82 61.73 -18.50
C GLU D 370 -26.15 61.62 -17.77
N ASN D 371 -26.93 62.69 -17.78
CA ASN D 371 -28.26 62.69 -17.15
C ASN D 371 -28.18 62.27 -15.69
N GLY D 372 -27.15 62.77 -14.99
CA GLY D 372 -27.01 62.57 -13.56
C GLY D 372 -26.47 61.21 -13.13
N GLN D 373 -25.96 60.41 -14.07
CA GLN D 373 -25.49 59.06 -13.75
C GLN D 373 -24.14 58.86 -14.39
N TRP D 374 -23.27 58.09 -13.72
CA TRP D 374 -21.99 57.71 -14.31
C TRP D 374 -22.16 56.46 -15.17
N PHE D 375 -21.45 56.41 -16.29
CA PHE D 375 -21.39 55.20 -17.10
C PHE D 375 -19.92 54.87 -17.29
N ILE D 376 -19.59 53.58 -17.09
CA ILE D 376 -18.23 53.08 -17.27
C ILE D 376 -18.08 52.56 -18.68
N GLN D 377 -17.08 53.06 -19.40
CA GLN D 377 -16.95 52.81 -20.82
C GLN D 377 -15.91 51.77 -21.14
N GLY D 378 -14.82 51.75 -20.40
CA GLY D 378 -13.91 50.62 -20.52
C GLY D 378 -12.57 51.00 -19.95
N ARG D 379 -11.64 50.05 -19.97
CA ARG D 379 -10.27 50.32 -19.53
C ARG D 379 -9.44 50.88 -20.68
N ILE D 380 -8.74 51.98 -20.42
CA ILE D 380 -7.74 52.54 -21.33
C ILE D 380 -6.81 51.43 -21.85
N ASP D 381 -6.47 50.49 -20.96
CA ASP D 381 -5.60 49.37 -21.33
C ASP D 381 -6.18 48.44 -22.39
N PHE D 382 -7.50 48.26 -22.47
CA PHE D 382 -8.06 47.35 -23.47
C PHE D 382 -8.50 48.06 -24.72
N GLN D 383 -8.10 49.30 -24.92
CA GLN D 383 -8.55 49.98 -26.12
C GLN D 383 -7.60 49.63 -27.25
N ILE D 384 -8.18 49.46 -28.42
CA ILE D 384 -7.43 49.00 -29.57
C ILE D 384 -7.29 50.15 -30.56
N LYS D 385 -6.09 50.25 -31.12
CA LYS D 385 -5.81 50.98 -32.34
C LYS D 385 -5.90 49.95 -33.46
N LEU D 386 -6.97 50.02 -34.25
CA LEU D 386 -7.15 49.19 -35.44
C LEU D 386 -7.62 50.06 -36.59
N ASN D 387 -7.11 49.78 -37.79
CA ASN D 387 -7.51 50.48 -39.02
C ASN D 387 -7.10 51.94 -38.96
N GLY D 388 -6.24 52.30 -38.01
CA GLY D 388 -5.95 53.69 -37.76
C GLY D 388 -7.04 54.46 -37.04
N TYR D 389 -7.81 53.78 -36.18
CA TYR D 389 -8.78 54.41 -35.28
C TYR D 389 -8.80 53.65 -33.97
N ARG D 390 -9.53 54.16 -33.00
CA ARG D 390 -9.45 53.62 -31.67
C ARG D 390 -10.84 53.28 -31.13
N MET D 391 -10.91 52.22 -30.31
CA MET D 391 -12.19 51.99 -29.63
C MET D 391 -11.92 51.19 -28.36
N GLU D 392 -12.93 51.16 -27.48
CA GLU D 392 -12.87 50.34 -26.29
C GLU D 392 -13.43 48.96 -26.59
N LEU D 393 -12.73 47.94 -26.10
CA LEU D 393 -13.20 46.57 -26.26
C LEU D 393 -14.56 46.38 -25.61
N GLU D 394 -14.77 47.05 -24.47
CA GLU D 394 -16.05 47.03 -23.77
C GLU D 394 -17.18 47.63 -24.61
N GLU D 395 -16.83 48.62 -25.45
CA GLU D 395 -17.82 49.25 -26.30
C GLU D 395 -18.32 48.28 -27.37
N ILE D 396 -17.39 47.64 -28.07
CA ILE D 396 -17.76 46.63 -29.06
C ILE D 396 -18.56 45.52 -28.40
N GLU D 397 -18.13 45.09 -27.21
CA GLU D 397 -18.80 44.00 -26.52
C GLU D 397 -20.21 44.39 -26.10
N THR D 398 -20.43 45.63 -25.69
CA THR D 398 -21.78 46.06 -25.33
C THR D 398 -22.69 46.09 -26.55
N GLN D 399 -22.16 46.61 -27.68
CA GLN D 399 -22.98 46.61 -28.89
C GLN D 399 -23.33 45.18 -29.29
N LEU D 400 -22.36 44.28 -29.18
CA LEU D 400 -22.62 42.87 -29.47
C LEU D 400 -23.66 42.29 -28.54
N ARG D 401 -23.59 42.62 -27.24
CA ARG D 401 -24.58 42.04 -26.34
C ARG D 401 -25.98 42.55 -26.65
N GLN D 402 -26.11 43.73 -27.25
CA GLN D 402 -27.44 44.18 -27.63
C GLN D 402 -27.95 43.58 -28.93
N SER D 403 -27.34 42.53 -29.45
CA SER D 403 -27.88 41.88 -30.63
C SER D 403 -28.82 40.82 -30.11
N GLU D 404 -29.90 40.58 -30.84
CA GLU D 404 -31.03 39.87 -30.24
C GLU D 404 -30.66 38.46 -29.83
N PHE D 405 -29.63 37.90 -30.45
CA PHE D 405 -29.26 36.52 -30.23
C PHE D 405 -27.81 36.39 -29.74
N VAL D 406 -27.29 37.44 -29.12
CA VAL D 406 -26.02 37.41 -28.41
C VAL D 406 -26.34 37.46 -26.92
N LYS D 407 -25.93 36.46 -26.16
CA LYS D 407 -26.12 36.55 -24.72
C LYS D 407 -24.90 37.12 -24.00
N GLU D 408 -23.69 36.82 -24.47
CA GLU D 408 -22.49 37.37 -23.86
C GLU D 408 -21.42 37.46 -24.93
N ALA D 409 -20.49 38.42 -24.78
CA ALA D 409 -19.48 38.61 -25.80
C ALA D 409 -18.17 39.12 -25.21
N ILE D 410 -17.09 38.50 -25.63
CA ILE D 410 -15.75 39.00 -25.36
C ILE D 410 -15.06 39.12 -26.69
N VAL D 411 -14.44 40.28 -26.94
CA VAL D 411 -13.82 40.52 -28.24
C VAL D 411 -12.32 40.31 -28.07
N VAL D 412 -11.78 39.37 -28.85
CA VAL D 412 -10.39 38.94 -28.75
C VAL D 412 -9.63 39.57 -29.91
N PRO D 413 -8.77 40.54 -29.66
CA PRO D 413 -7.94 41.10 -30.75
C PRO D 413 -6.82 40.14 -31.13
N VAL D 414 -6.51 40.11 -32.42
CA VAL D 414 -5.48 39.24 -32.98
C VAL D 414 -4.39 40.10 -33.59
N TYR D 415 -3.13 39.72 -33.35
CA TYR D 415 -1.96 40.56 -33.61
C TYR D 415 -1.05 39.96 -34.67
N LYS D 416 -0.24 40.86 -35.25
CA LYS D 416 0.91 40.51 -36.05
C LYS D 416 1.94 41.62 -35.86
N ASN D 417 3.17 41.21 -35.52
CA ASN D 417 4.23 42.11 -35.05
C ASN D 417 3.71 43.06 -33.97
N ASP D 418 2.79 42.54 -33.15
CA ASP D 418 2.27 43.24 -31.98
C ASP D 418 1.47 44.48 -32.39
N LYS D 419 0.72 44.35 -33.48
CA LYS D 419 -0.28 45.35 -33.89
C LYS D 419 -1.54 44.62 -34.35
N VAL D 420 -2.70 45.11 -33.89
CA VAL D 420 -3.96 44.40 -34.15
C VAL D 420 -4.25 44.38 -35.65
N ILE D 421 -4.60 43.20 -36.16
CA ILE D 421 -4.97 43.05 -37.55
C ILE D 421 -6.46 42.76 -37.70
N HIS D 422 -7.09 42.11 -36.72
CA HIS D 422 -8.55 41.96 -36.74
C HIS D 422 -9.03 41.52 -35.36
N LEU D 423 -10.34 41.31 -35.27
CA LEU D 423 -11.00 40.95 -34.03
C LEU D 423 -11.76 39.65 -34.25
N ILE D 424 -11.78 38.81 -33.23
CA ILE D 424 -12.67 37.65 -33.18
C ILE D 424 -13.62 37.82 -32.00
N GLY D 425 -14.90 37.64 -32.27
CA GLY D 425 -15.82 37.74 -31.18
C GLY D 425 -16.07 36.37 -30.62
N ALA D 426 -15.76 36.17 -29.35
CA ALA D 426 -16.24 34.99 -28.63
C ALA D 426 -17.67 35.30 -28.20
N ILE D 427 -18.62 34.50 -28.68
CA ILE D 427 -20.04 34.75 -28.50
C ILE D 427 -20.65 33.56 -27.79
N VAL D 428 -21.31 33.83 -26.66
CA VAL D 428 -22.31 32.93 -26.09
C VAL D 428 -23.67 33.34 -26.66
N PRO D 429 -24.27 32.52 -27.52
CA PRO D 429 -25.54 32.87 -28.14
C PRO D 429 -26.69 32.57 -27.19
N THR D 430 -27.82 33.21 -27.44
CA THR D 430 -28.99 32.91 -26.63
C THR D 430 -29.60 31.56 -26.96
N THR D 431 -29.39 31.04 -28.18
CA THR D 431 -29.84 29.70 -28.54
C THR D 431 -28.72 29.02 -29.32
N GLU D 432 -28.83 27.72 -29.52
CA GLU D 432 -27.76 26.99 -30.21
C GLU D 432 -27.65 27.49 -31.64
N VAL D 433 -26.45 27.89 -32.04
CA VAL D 433 -26.19 28.23 -33.44
C VAL D 433 -26.46 27.02 -34.31
N THR D 434 -27.38 27.15 -35.25
CA THR D 434 -27.66 26.10 -36.21
C THR D 434 -27.24 26.47 -37.63
N ASP D 435 -26.74 27.68 -37.85
CA ASP D 435 -26.29 28.03 -39.19
C ASP D 435 -25.24 29.11 -39.00
N ASN D 436 -23.98 28.69 -38.96
CA ASN D 436 -22.90 29.62 -38.65
C ASN D 436 -22.95 30.82 -39.57
N ALA D 437 -23.03 30.57 -40.88
CA ALA D 437 -22.96 31.69 -41.82
C ALA D 437 -24.08 32.70 -41.56
N GLU D 438 -25.32 32.22 -41.44
CA GLU D 438 -26.46 33.12 -41.18
C GLU D 438 -26.24 33.92 -39.89
N MET D 439 -26.07 33.24 -38.75
CA MET D 439 -25.81 33.92 -37.49
C MET D 439 -24.70 34.98 -37.58
N THR D 440 -23.55 34.65 -38.20
CA THR D 440 -22.54 35.67 -38.45
C THR D 440 -23.13 36.88 -39.23
N LYS D 441 -23.90 36.61 -40.27
CA LYS D 441 -24.48 37.69 -41.07
C LYS D 441 -25.41 38.56 -40.22
N ASN D 442 -26.32 37.93 -39.49
CA ASN D 442 -27.29 38.72 -38.77
C ASN D 442 -26.64 39.56 -37.70
N ILE D 443 -25.56 39.04 -37.09
CA ILE D 443 -24.87 39.81 -36.05
C ILE D 443 -24.11 40.99 -36.67
N LYS D 444 -23.42 40.75 -37.80
CA LYS D 444 -22.74 41.86 -38.44
C LYS D 444 -23.72 42.95 -38.90
N ASN D 445 -24.85 42.55 -39.49
CA ASN D 445 -25.85 43.50 -39.95
C ASN D 445 -26.46 44.27 -38.81
N ASP D 446 -26.74 43.60 -37.68
CA ASP D 446 -27.19 44.34 -36.50
C ASP D 446 -26.17 45.36 -36.06
N LEU D 447 -24.88 45.02 -36.19
CA LEU D 447 -23.90 45.96 -35.69
C LEU D 447 -23.64 47.11 -36.63
N LYS D 448 -23.94 46.97 -37.93
CA LYS D 448 -23.66 48.06 -38.87
C LYS D 448 -24.32 49.36 -38.47
N SER D 449 -25.45 49.27 -37.76
CA SER D 449 -26.17 50.43 -37.25
C SER D 449 -25.69 50.92 -35.89
N ARG D 450 -24.63 50.32 -35.34
CA ARG D 450 -24.22 50.59 -33.97
C ARG D 450 -22.74 50.87 -33.86
N LEU D 451 -21.95 50.30 -34.75
CA LEU D 451 -20.51 50.45 -34.70
C LEU D 451 -20.01 50.87 -36.07
N PRO D 452 -18.93 51.66 -36.12
CA PRO D 452 -18.27 51.91 -37.40
C PRO D 452 -17.75 50.59 -37.98
N GLU D 453 -17.81 50.51 -39.31
CA GLU D 453 -17.54 49.25 -40.01
C GLU D 453 -16.23 48.60 -39.57
N TYR D 454 -15.16 49.37 -39.50
CA TYR D 454 -13.86 48.85 -39.15
C TYR D 454 -13.79 48.30 -37.71
N MET D 455 -14.84 48.41 -36.90
CA MET D 455 -14.77 47.83 -35.57
C MET D 455 -15.77 46.70 -35.35
N ILE D 456 -16.42 46.22 -36.41
CA ILE D 456 -17.16 44.97 -36.33
C ILE D 456 -16.17 43.81 -36.43
N PRO D 457 -16.22 42.85 -35.52
CA PRO D 457 -15.25 41.74 -35.59
C PRO D 457 -15.43 40.95 -36.87
N ARG D 458 -14.31 40.46 -37.39
CA ARG D 458 -14.39 39.80 -38.70
C ARG D 458 -15.10 38.45 -38.61
N LYS D 459 -14.92 37.71 -37.52
CA LYS D 459 -15.56 36.40 -37.37
C LYS D 459 -15.85 36.13 -35.91
N PHE D 460 -16.65 35.11 -35.66
CA PHE D 460 -17.02 34.70 -34.32
C PHE D 460 -16.67 33.24 -34.04
N GLU D 461 -16.42 32.98 -32.77
CA GLU D 461 -16.28 31.65 -32.21
C GLU D 461 -17.39 31.48 -31.19
N TRP D 462 -18.16 30.40 -31.31
CA TRP D 462 -19.25 30.14 -30.36
C TRP D 462 -18.73 29.39 -29.15
N MET D 463 -19.33 29.69 -27.99
CA MET D 463 -18.94 29.08 -26.72
C MET D 463 -20.19 28.77 -25.92
N GLU D 464 -20.29 27.56 -25.36
CA GLU D 464 -21.45 27.23 -24.55
C GLU D 464 -21.47 28.00 -23.23
N GLN D 465 -20.32 28.53 -22.78
CA GLN D 465 -20.20 29.42 -21.63
C GLN D 465 -18.80 30.00 -21.56
N LEU D 466 -18.69 31.18 -20.98
CA LEU D 466 -17.36 31.78 -20.84
C LEU D 466 -16.69 31.31 -19.55
N PRO D 467 -15.37 31.08 -19.58
CA PRO D 467 -14.67 30.67 -18.35
C PRO D 467 -14.62 31.81 -17.37
N LEU D 468 -14.58 31.46 -16.09
CA LEU D 468 -14.45 32.45 -15.03
C LEU D 468 -13.08 32.37 -14.34
N THR D 469 -12.57 33.55 -14.00
CA THR D 469 -11.45 33.80 -13.10
C THR D 469 -11.74 33.22 -11.72
N SER D 470 -10.70 33.11 -10.89
CA SER D 470 -10.93 32.69 -9.51
C SER D 470 -11.78 33.72 -8.75
N ASN D 471 -11.68 34.98 -9.14
CA ASN D 471 -12.51 35.98 -8.49
C ASN D 471 -13.93 35.99 -9.02
N GLY D 472 -14.21 35.18 -10.04
CA GLY D 472 -15.55 35.12 -10.57
C GLY D 472 -15.85 36.12 -11.65
N LYS D 473 -14.82 36.71 -12.23
CA LYS D 473 -14.90 37.55 -13.41
C LYS D 473 -14.62 36.70 -14.65
N ILE D 474 -15.02 37.22 -15.80
CA ILE D 474 -14.72 36.56 -17.06
C ILE D 474 -13.21 36.50 -17.28
N ASP D 475 -12.74 35.31 -17.67
CA ASP D 475 -11.32 35.08 -17.90
C ASP D 475 -10.99 35.41 -19.36
N ARG D 476 -10.66 36.68 -19.61
CA ARG D 476 -10.28 37.08 -20.97
C ARG D 476 -9.08 36.28 -21.49
N LYS D 477 -8.14 35.93 -20.62
CA LYS D 477 -6.92 35.30 -21.09
C LYS D 477 -7.16 33.89 -21.56
N LYS D 478 -8.01 33.14 -20.84
CA LYS D 478 -8.35 31.80 -21.28
C LYS D 478 -9.15 31.84 -22.57
N ILE D 479 -9.95 32.88 -22.79
CA ILE D 479 -10.67 33.02 -24.04
C ILE D 479 -9.70 33.29 -25.19
N ALA D 480 -8.75 34.21 -24.98
CA ALA D 480 -7.74 34.43 -26.01
C ALA D 480 -6.99 33.14 -26.33
N GLU D 481 -6.71 32.32 -25.31
CA GLU D 481 -6.01 31.07 -25.56
C GLU D 481 -6.88 30.10 -26.35
N VAL D 482 -8.19 30.05 -26.05
CA VAL D 482 -9.06 29.14 -26.79
C VAL D 482 -9.31 29.63 -28.23
N ILE D 483 -9.38 30.95 -28.44
CA ILE D 483 -9.61 31.49 -29.78
C ILE D 483 -8.35 31.40 -30.63
N ASN D 484 -7.22 31.84 -30.09
CA ASN D 484 -6.02 31.79 -30.91
C ASN D 484 -5.39 30.41 -30.91
N GLY D 485 -5.95 29.49 -30.15
CA GLY D 485 -5.52 28.11 -30.16
C GLY D 485 -6.73 27.30 -30.60
MG MG E . 26.56 0.63 8.48
PG ATP F . 23.85 0.19 10.05
O1G ATP F . 25.06 -0.24 9.25
O2G ATP F . 22.93 1.14 9.30
O3G ATP F . 23.15 -0.94 10.78
PB ATP F . 25.66 2.09 11.27
O1B ATP F . 25.32 3.38 11.99
O2B ATP F . 26.20 2.20 9.87
O3B ATP F . 24.41 1.07 11.28
PA ATP F . 28.15 1.45 12.52
O1A ATP F . 28.30 1.30 14.02
O2A ATP F . 29.08 0.67 11.61
O3A ATP F . 26.60 1.13 12.16
O5' ATP F . 28.33 2.99 12.16
C5' ATP F . 29.36 3.31 11.24
C4' ATP F . 28.97 4.62 10.60
O4' ATP F . 28.94 5.65 11.58
C3' ATP F . 30.01 5.07 9.59
O3' ATP F . 29.92 4.33 8.35
C2' ATP F . 29.74 6.57 9.56
O2' ATP F . 28.57 6.86 8.80
C1' ATP F . 29.37 6.89 10.99
N9 ATP F . 30.56 7.40 11.74
C8 ATP F . 31.36 6.67 12.56
N7 ATP F . 32.35 7.43 13.10
C5 ATP F . 32.21 8.67 12.59
C6 ATP F . 32.91 9.95 12.72
N6 ATP F . 34.00 10.07 13.53
N1 ATP F . 32.43 10.99 12.02
C2 ATP F . 31.33 10.89 11.23
N3 ATP F . 30.65 9.75 11.06
C4 ATP F . 31.02 8.63 11.70
MG MG G . -10.74 -11.43 -27.70
PG ATP H . -7.92 -11.72 -30.20
O1G ATP H . -8.20 -10.75 -31.33
O2G ATP H . -9.11 -12.03 -29.33
O3G ATP H . -7.12 -12.94 -30.57
PB ATP H . -7.45 -10.01 -27.99
O1B ATP H . -6.21 -9.55 -27.23
O2B ATP H . -8.54 -10.78 -27.26
O3B ATP H . -6.93 -10.86 -29.27
PA ATP H . -8.86 -7.52 -27.88
O1A ATP H . -8.34 -6.20 -28.42
O2A ATP H . -10.34 -7.72 -27.97
O3A ATP H . -8.10 -8.71 -28.70
O5' ATP H . -8.35 -7.66 -26.37
C5' ATP H . -9.26 -7.87 -25.31
C4' ATP H . -8.49 -8.50 -24.18
O4' ATP H . -7.53 -7.58 -23.68
C3' ATP H . -9.35 -8.82 -22.99
O3' ATP H . -9.87 -10.12 -23.24
C2' ATP H . -8.36 -8.81 -21.86
O2' ATP H . -7.62 -10.05 -21.84
C1' ATP H . -7.35 -7.76 -22.27
N9 ATP H . -7.52 -6.44 -21.62
C8 ATP H . -8.12 -5.37 -22.20
N7 ATP H . -8.08 -4.29 -21.37
C5 ATP H . -7.46 -4.66 -20.23
C6 ATP H . -7.10 -4.01 -18.95
N6 ATP H . -7.43 -2.72 -18.73
N1 ATP H . -6.46 -4.76 -18.03
C2 ATP H . -6.14 -6.05 -18.27
N3 ATP H . -6.44 -6.70 -19.41
C4 ATP H . -7.09 -6.09 -20.41
MG MG I . -14.47 -39.70 6.81
PG ATP J . -16.00 -38.09 9.10
O1G ATP J . -15.96 -39.28 8.16
O2G ATP J . -15.75 -36.70 8.52
O3G ATP J . -17.20 -38.09 10.02
PB ATP J . -13.28 -38.63 9.74
O1B ATP J . -12.38 -37.67 10.48
O2B ATP J . -13.10 -38.72 8.25
O3B ATP J . -14.80 -38.36 10.16
PA ATP J . -11.95 -41.19 10.29
O1A ATP J . -11.45 -41.35 11.70
O2A ATP J . -12.19 -42.39 9.39
O3A ATP J . -13.17 -40.13 10.38
O5' ATP J . -10.76 -40.45 9.51
C5' ATP J . -10.12 -41.04 8.40
C4' ATP J . -9.55 -39.83 7.71
O4' ATP J . -8.57 -39.26 8.57
C3' ATP J . -8.83 -40.10 6.39
O3' ATP J . -9.72 -40.13 5.26
C2' ATP J . -7.89 -38.91 6.34
O2' ATP J . -8.60 -37.74 5.89
C1' ATP J . -7.52 -38.67 7.79
N9 ATP J . -6.23 -39.41 8.01
C8 ATP J . -6.15 -40.63 8.56
N7 ATP J . -4.85 -41.05 8.63
C5 ATP J . -4.10 -40.09 8.09
C6 ATP J . -2.65 -39.90 7.85
N6 ATP J . -1.73 -40.84 8.16
N1 ATP J . -2.29 -38.75 7.26
C2 ATP J . -3.18 -37.81 6.91
N3 ATP J . -4.50 -37.91 7.10
C4 ATP J . -5.01 -39.01 7.68
MG MG K . -7.04 47.91 -12.24
PG ATP L . -5.82 44.91 -12.14
O1G ATP L . -5.88 46.11 -11.22
O2G ATP L . -5.88 45.19 -13.64
O3G ATP L . -4.71 43.95 -11.75
PB ATP L . -8.61 44.73 -11.82
O1B ATP L . -9.59 43.86 -12.56
O2B ATP L . -8.48 46.18 -12.25
O3B ATP L . -7.15 44.05 -11.78
PA ATP L . -10.20 45.27 -9.47
O1A ATP L . -10.89 44.09 -8.85
O2A ATP L . -9.85 46.53 -8.69
O3A ATP L . -8.93 44.66 -10.24
O5' ATP L . -11.18 45.71 -10.64
C5' ATP L . -11.65 47.04 -10.68
C4' ATP L . -12.04 47.25 -12.13
O4' ATP L . -13.16 46.42 -12.47
C3' ATP L . -12.52 48.66 -12.39
O3' ATP L . -11.41 49.52 -12.59
C2' ATP L . -13.35 48.47 -13.64
O2' ATP L . -12.47 48.36 -14.77
C1' ATP L . -13.98 47.10 -13.42
N9 ATP L . -15.33 47.33 -12.85
C8 ATP L . -15.64 47.28 -11.54
N7 ATP L . -16.97 47.54 -11.32
C5 ATP L . -17.52 47.74 -12.54
C6 ATP L . -18.85 48.06 -13.06
N6 ATP L . -19.91 48.21 -12.24
N1 ATP L . -18.99 48.23 -14.37
C2 ATP L . -17.97 48.09 -15.22
N3 ATP L . -16.75 47.80 -14.81
C4 ATP L . -16.45 47.62 -13.52
#